data_2KEO
#
_entry.id   2KEO
#
_cell.length_a   1.000
_cell.length_b   1.000
_cell.length_c   1.000
_cell.angle_alpha   90.00
_cell.angle_beta   90.00
_cell.angle_gamma   90.00
#
_symmetry.space_group_name_H-M   'P 1'
#
_entity_poly.entity_id   1
_entity_poly.type   'polypeptide(L)'
_entity_poly.pdbx_seq_one_letter_code
;MHHHHHHSSGRENLYFQGNNEKVTLVRIADLENHNNDGGFWTVIDGKVYDIKDFQTQSLTENSILAQFAGEDPVVALEAA
LQFEDTRESMHAFCVGQYLEPDQEGVTIPDLG
;
_entity_poly.pdbx_strand_id   A
#
# COMPACT_ATOMS: atom_id res chain seq x y z
N GLU A 21 0.25 3.58 17.71
CA GLU A 21 1.13 3.77 18.89
C GLU A 21 2.61 3.64 18.46
N LYS A 22 2.90 2.68 17.57
CA LYS A 22 4.24 2.45 17.00
C LYS A 22 4.17 2.41 15.48
N VAL A 23 5.26 2.81 14.82
CA VAL A 23 5.36 2.83 13.36
C VAL A 23 5.96 1.51 12.83
N THR A 24 5.13 0.73 12.13
CA THR A 24 5.58 -0.49 11.43
C THR A 24 6.43 -0.09 10.22
N LEU A 25 7.75 -0.34 10.30
CA LEU A 25 8.70 0.02 9.24
C LEU A 25 9.00 -1.20 8.36
N VAL A 26 8.48 -1.14 7.13
CA VAL A 26 8.65 -2.17 6.11
C VAL A 26 9.85 -1.78 5.22
N ARG A 27 10.73 -2.74 4.97
CA ARG A 27 11.92 -2.55 4.12
C ARG A 27 11.68 -3.18 2.75
N ILE A 28 12.60 -2.91 1.81
CA ILE A 28 12.59 -3.52 0.47
C ILE A 28 12.69 -5.06 0.56
N ALA A 29 13.44 -5.55 1.56
CA ALA A 29 13.57 -6.99 1.86
C ALA A 29 12.19 -7.63 2.14
N ASP A 30 11.42 -6.98 3.04
CA ASP A 30 10.06 -7.43 3.42
C ASP A 30 9.13 -7.46 2.21
N LEU A 31 9.23 -6.40 1.40
CA LEU A 31 8.41 -6.20 0.18
C LEU A 31 8.59 -7.38 -0.81
N GLU A 32 9.86 -7.78 -1.02
CA GLU A 32 10.22 -8.86 -1.97
C GLU A 32 9.85 -10.26 -1.43
N ASN A 33 10.30 -10.57 -0.21
CA ASN A 33 10.16 -11.92 0.37
C ASN A 33 8.69 -12.26 0.75
N HIS A 34 7.89 -11.23 1.11
CA HIS A 34 6.47 -11.42 1.47
C HIS A 34 5.62 -11.73 0.22
N ASN A 35 6.07 -11.23 -0.95
CA ASN A 35 5.46 -11.56 -2.25
C ASN A 35 5.56 -13.09 -2.51
N ASN A 36 6.72 -13.67 -2.14
CA ASN A 36 6.96 -15.13 -2.22
C ASN A 36 6.08 -15.89 -1.19
N ASP A 37 5.82 -15.23 -0.04
CA ASP A 37 4.91 -15.75 1.01
C ASP A 37 3.44 -15.82 0.51
N GLY A 38 3.13 -15.08 -0.56
CA GLY A 38 1.80 -15.10 -1.20
C GLY A 38 1.04 -13.81 -1.01
N GLY A 39 1.70 -12.81 -0.40
CA GLY A 39 1.13 -11.49 -0.20
C GLY A 39 1.85 -10.45 -1.03
N PHE A 40 1.30 -10.14 -2.22
CA PHE A 40 1.85 -9.10 -3.09
C PHE A 40 1.49 -7.72 -2.53
N TRP A 41 2.54 -6.97 -2.15
CA TRP A 41 2.41 -5.62 -1.60
C TRP A 41 2.84 -4.59 -2.67
N THR A 42 2.78 -3.30 -2.29
CA THR A 42 3.33 -2.19 -3.09
C THR A 42 3.64 -1.01 -2.16
N VAL A 43 4.51 -0.11 -2.62
CA VAL A 43 4.90 1.11 -1.89
C VAL A 43 4.27 2.33 -2.59
N ILE A 44 3.30 2.97 -1.91
CA ILE A 44 2.64 4.21 -2.38
C ILE A 44 2.42 5.13 -1.16
N ASP A 45 2.73 6.44 -1.32
CA ASP A 45 2.50 7.50 -0.30
C ASP A 45 3.36 7.23 0.96
N GLY A 46 4.55 6.64 0.76
CA GLY A 46 5.47 6.28 1.85
C GLY A 46 4.91 5.19 2.76
N LYS A 47 3.94 4.43 2.24
CA LYS A 47 3.22 3.37 2.95
C LYS A 47 3.25 2.09 2.11
N VAL A 48 2.96 0.96 2.75
CA VAL A 48 2.90 -0.35 2.10
C VAL A 48 1.49 -0.93 2.26
N TYR A 49 0.82 -1.16 1.12
CA TYR A 49 -0.54 -1.70 1.07
C TYR A 49 -0.54 -3.11 0.50
N ASP A 50 -1.48 -3.93 0.97
CA ASP A 50 -1.63 -5.33 0.54
C ASP A 50 -2.51 -5.38 -0.72
N ILE A 51 -1.86 -5.51 -1.89
CA ILE A 51 -2.54 -5.54 -3.20
C ILE A 51 -3.22 -6.89 -3.46
N LYS A 52 -2.65 -7.97 -2.89
CA LYS A 52 -3.18 -9.33 -3.08
C LYS A 52 -4.61 -9.40 -2.51
N ASP A 53 -4.79 -8.88 -1.30
CA ASP A 53 -6.10 -8.84 -0.62
C ASP A 53 -6.99 -7.75 -1.27
N PHE A 54 -6.37 -6.62 -1.68
CA PHE A 54 -7.05 -5.48 -2.35
C PHE A 54 -7.87 -5.97 -3.57
N GLN A 55 -7.18 -6.70 -4.46
CA GLN A 55 -7.76 -7.20 -5.71
C GLN A 55 -8.84 -8.26 -5.44
N THR A 56 -8.72 -9.00 -4.32
CA THR A 56 -9.73 -9.99 -3.89
C THR A 56 -11.08 -9.27 -3.58
N GLN A 57 -10.98 -8.10 -2.92
CA GLN A 57 -12.15 -7.26 -2.59
C GLN A 57 -12.69 -6.59 -3.86
N SER A 58 -11.77 -6.29 -4.79
CA SER A 58 -12.09 -5.69 -6.10
C SER A 58 -12.88 -6.67 -6.99
N LEU A 59 -12.66 -7.97 -6.76
CA LEU A 59 -13.39 -9.05 -7.46
C LEU A 59 -14.78 -9.30 -6.84
N THR A 60 -15.00 -8.77 -5.62
CA THR A 60 -16.24 -8.94 -4.87
C THR A 60 -17.23 -7.81 -5.21
N GLU A 61 -18.44 -8.17 -5.66
CA GLU A 61 -19.55 -7.22 -5.93
C GLU A 61 -19.99 -6.52 -4.62
N ASN A 62 -20.44 -5.25 -4.76
CA ASN A 62 -20.90 -4.38 -3.64
C ASN A 62 -19.74 -3.82 -2.79
N SER A 63 -18.49 -4.24 -3.10
CA SER A 63 -17.29 -3.68 -2.49
C SER A 63 -16.93 -2.37 -3.20
N ILE A 64 -16.32 -1.45 -2.47
CA ILE A 64 -15.93 -0.12 -2.99
C ILE A 64 -14.90 -0.22 -4.15
N LEU A 65 -14.21 -1.37 -4.24
CA LEU A 65 -13.15 -1.60 -5.24
C LEU A 65 -13.69 -2.32 -6.49
N ALA A 66 -14.96 -2.78 -6.44
CA ALA A 66 -15.63 -3.49 -7.56
C ALA A 66 -15.86 -2.56 -8.76
N GLN A 67 -15.97 -1.25 -8.48
CA GLN A 67 -16.06 -0.19 -9.50
C GLN A 67 -14.68 0.09 -10.14
N PHE A 68 -13.61 -0.31 -9.43
CA PHE A 68 -12.20 -0.18 -9.89
C PHE A 68 -11.65 -1.54 -10.39
N ALA A 69 -12.55 -2.52 -10.58
CA ALA A 69 -12.17 -3.91 -10.95
C ALA A 69 -11.62 -4.00 -12.38
N GLY A 70 -12.03 -3.06 -13.25
CA GLY A 70 -11.51 -2.99 -14.63
C GLY A 70 -10.16 -2.28 -14.72
N GLU A 71 -9.68 -1.76 -13.57
CA GLU A 71 -8.40 -1.03 -13.46
C GLU A 71 -7.37 -1.89 -12.72
N ASP A 72 -6.08 -1.69 -13.06
CA ASP A 72 -4.94 -2.34 -12.37
C ASP A 72 -4.98 -2.03 -10.86
N PRO A 73 -4.98 -3.09 -9.96
CA PRO A 73 -5.15 -2.92 -8.49
C PRO A 73 -4.22 -1.86 -7.83
N VAL A 74 -2.99 -1.72 -8.35
CA VAL A 74 -1.99 -0.76 -7.84
C VAL A 74 -2.41 0.70 -8.17
N VAL A 75 -2.97 0.88 -9.38
CA VAL A 75 -3.46 2.19 -9.88
C VAL A 75 -4.80 2.54 -9.18
N ALA A 76 -5.64 1.50 -9.01
CA ALA A 76 -6.96 1.57 -8.38
C ALA A 76 -6.83 1.93 -6.89
N LEU A 77 -5.70 1.52 -6.30
CA LEU A 77 -5.33 1.86 -4.91
C LEU A 77 -5.13 3.38 -4.76
N GLU A 78 -4.47 3.99 -5.76
CA GLU A 78 -4.20 5.44 -5.79
C GLU A 78 -5.51 6.25 -5.92
N ALA A 79 -6.43 5.73 -6.75
CA ALA A 79 -7.78 6.29 -6.95
C ALA A 79 -8.62 6.14 -5.66
N ALA A 80 -8.35 5.06 -4.92
CA ALA A 80 -9.01 4.77 -3.64
C ALA A 80 -8.48 5.67 -2.50
N LEU A 81 -7.17 6.01 -2.58
CA LEU A 81 -6.54 6.98 -1.64
C LEU A 81 -7.11 8.39 -1.88
N GLN A 82 -7.30 8.71 -3.17
CA GLN A 82 -7.78 10.02 -3.63
C GLN A 82 -9.24 10.28 -3.20
N PHE A 83 -10.09 9.25 -3.30
CA PHE A 83 -11.53 9.37 -3.00
C PHE A 83 -11.80 9.15 -1.49
N GLU A 84 -12.52 10.11 -0.88
CA GLU A 84 -12.74 10.22 0.58
C GLU A 84 -13.48 9.01 1.18
N ASP A 85 -14.39 8.43 0.38
CA ASP A 85 -15.15 7.24 0.79
C ASP A 85 -14.22 6.04 0.88
N THR A 86 -13.45 5.81 -0.19
CA THR A 86 -12.68 4.58 -0.40
C THR A 86 -11.37 4.55 0.41
N ARG A 87 -10.91 5.73 0.92
CA ARG A 87 -9.62 5.83 1.65
C ARG A 87 -9.71 5.25 3.08
N GLU A 88 -10.95 4.98 3.52
CA GLU A 88 -11.25 4.44 4.85
C GLU A 88 -10.90 2.94 4.94
N SER A 89 -11.16 2.21 3.86
CA SER A 89 -10.80 0.77 3.75
C SER A 89 -9.30 0.61 3.46
N MET A 90 -8.64 1.68 2.97
CA MET A 90 -7.17 1.68 2.72
C MET A 90 -6.39 1.55 4.04
N HIS A 91 -7.04 1.95 5.16
CA HIS A 91 -6.51 1.75 6.53
C HIS A 91 -6.40 0.25 6.89
N ALA A 92 -7.25 -0.57 6.26
CA ALA A 92 -7.23 -2.04 6.41
C ALA A 92 -6.09 -2.66 5.59
N PHE A 93 -5.82 -2.10 4.40
CA PHE A 93 -4.80 -2.64 3.47
C PHE A 93 -3.38 -2.16 3.84
N CYS A 94 -3.28 -1.00 4.53
CA CYS A 94 -1.98 -0.43 4.92
C CYS A 94 -1.36 -1.26 6.06
N VAL A 95 -0.39 -2.11 5.67
CA VAL A 95 0.33 -3.00 6.60
C VAL A 95 1.24 -2.17 7.52
N GLY A 96 1.84 -1.11 6.95
CA GLY A 96 2.68 -0.18 7.71
C GLY A 96 3.28 0.90 6.83
N GLN A 97 4.20 1.69 7.42
CA GLN A 97 4.95 2.74 6.72
C GLN A 97 6.22 2.15 6.10
N TYR A 98 6.51 2.51 4.85
CA TYR A 98 7.75 2.12 4.19
C TYR A 98 8.87 3.11 4.57
N LEU A 99 10.06 2.56 4.87
CA LEU A 99 11.25 3.36 5.14
C LEU A 99 12.43 2.63 4.47
N GLU A 100 13.12 3.36 3.58
CA GLU A 100 14.23 2.82 2.77
C GLU A 100 15.49 2.56 3.63
N PRO A 101 16.29 1.47 3.31
CA PRO A 101 17.59 1.20 3.96
C PRO A 101 18.52 2.44 3.96
N ASP A 102 18.63 3.08 2.78
CA ASP A 102 19.50 4.26 2.56
C ASP A 102 19.01 5.49 3.33
N GLN A 103 17.67 5.66 3.40
CA GLN A 103 17.01 6.89 3.87
C GLN A 103 17.37 7.24 5.33
N GLU A 104 17.35 6.24 6.22
CA GLU A 104 17.68 6.44 7.65
C GLU A 104 19.19 6.24 7.93
N GLY A 105 19.92 5.74 6.91
CA GLY A 105 21.36 5.46 7.03
C GLY A 105 22.22 6.53 6.39
N VAL A 106 21.69 7.76 6.28
CA VAL A 106 22.39 8.92 5.70
C VAL A 106 22.19 10.16 6.57
N THR A 107 23.27 10.95 6.75
CA THR A 107 23.20 12.29 7.33
C THR A 107 22.98 13.29 6.19
N ILE A 108 21.86 14.03 6.26
CA ILE A 108 21.47 15.00 5.23
C ILE A 108 21.73 16.42 5.74
N PRO A 109 22.75 17.16 5.19
CA PRO A 109 22.93 18.60 5.43
C PRO A 109 21.75 19.41 4.85
N ASP A 110 21.45 20.55 5.46
CA ASP A 110 20.33 21.42 5.03
C ASP A 110 20.71 22.18 3.74
N LEU A 111 20.53 21.49 2.61
CA LEU A 111 20.82 22.01 1.26
C LEU A 111 19.63 21.75 0.31
N GLY A 112 18.76 20.79 0.68
CA GLY A 112 17.54 20.51 -0.09
C GLY A 112 16.43 21.52 0.24
N GLU A 21 2.29 4.47 18.97
CA GLU A 21 3.59 5.11 19.26
C GLU A 21 4.72 4.45 18.45
N LYS A 22 4.74 3.11 18.42
CA LYS A 22 5.71 2.32 17.66
C LYS A 22 5.00 1.68 16.45
N VAL A 23 5.00 2.40 15.32
CA VAL A 23 4.38 1.94 14.06
C VAL A 23 5.28 0.88 13.39
N THR A 24 4.65 -0.13 12.75
CA THR A 24 5.38 -1.16 12.00
C THR A 24 6.08 -0.53 10.78
N LEU A 25 7.42 -0.47 10.86
CA LEU A 25 8.27 0.09 9.81
C LEU A 25 8.73 -1.04 8.87
N VAL A 26 8.14 -1.07 7.68
CA VAL A 26 8.39 -2.08 6.66
C VAL A 26 9.47 -1.56 5.70
N ARG A 27 10.55 -2.34 5.50
CA ARG A 27 11.65 -1.97 4.58
C ARG A 27 11.42 -2.57 3.19
N ILE A 28 12.26 -2.13 2.23
CA ILE A 28 12.24 -2.58 0.83
C ILE A 28 12.41 -4.12 0.69
N ALA A 29 13.25 -4.69 1.56
CA ALA A 29 13.54 -6.14 1.59
C ALA A 29 12.28 -6.95 1.95
N ASP A 30 11.49 -6.43 2.90
CA ASP A 30 10.25 -7.07 3.41
C ASP A 30 9.19 -7.20 2.30
N LEU A 31 9.17 -6.20 1.38
CA LEU A 31 8.27 -6.19 0.22
C LEU A 31 8.52 -7.44 -0.65
N GLU A 32 9.83 -7.68 -0.90
CA GLU A 32 10.31 -8.75 -1.80
C GLU A 32 10.11 -10.13 -1.17
N ASN A 33 10.36 -10.18 0.15
CA ASN A 33 10.20 -11.39 0.97
C ASN A 33 8.73 -11.85 0.94
N HIS A 34 7.80 -10.89 1.17
CA HIS A 34 6.34 -11.13 1.17
C HIS A 34 5.85 -11.51 -0.24
N ASN A 35 6.46 -10.87 -1.26
CA ASN A 35 6.14 -11.13 -2.68
C ASN A 35 6.41 -12.60 -3.02
N ASN A 36 7.55 -13.10 -2.52
CA ASN A 36 7.99 -14.49 -2.73
C ASN A 36 7.22 -15.45 -1.79
N ASP A 37 6.70 -14.90 -0.67
CA ASP A 37 5.99 -15.67 0.39
C ASP A 37 4.57 -16.13 -0.08
N GLY A 38 3.89 -15.28 -0.86
CA GLY A 38 2.54 -15.59 -1.38
C GLY A 38 1.58 -14.40 -1.35
N GLY A 39 2.13 -13.19 -1.55
CA GLY A 39 1.36 -11.95 -1.58
C GLY A 39 2.01 -10.91 -2.49
N PHE A 40 1.42 -9.72 -2.59
CA PHE A 40 2.00 -8.59 -3.35
C PHE A 40 1.91 -7.31 -2.51
N TRP A 41 3.05 -6.79 -2.03
CA TRP A 41 3.12 -5.50 -1.31
C TRP A 41 3.57 -4.38 -2.27
N THR A 42 3.00 -3.18 -2.06
CA THR A 42 3.32 -1.98 -2.83
C THR A 42 3.44 -0.79 -1.86
N VAL A 43 4.40 0.10 -2.13
CA VAL A 43 4.58 1.32 -1.35
C VAL A 43 3.88 2.49 -2.06
N ILE A 44 2.79 2.98 -1.44
CA ILE A 44 2.03 4.14 -1.92
C ILE A 44 1.81 5.09 -0.73
N ASP A 45 2.13 6.38 -0.93
CA ASP A 45 1.91 7.45 0.06
C ASP A 45 2.75 7.23 1.36
N GLY A 46 3.92 6.57 1.20
CA GLY A 46 4.81 6.26 2.34
C GLY A 46 4.28 5.13 3.24
N LYS A 47 3.25 4.42 2.74
CA LYS A 47 2.61 3.28 3.43
C LYS A 47 2.78 2.04 2.56
N VAL A 48 2.63 0.85 3.17
CA VAL A 48 2.68 -0.43 2.46
C VAL A 48 1.29 -1.09 2.48
N TYR A 49 0.71 -1.26 1.28
CA TYR A 49 -0.60 -1.92 1.08
C TYR A 49 -0.40 -3.24 0.34
N ASP A 50 -1.31 -4.21 0.55
CA ASP A 50 -1.24 -5.52 -0.12
C ASP A 50 -2.24 -5.57 -1.30
N ILE A 51 -1.68 -5.52 -2.52
CA ILE A 51 -2.44 -5.63 -3.81
C ILE A 51 -3.18 -6.98 -3.91
N LYS A 52 -2.55 -8.04 -3.39
CA LYS A 52 -3.10 -9.40 -3.44
C LYS A 52 -4.47 -9.43 -2.74
N ASP A 53 -4.56 -8.82 -1.55
CA ASP A 53 -5.80 -8.77 -0.75
C ASP A 53 -6.78 -7.76 -1.36
N PHE A 54 -6.25 -6.64 -1.92
CA PHE A 54 -7.05 -5.59 -2.60
C PHE A 54 -7.97 -6.19 -3.67
N GLN A 55 -7.37 -6.93 -4.62
CA GLN A 55 -8.09 -7.57 -5.73
C GLN A 55 -9.01 -8.71 -5.22
N THR A 56 -8.63 -9.33 -4.08
CA THR A 56 -9.44 -10.38 -3.40
C THR A 56 -10.74 -9.77 -2.81
N GLN A 57 -10.65 -8.53 -2.27
CA GLN A 57 -11.81 -7.78 -1.72
C GLN A 57 -12.67 -7.19 -2.86
N SER A 58 -12.01 -6.90 -4.00
CA SER A 58 -12.66 -6.37 -5.22
C SER A 58 -13.48 -7.45 -5.96
N LEU A 59 -13.41 -8.71 -5.45
CA LEU A 59 -14.24 -9.85 -5.92
C LEU A 59 -15.74 -9.55 -5.67
N THR A 60 -16.02 -8.92 -4.51
CA THR A 60 -17.40 -8.61 -4.07
C THR A 60 -17.96 -7.39 -4.84
N GLU A 61 -19.22 -7.51 -5.29
CA GLU A 61 -19.92 -6.48 -6.08
C GLU A 61 -20.31 -5.29 -5.17
N ASN A 62 -20.67 -5.59 -3.91
CA ASN A 62 -21.01 -4.58 -2.89
C ASN A 62 -19.71 -4.12 -2.18
N SER A 63 -18.79 -3.57 -2.95
CA SER A 63 -17.49 -3.09 -2.46
C SER A 63 -17.21 -1.69 -3.03
N ILE A 64 -16.38 -0.92 -2.31
CA ILE A 64 -15.88 0.39 -2.77
C ILE A 64 -14.79 0.22 -3.85
N LEU A 65 -14.32 -1.04 -4.02
CA LEU A 65 -13.32 -1.41 -5.05
C LEU A 65 -14.02 -1.90 -6.33
N ALA A 66 -15.37 -2.09 -6.26
CA ALA A 66 -16.19 -2.55 -7.40
C ALA A 66 -16.28 -1.48 -8.51
N GLN A 67 -16.13 -0.20 -8.11
CA GLN A 67 -16.06 0.94 -9.05
C GLN A 67 -14.68 0.99 -9.77
N PHE A 68 -13.72 0.21 -9.26
CA PHE A 68 -12.36 0.06 -9.83
C PHE A 68 -12.12 -1.39 -10.31
N ALA A 69 -13.20 -2.20 -10.39
CA ALA A 69 -13.13 -3.64 -10.76
C ALA A 69 -12.65 -3.85 -12.21
N GLY A 70 -12.95 -2.86 -13.08
CA GLY A 70 -12.53 -2.88 -14.49
C GLY A 70 -11.22 -2.12 -14.73
N GLU A 71 -10.37 -2.04 -13.69
CA GLU A 71 -9.09 -1.31 -13.72
C GLU A 71 -7.97 -2.21 -13.14
N ASP A 72 -6.72 -1.94 -13.56
CA ASP A 72 -5.51 -2.56 -12.99
C ASP A 72 -5.48 -2.36 -11.46
N PRO A 73 -5.27 -3.44 -10.63
CA PRO A 73 -5.40 -3.39 -9.14
C PRO A 73 -4.52 -2.31 -8.47
N VAL A 74 -3.32 -2.08 -9.03
CA VAL A 74 -2.34 -1.12 -8.46
C VAL A 74 -2.78 0.32 -8.75
N VAL A 75 -3.12 0.58 -10.03
CA VAL A 75 -3.62 1.90 -10.50
C VAL A 75 -4.95 2.26 -9.82
N ALA A 76 -5.75 1.22 -9.56
CA ALA A 76 -7.03 1.31 -8.85
C ALA A 76 -6.81 1.76 -7.39
N LEU A 77 -5.80 1.16 -6.75
CA LEU A 77 -5.43 1.45 -5.35
C LEU A 77 -4.87 2.89 -5.22
N GLU A 78 -4.01 3.29 -6.17
CA GLU A 78 -3.40 4.65 -6.19
C GLU A 78 -4.50 5.73 -6.25
N ALA A 79 -5.41 5.58 -7.23
CA ALA A 79 -6.56 6.49 -7.42
C ALA A 79 -7.50 6.47 -6.19
N ALA A 80 -7.62 5.28 -5.57
CA ALA A 80 -8.48 5.07 -4.39
C ALA A 80 -7.91 5.73 -3.12
N LEU A 81 -6.57 5.95 -3.08
CA LEU A 81 -5.93 6.70 -2.00
C LEU A 81 -6.30 8.21 -2.09
N GLN A 82 -6.29 8.73 -3.33
CA GLN A 82 -6.63 10.15 -3.61
C GLN A 82 -8.16 10.38 -3.47
N PHE A 83 -8.96 9.33 -3.71
CA PHE A 83 -10.43 9.40 -3.57
C PHE A 83 -10.82 9.12 -2.10
N GLU A 84 -11.44 10.12 -1.45
CA GLU A 84 -11.69 10.13 0.01
C GLU A 84 -12.68 9.04 0.46
N ASP A 85 -13.58 8.65 -0.45
CA ASP A 85 -14.63 7.65 -0.18
C ASP A 85 -14.08 6.20 -0.16
N THR A 86 -12.92 5.99 -0.81
CA THR A 86 -12.33 4.65 -0.98
C THR A 86 -11.07 4.44 -0.12
N ARG A 87 -10.40 5.55 0.29
CA ARG A 87 -9.15 5.49 1.11
C ARG A 87 -9.42 4.94 2.54
N GLU A 88 -10.73 4.89 2.92
CA GLU A 88 -11.19 4.35 4.22
C GLU A 88 -10.69 2.90 4.48
N SER A 89 -10.88 2.01 3.49
CA SER A 89 -10.52 0.58 3.64
C SER A 89 -9.01 0.37 3.49
N MET A 90 -8.31 1.39 2.95
CA MET A 90 -6.84 1.34 2.75
C MET A 90 -6.10 1.37 4.09
N HIS A 91 -6.80 1.78 5.17
CA HIS A 91 -6.30 1.65 6.56
C HIS A 91 -6.10 0.16 6.91
N ALA A 92 -7.05 -0.69 6.44
CA ALA A 92 -7.00 -2.16 6.64
C ALA A 92 -5.95 -2.81 5.72
N PHE A 93 -5.82 -2.29 4.48
CA PHE A 93 -4.82 -2.77 3.49
C PHE A 93 -3.40 -2.36 3.91
N CYS A 94 -3.29 -1.27 4.71
CA CYS A 94 -2.01 -0.80 5.25
C CYS A 94 -1.52 -1.76 6.33
N VAL A 95 -0.59 -2.65 5.94
CA VAL A 95 0.06 -3.60 6.86
C VAL A 95 1.02 -2.87 7.82
N GLY A 96 1.51 -1.71 7.37
CA GLY A 96 2.40 -0.85 8.15
C GLY A 96 2.90 0.32 7.33
N GLN A 97 3.64 1.23 7.98
CA GLN A 97 4.25 2.40 7.32
C GLN A 97 5.59 1.98 6.72
N TYR A 98 5.86 2.43 5.48
CA TYR A 98 7.14 2.16 4.83
C TYR A 98 8.23 3.09 5.41
N LEU A 99 9.38 2.49 5.74
CA LEU A 99 10.59 3.22 6.12
C LEU A 99 11.75 2.62 5.34
N GLU A 100 12.49 3.48 4.62
CA GLU A 100 13.68 3.09 3.86
C GLU A 100 14.84 2.73 4.82
N PRO A 101 15.59 1.61 4.56
CA PRO A 101 16.78 1.23 5.36
C PRO A 101 17.88 2.33 5.34
N ASP A 102 17.84 3.20 4.31
CA ASP A 102 18.77 4.33 4.12
C ASP A 102 18.29 5.59 4.88
N GLN A 103 16.95 5.82 4.85
CA GLN A 103 16.28 7.02 5.44
C GLN A 103 16.51 7.10 6.96
N GLU A 104 16.65 5.92 7.60
CA GLU A 104 16.92 5.78 9.04
C GLU A 104 18.28 6.43 9.44
N GLY A 105 19.26 6.35 8.54
CA GLY A 105 20.56 6.99 8.73
C GLY A 105 20.52 8.44 8.31
N VAL A 106 20.63 8.67 6.98
CA VAL A 106 20.50 10.02 6.40
C VAL A 106 19.01 10.29 6.10
N THR A 107 18.40 11.18 6.90
CA THR A 107 17.00 11.59 6.71
C THR A 107 16.94 12.90 5.89
N ILE A 108 16.12 12.89 4.84
CA ILE A 108 15.95 14.06 3.94
C ILE A 108 14.61 14.76 4.26
N PRO A 109 14.65 16.00 4.85
CA PRO A 109 13.43 16.78 5.16
C PRO A 109 12.86 17.48 3.91
N ASP A 110 11.65 18.08 4.05
CA ASP A 110 10.98 18.82 2.97
C ASP A 110 11.72 20.15 2.70
N LEU A 111 12.78 20.02 1.87
CA LEU A 111 13.67 21.13 1.49
C LEU A 111 14.68 20.58 0.47
N GLY A 112 15.42 19.54 0.92
CA GLY A 112 16.48 18.92 0.13
C GLY A 112 17.76 19.76 0.16
N GLU A 21 -0.68 4.14 17.40
CA GLU A 21 0.46 4.31 18.34
C GLU A 21 1.76 3.89 17.64
N LYS A 22 1.93 2.55 17.49
CA LYS A 22 3.15 1.94 16.97
C LYS A 22 3.05 1.83 15.45
N VAL A 23 3.67 2.80 14.77
CA VAL A 23 3.76 2.81 13.31
C VAL A 23 4.69 1.66 12.85
N THR A 24 4.09 0.64 12.20
CA THR A 24 4.84 -0.53 11.72
C THR A 24 5.71 -0.13 10.51
N LEU A 25 7.02 -0.08 10.76
CA LEU A 25 8.01 0.32 9.77
C LEU A 25 8.40 -0.91 8.91
N VAL A 26 7.91 -0.91 7.67
CA VAL A 26 8.16 -1.99 6.70
C VAL A 26 9.23 -1.53 5.70
N ARG A 27 10.27 -2.37 5.51
CA ARG A 27 11.36 -2.10 4.57
C ARG A 27 11.17 -2.91 3.28
N ILE A 28 11.99 -2.60 2.25
CA ILE A 28 11.86 -3.19 0.91
C ILE A 28 12.20 -4.69 0.89
N ALA A 29 13.13 -5.11 1.77
CA ALA A 29 13.53 -6.53 1.92
C ALA A 29 12.32 -7.42 2.29
N ASP A 30 11.41 -6.85 3.10
CA ASP A 30 10.20 -7.54 3.55
C ASP A 30 9.24 -7.73 2.34
N LEU A 31 9.12 -6.68 1.50
CA LEU A 31 8.28 -6.70 0.26
C LEU A 31 8.67 -7.87 -0.66
N GLU A 32 9.98 -8.11 -0.76
CA GLU A 32 10.56 -9.17 -1.62
C GLU A 32 10.15 -10.55 -1.11
N ASN A 33 10.19 -10.71 0.21
CA ASN A 33 9.82 -11.96 0.91
C ASN A 33 8.36 -12.34 0.60
N HIS A 34 7.46 -11.37 0.77
CA HIS A 34 6.00 -11.55 0.55
C HIS A 34 5.71 -11.86 -0.93
N ASN A 35 6.49 -11.24 -1.83
CA ASN A 35 6.41 -11.51 -3.29
C ASN A 35 6.69 -13.00 -3.57
N ASN A 36 7.67 -13.58 -2.83
CA ASN A 36 8.08 -14.99 -2.97
C ASN A 36 7.08 -15.95 -2.32
N ASP A 37 6.22 -15.44 -1.41
CA ASP A 37 5.07 -16.21 -0.88
C ASP A 37 3.86 -16.12 -1.82
N GLY A 38 3.84 -15.10 -2.68
CA GLY A 38 2.71 -14.82 -3.57
C GLY A 38 1.87 -13.65 -3.10
N GLY A 39 2.10 -13.21 -1.84
CA GLY A 39 1.43 -12.05 -1.27
C GLY A 39 2.02 -10.75 -1.79
N PHE A 40 1.50 -10.28 -2.91
CA PHE A 40 2.06 -9.13 -3.63
C PHE A 40 1.68 -7.83 -2.88
N TRP A 41 2.69 -7.19 -2.29
CA TRP A 41 2.56 -5.89 -1.61
C TRP A 41 3.04 -4.75 -2.53
N THR A 42 2.93 -3.51 -2.04
CA THR A 42 3.29 -2.31 -2.79
C THR A 42 3.57 -1.15 -1.81
N VAL A 43 4.44 -0.22 -2.22
CA VAL A 43 4.70 1.04 -1.49
C VAL A 43 3.96 2.19 -2.22
N ILE A 44 2.92 2.74 -1.56
CA ILE A 44 2.08 3.83 -2.08
C ILE A 44 2.08 5.01 -1.08
N ASP A 45 2.61 6.15 -1.55
CA ASP A 45 2.65 7.43 -0.82
C ASP A 45 3.29 7.27 0.59
N GLY A 46 4.50 6.70 0.62
CA GLY A 46 5.29 6.55 1.86
C GLY A 46 4.79 5.46 2.80
N LYS A 47 3.70 4.76 2.42
CA LYS A 47 3.12 3.65 3.18
C LYS A 47 3.30 2.35 2.42
N VAL A 48 3.06 1.22 3.10
CA VAL A 48 3.00 -0.10 2.47
C VAL A 48 1.59 -0.66 2.59
N TYR A 49 1.00 -0.97 1.43
CA TYR A 49 -0.31 -1.61 1.30
C TYR A 49 -0.13 -2.99 0.66
N ASP A 50 -1.20 -3.77 0.65
CA ASP A 50 -1.28 -5.04 -0.09
C ASP A 50 -2.01 -4.82 -1.42
N ILE A 51 -1.78 -5.74 -2.35
CA ILE A 51 -2.54 -5.87 -3.60
C ILE A 51 -3.25 -7.25 -3.63
N LYS A 52 -2.62 -8.22 -2.94
CA LYS A 52 -3.11 -9.60 -2.81
C LYS A 52 -4.57 -9.65 -2.28
N ASP A 53 -4.78 -9.07 -1.08
CA ASP A 53 -6.11 -9.05 -0.42
C ASP A 53 -7.04 -8.03 -1.13
N PHE A 54 -6.44 -6.91 -1.60
CA PHE A 54 -7.13 -5.81 -2.32
C PHE A 54 -7.98 -6.36 -3.50
N GLN A 55 -7.32 -7.14 -4.37
CA GLN A 55 -7.93 -7.69 -5.59
C GLN A 55 -9.01 -8.74 -5.25
N THR A 56 -8.83 -9.40 -4.08
CA THR A 56 -9.82 -10.34 -3.54
C THR A 56 -11.10 -9.58 -3.12
N GLN A 57 -10.91 -8.41 -2.46
CA GLN A 57 -12.03 -7.55 -2.04
C GLN A 57 -12.74 -6.94 -3.25
N SER A 58 -11.99 -6.75 -4.34
CA SER A 58 -12.52 -6.26 -5.63
C SER A 58 -13.37 -7.35 -6.33
N LEU A 59 -13.06 -8.63 -6.04
CA LEU A 59 -13.72 -9.80 -6.65
C LEU A 59 -15.21 -9.92 -6.22
N THR A 60 -15.55 -9.41 -5.02
CA THR A 60 -16.93 -9.46 -4.49
C THR A 60 -17.76 -8.24 -4.96
N GLU A 61 -19.08 -8.47 -5.07
CA GLU A 61 -20.08 -7.44 -5.41
C GLU A 61 -20.39 -6.58 -4.17
N ASN A 62 -20.85 -5.32 -4.42
CA ASN A 62 -21.19 -4.31 -3.37
C ASN A 62 -19.93 -3.75 -2.69
N SER A 63 -18.75 -4.14 -3.18
CA SER A 63 -17.46 -3.63 -2.67
C SER A 63 -17.24 -2.19 -3.17
N ILE A 64 -16.43 -1.42 -2.43
CA ILE A 64 -15.95 -0.09 -2.89
C ILE A 64 -14.98 -0.24 -4.09
N LEU A 65 -14.41 -1.46 -4.23
CA LEU A 65 -13.46 -1.82 -5.28
C LEU A 65 -14.14 -2.52 -6.47
N ALA A 66 -15.48 -2.68 -6.39
CA ALA A 66 -16.29 -3.26 -7.49
C ALA A 66 -16.26 -2.35 -8.74
N GLN A 67 -16.08 -1.03 -8.51
CA GLN A 67 -15.88 -0.02 -9.57
C GLN A 67 -14.42 0.02 -10.05
N PHE A 68 -13.48 -0.40 -9.18
CA PHE A 68 -12.04 -0.41 -9.45
C PHE A 68 -11.56 -1.76 -10.04
N ALA A 69 -12.52 -2.69 -10.27
CA ALA A 69 -12.24 -4.01 -10.88
C ALA A 69 -11.79 -3.85 -12.35
N GLY A 70 -12.29 -2.80 -13.02
CA GLY A 70 -11.93 -2.47 -14.41
C GLY A 70 -10.72 -1.55 -14.52
N GLU A 71 -9.84 -1.59 -13.50
CA GLU A 71 -8.58 -0.83 -13.45
C GLU A 71 -7.49 -1.71 -12.83
N ASP A 72 -6.22 -1.45 -13.20
CA ASP A 72 -5.04 -2.12 -12.61
C ASP A 72 -5.07 -2.00 -11.08
N PRO A 73 -4.94 -3.13 -10.30
CA PRO A 73 -5.12 -3.14 -8.82
C PRO A 73 -4.24 -2.13 -8.06
N VAL A 74 -3.01 -1.89 -8.57
CA VAL A 74 -2.05 -0.96 -7.93
C VAL A 74 -2.52 0.48 -8.17
N VAL A 75 -2.84 0.78 -9.45
CA VAL A 75 -3.34 2.12 -9.89
C VAL A 75 -4.69 2.45 -9.21
N ALA A 76 -5.50 1.40 -9.00
CA ALA A 76 -6.83 1.47 -8.39
C ALA A 76 -6.75 1.78 -6.89
N LEU A 77 -5.70 1.24 -6.25
CA LEU A 77 -5.40 1.49 -4.83
C LEU A 77 -4.85 2.92 -4.63
N GLU A 78 -3.99 3.36 -5.56
CA GLU A 78 -3.48 4.76 -5.60
C GLU A 78 -4.65 5.74 -5.83
N ALA A 79 -5.62 5.31 -6.64
CA ALA A 79 -6.86 6.06 -6.93
C ALA A 79 -7.79 6.06 -5.71
N ALA A 80 -7.75 4.95 -4.94
CA ALA A 80 -8.56 4.78 -3.72
C ALA A 80 -8.13 5.77 -2.63
N LEU A 81 -6.81 5.94 -2.43
CA LEU A 81 -6.26 6.91 -1.46
C LEU A 81 -6.52 8.36 -1.90
N GLN A 82 -6.58 8.59 -3.22
CA GLN A 82 -6.88 9.91 -3.80
C GLN A 82 -8.39 10.24 -3.63
N PHE A 83 -9.22 9.20 -3.57
CA PHE A 83 -10.68 9.33 -3.48
C PHE A 83 -11.13 9.24 -2.00
N GLU A 84 -11.77 10.32 -1.50
CA GLU A 84 -12.20 10.46 -0.09
C GLU A 84 -13.18 9.35 0.36
N ASP A 85 -13.92 8.82 -0.60
CA ASP A 85 -14.99 7.83 -0.37
C ASP A 85 -14.43 6.40 -0.17
N THR A 86 -13.19 6.15 -0.63
CA THR A 86 -12.60 4.79 -0.63
C THR A 86 -11.25 4.72 0.15
N ARG A 87 -10.68 5.90 0.48
CA ARG A 87 -9.39 6.00 1.22
C ARG A 87 -9.52 5.51 2.67
N GLU A 88 -10.76 5.62 3.18
CA GLU A 88 -11.09 5.35 4.59
C GLU A 88 -10.75 3.90 4.97
N SER A 89 -11.30 2.95 4.18
CA SER A 89 -11.11 1.50 4.39
C SER A 89 -9.64 1.06 4.21
N MET A 90 -8.84 1.89 3.50
CA MET A 90 -7.41 1.60 3.22
C MET A 90 -6.51 1.77 4.45
N HIS A 91 -7.10 2.23 5.57
CA HIS A 91 -6.42 2.22 6.89
C HIS A 91 -6.22 0.77 7.39
N ALA A 92 -7.05 -0.16 6.84
CA ALA A 92 -6.94 -1.60 7.12
C ALA A 92 -5.98 -2.28 6.13
N PHE A 93 -5.89 -1.73 4.90
CA PHE A 93 -5.04 -2.30 3.83
C PHE A 93 -3.56 -1.88 4.01
N CYS A 94 -3.33 -0.75 4.72
CA CYS A 94 -1.98 -0.33 5.08
C CYS A 94 -1.47 -1.18 6.24
N VAL A 95 -0.47 -2.04 5.96
CA VAL A 95 0.20 -2.86 6.99
C VAL A 95 1.07 -1.96 7.90
N GLY A 96 1.48 -0.80 7.35
CA GLY A 96 2.24 0.19 8.08
C GLY A 96 2.83 1.25 7.15
N GLN A 97 3.87 1.94 7.63
CA GLN A 97 4.60 2.97 6.88
C GLN A 97 5.91 2.41 6.36
N TYR A 98 6.26 2.77 5.12
CA TYR A 98 7.49 2.35 4.48
C TYR A 98 8.68 3.19 4.98
N LEU A 99 9.72 2.51 5.51
CA LEU A 99 11.00 3.13 5.89
C LEU A 99 12.08 2.54 4.98
N GLU A 100 12.77 3.41 4.22
CA GLU A 100 13.86 3.01 3.31
C GLU A 100 15.09 2.53 4.11
N PRO A 101 15.84 1.49 3.63
CA PRO A 101 17.10 1.02 4.29
C PRO A 101 18.14 2.15 4.49
N ASP A 102 18.15 3.13 3.57
CA ASP A 102 19.03 4.33 3.64
C ASP A 102 18.45 5.42 4.57
N GLN A 103 17.10 5.45 4.67
CA GLN A 103 16.35 6.48 5.42
C GLN A 103 16.57 6.37 6.94
N GLU A 104 16.97 5.16 7.41
CA GLU A 104 17.37 4.96 8.82
C GLU A 104 18.59 5.84 9.18
N GLY A 105 19.49 6.03 8.18
CA GLY A 105 20.66 6.88 8.34
C GLY A 105 20.32 8.35 8.18
N VAL A 106 19.87 8.75 6.98
CA VAL A 106 19.62 10.17 6.65
C VAL A 106 18.12 10.51 6.73
N THR A 107 17.82 11.76 7.13
CA THR A 107 16.48 12.34 7.03
C THR A 107 16.49 13.39 5.90
N ILE A 108 15.49 13.33 5.01
CA ILE A 108 15.42 14.21 3.82
C ILE A 108 14.82 15.58 4.22
N PRO A 109 15.55 16.72 3.97
CA PRO A 109 15.06 18.07 4.31
C PRO A 109 13.92 18.53 3.38
N ASP A 110 12.80 18.93 3.98
CA ASP A 110 11.63 19.42 3.24
C ASP A 110 11.84 20.90 2.87
N LEU A 111 12.07 21.16 1.59
CA LEU A 111 12.19 22.54 1.05
C LEU A 111 10.85 23.01 0.44
N GLY A 112 9.91 22.05 0.26
CA GLY A 112 8.59 22.33 -0.29
C GLY A 112 7.70 21.09 -0.34
N GLU A 21 1.66 5.42 19.52
CA GLU A 21 2.20 4.31 20.34
C GLU A 21 3.43 3.70 19.64
N LYS A 22 3.19 2.78 18.67
CA LYS A 22 4.23 2.03 17.93
C LYS A 22 3.81 1.88 16.47
N VAL A 23 4.78 1.66 15.57
CA VAL A 23 4.53 1.56 14.12
C VAL A 23 5.52 0.57 13.44
N THR A 24 4.98 -0.42 12.71
CA THR A 24 5.79 -1.41 11.98
C THR A 24 6.43 -0.77 10.74
N LEU A 25 7.77 -0.72 10.74
CA LEU A 25 8.56 -0.15 9.64
C LEU A 25 9.01 -1.27 8.69
N VAL A 26 8.34 -1.33 7.53
CA VAL A 26 8.63 -2.30 6.46
C VAL A 26 9.55 -1.62 5.43
N ARG A 27 10.72 -2.23 5.19
CA ARG A 27 11.69 -1.76 4.19
C ARG A 27 11.25 -2.19 2.78
N ILE A 28 11.93 -1.62 1.76
CA ILE A 28 11.72 -2.01 0.35
C ILE A 28 11.95 -3.51 0.16
N ALA A 29 13.05 -4.04 0.73
CA ALA A 29 13.44 -5.45 0.61
C ALA A 29 12.36 -6.39 1.19
N ASP A 30 11.72 -5.96 2.30
CA ASP A 30 10.72 -6.77 3.01
C ASP A 30 9.45 -6.98 2.15
N LEU A 31 8.94 -5.90 1.55
CA LEU A 31 7.72 -5.97 0.71
C LEU A 31 7.98 -6.69 -0.64
N GLU A 32 9.22 -6.53 -1.18
CA GLU A 32 9.67 -7.26 -2.40
C GLU A 32 9.70 -8.78 -2.14
N ASN A 33 10.31 -9.16 -1.01
CA ASN A 33 10.54 -10.56 -0.63
C ASN A 33 9.25 -11.21 -0.11
N HIS A 34 8.31 -10.39 0.40
CA HIS A 34 7.00 -10.88 0.85
C HIS A 34 6.14 -11.26 -0.37
N ASN A 35 6.38 -10.60 -1.52
CA ASN A 35 5.73 -10.93 -2.81
C ASN A 35 6.06 -12.39 -3.21
N ASN A 36 7.35 -12.74 -3.12
CA ASN A 36 7.86 -14.11 -3.40
C ASN A 36 7.42 -15.10 -2.29
N ASP A 37 7.21 -14.57 -1.08
CA ASP A 37 6.72 -15.36 0.09
C ASP A 37 5.26 -15.83 -0.12
N GLY A 38 4.49 -15.04 -0.88
CA GLY A 38 3.09 -15.35 -1.19
C GLY A 38 2.14 -14.22 -0.80
N GLY A 39 2.61 -12.97 -0.94
CA GLY A 39 1.83 -11.79 -0.58
C GLY A 39 2.36 -10.52 -1.20
N PHE A 40 1.73 -10.07 -2.30
CA PHE A 40 2.20 -8.90 -3.06
C PHE A 40 1.82 -7.62 -2.29
N TRP A 41 2.86 -6.97 -1.76
CA TRP A 41 2.75 -5.67 -1.08
C TRP A 41 3.26 -4.57 -2.01
N THR A 42 2.80 -3.34 -1.74
CA THR A 42 3.14 -2.16 -2.54
C THR A 42 3.16 -0.92 -1.63
N VAL A 43 4.10 0.02 -1.89
CA VAL A 43 4.22 1.27 -1.13
C VAL A 43 3.50 2.42 -1.84
N ILE A 44 2.50 3.01 -1.16
CA ILE A 44 1.73 4.17 -1.61
C ILE A 44 1.57 5.14 -0.41
N ASP A 45 1.98 6.40 -0.61
CA ASP A 45 1.85 7.51 0.39
C ASP A 45 2.67 7.20 1.68
N GLY A 46 3.80 6.49 1.52
CA GLY A 46 4.69 6.13 2.63
C GLY A 46 4.10 5.06 3.54
N LYS A 47 3.11 4.32 3.01
CA LYS A 47 2.44 3.22 3.70
C LYS A 47 2.53 1.97 2.83
N VAL A 48 2.66 0.81 3.46
CA VAL A 48 2.67 -0.48 2.75
C VAL A 48 1.27 -1.12 2.85
N TYR A 49 0.65 -1.35 1.69
CA TYR A 49 -0.66 -2.01 1.57
C TYR A 49 -0.46 -3.36 0.86
N ASP A 50 -1.48 -4.24 0.94
CA ASP A 50 -1.52 -5.49 0.15
C ASP A 50 -2.28 -5.26 -1.17
N ILE A 51 -2.06 -6.18 -2.11
CA ILE A 51 -2.78 -6.25 -3.39
C ILE A 51 -3.58 -7.57 -3.45
N LYS A 52 -3.05 -8.61 -2.79
CA LYS A 52 -3.63 -9.97 -2.79
C LYS A 52 -5.11 -9.99 -2.28
N ASP A 53 -5.34 -9.40 -1.09
CA ASP A 53 -6.66 -9.37 -0.44
C ASP A 53 -7.55 -8.28 -1.08
N PHE A 54 -6.89 -7.21 -1.57
CA PHE A 54 -7.51 -6.10 -2.32
C PHE A 54 -8.36 -6.61 -3.50
N GLN A 55 -7.69 -7.30 -4.43
CA GLN A 55 -8.30 -7.78 -5.69
C GLN A 55 -9.41 -8.83 -5.44
N THR A 56 -9.29 -9.58 -4.34
CA THR A 56 -10.31 -10.55 -3.89
C THR A 56 -11.62 -9.80 -3.55
N GLN A 57 -11.49 -8.69 -2.81
CA GLN A 57 -12.61 -7.84 -2.41
C GLN A 57 -13.10 -6.93 -3.55
N SER A 58 -12.30 -6.82 -4.63
CA SER A 58 -12.72 -6.13 -5.87
C SER A 58 -13.79 -6.94 -6.63
N LEU A 59 -13.86 -8.25 -6.32
CA LEU A 59 -14.86 -9.19 -6.90
C LEU A 59 -16.21 -9.10 -6.15
N THR A 60 -16.26 -8.31 -5.05
CA THR A 60 -17.46 -8.12 -4.23
C THR A 60 -18.25 -6.90 -4.74
N GLU A 61 -19.58 -7.07 -4.88
CA GLU A 61 -20.50 -6.04 -5.41
C GLU A 61 -20.55 -4.80 -4.49
N ASN A 62 -20.74 -5.02 -3.18
CA ASN A 62 -20.84 -3.94 -2.18
C ASN A 62 -19.44 -3.51 -1.68
N SER A 63 -18.50 -3.35 -2.62
CA SER A 63 -17.17 -2.80 -2.38
C SER A 63 -16.95 -1.58 -3.27
N ILE A 64 -16.23 -0.58 -2.74
CA ILE A 64 -15.72 0.56 -3.51
C ILE A 64 -14.80 0.10 -4.65
N LEU A 65 -14.18 -1.09 -4.45
CA LEU A 65 -13.22 -1.70 -5.40
C LEU A 65 -13.94 -2.33 -6.61
N ALA A 66 -15.28 -2.42 -6.53
CA ALA A 66 -16.12 -2.97 -7.63
C ALA A 66 -16.25 -1.97 -8.79
N GLN A 67 -16.00 -0.67 -8.53
CA GLN A 67 -15.92 0.35 -9.60
C GLN A 67 -14.54 0.23 -10.31
N PHE A 68 -13.54 -0.23 -9.53
CA PHE A 68 -12.16 -0.46 -10.01
C PHE A 68 -11.99 -1.88 -10.58
N ALA A 69 -13.11 -2.66 -10.62
CA ALA A 69 -13.10 -4.02 -11.19
C ALA A 69 -12.86 -3.95 -12.72
N GLY A 70 -11.86 -4.70 -13.20
CA GLY A 70 -11.42 -4.66 -14.60
C GLY A 70 -10.13 -3.86 -14.79
N GLU A 71 -9.85 -2.96 -13.81
CA GLU A 71 -8.62 -2.14 -13.78
C GLU A 71 -7.51 -2.88 -13.03
N ASP A 72 -6.25 -2.48 -13.28
CA ASP A 72 -5.07 -3.00 -12.55
C ASP A 72 -5.20 -2.64 -11.04
N PRO A 73 -4.96 -3.63 -10.11
CA PRO A 73 -5.20 -3.43 -8.65
C PRO A 73 -4.31 -2.36 -8.00
N VAL A 74 -3.06 -2.22 -8.50
CA VAL A 74 -2.10 -1.23 -7.95
C VAL A 74 -2.50 0.19 -8.38
N VAL A 75 -2.84 0.35 -9.67
CA VAL A 75 -3.32 1.63 -10.24
C VAL A 75 -4.62 2.07 -9.55
N ALA A 76 -5.50 1.08 -9.30
CA ALA A 76 -6.78 1.27 -8.61
C ALA A 76 -6.58 1.73 -7.15
N LEU A 77 -5.56 1.15 -6.51
CA LEU A 77 -5.22 1.44 -5.10
C LEU A 77 -4.58 2.85 -4.98
N GLU A 78 -3.76 3.23 -5.97
CA GLU A 78 -3.14 4.58 -6.03
C GLU A 78 -4.22 5.66 -6.20
N ALA A 79 -5.18 5.39 -7.11
CA ALA A 79 -6.35 6.25 -7.35
C ALA A 79 -7.25 6.34 -6.10
N ALA A 80 -7.29 5.23 -5.36
CA ALA A 80 -8.10 5.10 -4.14
C ALA A 80 -7.57 6.00 -3.00
N LEU A 81 -6.24 6.07 -2.82
CA LEU A 81 -5.62 6.95 -1.80
C LEU A 81 -5.81 8.45 -2.13
N GLN A 82 -6.02 8.75 -3.42
CA GLN A 82 -6.23 10.14 -3.90
C GLN A 82 -7.70 10.59 -3.73
N PHE A 83 -8.61 9.65 -3.39
CA PHE A 83 -10.04 9.95 -3.16
C PHE A 83 -10.47 9.45 -1.75
N GLU A 84 -11.02 10.36 -0.95
CA GLU A 84 -11.30 10.17 0.49
C GLU A 84 -12.22 8.96 0.79
N ASP A 85 -13.27 8.79 -0.02
CA ASP A 85 -14.24 7.68 0.13
C ASP A 85 -13.56 6.32 -0.04
N THR A 86 -12.59 6.28 -0.95
CA THR A 86 -11.89 5.05 -1.33
C THR A 86 -10.54 4.87 -0.58
N ARG A 87 -10.09 5.88 0.20
CA ARG A 87 -8.78 5.81 0.92
C ARG A 87 -8.97 5.19 2.32
N GLU A 88 -10.19 5.34 2.86
CA GLU A 88 -10.51 4.97 4.24
C GLU A 88 -10.64 3.46 4.45
N SER A 89 -10.96 2.74 3.36
CA SER A 89 -10.96 1.26 3.36
C SER A 89 -9.50 0.74 3.39
N MET A 90 -8.55 1.58 2.92
CA MET A 90 -7.11 1.23 2.86
C MET A 90 -6.45 1.28 4.24
N HIS A 91 -7.20 1.81 5.23
CA HIS A 91 -6.84 1.74 6.66
C HIS A 91 -6.97 0.29 7.18
N ALA A 92 -7.70 -0.56 6.42
CA ALA A 92 -7.78 -2.01 6.65
C ALA A 92 -6.66 -2.75 5.89
N PHE A 93 -6.33 -2.27 4.68
CA PHE A 93 -5.32 -2.91 3.79
C PHE A 93 -3.87 -2.55 4.18
N CYS A 94 -3.71 -1.52 5.03
CA CYS A 94 -2.38 -1.07 5.49
C CYS A 94 -1.75 -2.12 6.43
N VAL A 95 -0.80 -2.90 5.89
CA VAL A 95 -0.07 -3.94 6.64
C VAL A 95 1.02 -3.30 7.54
N GLY A 96 1.35 -2.03 7.26
CA GLY A 96 2.31 -1.26 8.05
C GLY A 96 2.69 0.04 7.37
N GLN A 97 3.69 0.74 7.93
CA GLN A 97 4.27 1.96 7.36
C GLN A 97 5.56 1.59 6.64
N TYR A 98 5.91 2.34 5.59
CA TYR A 98 7.15 2.13 4.84
C TYR A 98 8.31 2.89 5.49
N LEU A 99 9.53 2.37 5.29
CA LEU A 99 10.77 3.01 5.70
C LEU A 99 11.86 2.65 4.67
N GLU A 100 12.45 3.68 4.04
CA GLU A 100 13.59 3.52 3.13
C GLU A 100 14.85 3.17 3.95
N PRO A 101 15.61 2.08 3.58
CA PRO A 101 16.88 1.70 4.26
C PRO A 101 17.89 2.89 4.33
N ASP A 102 17.85 3.77 3.30
CA ASP A 102 18.70 5.00 3.23
C ASP A 102 18.18 6.10 4.16
N GLN A 103 16.83 6.16 4.32
CA GLN A 103 16.18 7.16 5.20
C GLN A 103 16.60 6.94 6.66
N GLU A 104 16.87 5.68 7.01
CA GLU A 104 17.54 5.34 8.28
C GLU A 104 19.02 5.78 8.18
N GLY A 105 19.33 6.96 8.75
CA GLY A 105 20.68 7.53 8.71
C GLY A 105 20.76 8.81 9.52
N VAL A 106 21.88 9.51 9.36
CA VAL A 106 22.14 10.79 10.03
C VAL A 106 21.29 11.92 9.42
N THR A 107 20.90 12.90 10.26
CA THR A 107 20.25 14.14 9.82
C THR A 107 21.29 15.28 9.88
N ILE A 108 21.43 16.03 8.78
CA ILE A 108 22.34 17.18 8.71
C ILE A 108 21.61 18.45 9.21
N PRO A 109 22.12 19.13 10.29
CA PRO A 109 21.59 20.44 10.72
C PRO A 109 21.76 21.52 9.63
N ASP A 110 20.65 21.83 8.93
CA ASP A 110 20.62 22.79 7.83
C ASP A 110 20.68 24.22 8.40
N LEU A 111 21.92 24.69 8.62
CA LEU A 111 22.22 26.02 9.17
C LEU A 111 21.96 27.10 8.10
N GLY A 112 22.31 26.76 6.85
CA GLY A 112 22.23 27.67 5.71
C GLY A 112 23.62 28.00 5.16
N GLU A 21 -2.99 2.74 15.73
CA GLU A 21 -2.24 3.81 16.44
C GLU A 21 -0.80 3.81 15.92
N LYS A 22 -0.01 2.78 16.31
CA LYS A 22 1.38 2.61 15.84
C LYS A 22 1.39 2.11 14.39
N VAL A 23 2.43 2.51 13.63
CA VAL A 23 2.60 2.11 12.24
C VAL A 23 3.77 1.11 12.14
N THR A 24 3.54 -0.02 11.45
CA THR A 24 4.52 -1.11 11.32
C THR A 24 5.54 -0.77 10.23
N LEU A 25 6.83 -0.66 10.61
CA LEU A 25 7.89 -0.34 9.66
C LEU A 25 8.26 -1.60 8.84
N VAL A 26 7.72 -1.64 7.62
CA VAL A 26 8.00 -2.70 6.65
C VAL A 26 9.16 -2.23 5.77
N ARG A 27 10.28 -2.94 5.90
CA ARG A 27 11.53 -2.60 5.21
C ARG A 27 11.56 -3.20 3.81
N ILE A 28 12.63 -2.88 3.05
CA ILE A 28 12.88 -3.45 1.71
C ILE A 28 12.95 -4.99 1.78
N ALA A 29 13.54 -5.49 2.86
CA ALA A 29 13.70 -6.94 3.12
C ALA A 29 12.34 -7.63 3.30
N ASP A 30 11.42 -6.94 4.01
CA ASP A 30 10.06 -7.46 4.29
C ASP A 30 9.18 -7.36 3.03
N LEU A 31 9.34 -6.26 2.28
CA LEU A 31 8.53 -5.97 1.07
C LEU A 31 8.84 -6.99 -0.04
N GLU A 32 10.16 -7.17 -0.32
CA GLU A 32 10.66 -8.05 -1.40
C GLU A 32 10.32 -9.53 -1.14
N ASN A 33 10.62 -10.00 0.09
CA ASN A 33 10.42 -11.42 0.46
C ASN A 33 8.93 -11.80 0.48
N HIS A 34 8.09 -10.97 1.14
CA HIS A 34 6.64 -11.25 1.27
C HIS A 34 5.96 -11.24 -0.11
N ASN A 35 6.43 -10.32 -0.99
CA ASN A 35 5.96 -10.22 -2.39
C ASN A 35 6.35 -11.49 -3.17
N ASN A 36 7.57 -11.97 -2.91
CA ASN A 36 8.14 -13.17 -3.56
C ASN A 36 7.37 -14.46 -3.14
N ASP A 37 6.81 -14.47 -1.91
CA ASP A 37 5.96 -15.58 -1.42
C ASP A 37 4.65 -15.71 -2.23
N GLY A 38 4.24 -14.60 -2.87
CA GLY A 38 3.00 -14.52 -3.64
C GLY A 38 2.11 -13.42 -3.12
N GLY A 39 2.27 -13.10 -1.83
CA GLY A 39 1.56 -12.00 -1.19
C GLY A 39 2.03 -10.65 -1.70
N PHE A 40 1.41 -10.16 -2.77
CA PHE A 40 1.86 -8.96 -3.48
C PHE A 40 1.53 -7.73 -2.62
N TRP A 41 2.59 -7.09 -2.13
CA TRP A 41 2.51 -5.80 -1.44
C TRP A 41 3.02 -4.71 -2.38
N THR A 42 2.58 -3.47 -2.15
CA THR A 42 3.01 -2.30 -2.93
C THR A 42 3.45 -1.19 -1.97
N VAL A 43 4.22 -0.22 -2.47
CA VAL A 43 4.58 0.99 -1.72
C VAL A 43 4.00 2.22 -2.42
N ILE A 44 2.98 2.84 -1.79
CA ILE A 44 2.29 4.05 -2.27
C ILE A 44 2.14 5.00 -1.07
N ASP A 45 2.46 6.30 -1.27
CA ASP A 45 2.36 7.36 -0.23
C ASP A 45 3.33 7.07 0.95
N GLY A 46 4.45 6.38 0.62
CA GLY A 46 5.42 5.90 1.62
C GLY A 46 4.86 4.86 2.58
N LYS A 47 3.74 4.23 2.19
CA LYS A 47 3.04 3.20 2.97
C LYS A 47 3.08 1.88 2.19
N VAL A 48 3.03 0.76 2.91
CA VAL A 48 2.93 -0.57 2.30
C VAL A 48 1.48 -1.07 2.41
N TYR A 49 0.87 -1.39 1.25
CA TYR A 49 -0.51 -1.88 1.15
C TYR A 49 -0.53 -3.33 0.62
N ASP A 50 -1.60 -4.07 0.95
CA ASP A 50 -1.80 -5.45 0.50
C ASP A 50 -2.66 -5.47 -0.77
N ILE A 51 -2.00 -5.76 -1.90
CA ILE A 51 -2.63 -5.76 -3.25
C ILE A 51 -3.51 -7.01 -3.47
N LYS A 52 -3.04 -8.19 -3.00
CA LYS A 52 -3.76 -9.46 -3.28
C LYS A 52 -5.12 -9.47 -2.55
N ASP A 53 -5.19 -8.82 -1.38
CA ASP A 53 -6.44 -8.70 -0.61
C ASP A 53 -7.37 -7.69 -1.30
N PHE A 54 -6.75 -6.60 -1.83
CA PHE A 54 -7.45 -5.50 -2.54
C PHE A 54 -8.32 -6.06 -3.68
N GLN A 55 -7.70 -6.85 -4.57
CA GLN A 55 -8.37 -7.41 -5.76
C GLN A 55 -9.41 -8.49 -5.41
N THR A 56 -9.21 -9.19 -4.27
CA THR A 56 -10.21 -10.16 -3.74
C THR A 56 -11.44 -9.41 -3.16
N GLN A 57 -11.20 -8.21 -2.58
CA GLN A 57 -12.28 -7.31 -2.13
C GLN A 57 -13.02 -6.74 -3.36
N SER A 58 -12.26 -6.49 -4.46
CA SER A 58 -12.82 -5.97 -5.73
C SER A 58 -13.77 -7.01 -6.38
N LEU A 59 -13.51 -8.30 -6.08
CA LEU A 59 -14.37 -9.43 -6.48
C LEU A 59 -15.76 -9.27 -5.85
N THR A 60 -15.78 -8.91 -4.55
CA THR A 60 -17.01 -8.66 -3.80
C THR A 60 -17.73 -7.40 -4.35
N GLU A 61 -18.97 -7.60 -4.81
CA GLU A 61 -19.80 -6.54 -5.42
C GLU A 61 -20.17 -5.45 -4.40
N ASN A 62 -20.30 -5.88 -3.12
CA ASN A 62 -20.67 -5.01 -1.98
C ASN A 62 -19.54 -4.01 -1.63
N SER A 63 -18.31 -4.30 -2.09
CA SER A 63 -17.14 -3.44 -1.81
C SER A 63 -17.17 -2.17 -2.69
N ILE A 64 -16.54 -1.11 -2.16
CA ILE A 64 -16.29 0.14 -2.91
C ILE A 64 -15.38 -0.15 -4.14
N LEU A 65 -14.55 -1.21 -4.02
CA LEU A 65 -13.58 -1.61 -5.05
C LEU A 65 -14.24 -2.33 -6.24
N ALA A 66 -15.58 -2.48 -6.20
CA ALA A 66 -16.39 -3.00 -7.33
C ALA A 66 -16.26 -2.07 -8.57
N GLN A 67 -16.06 -0.75 -8.31
CA GLN A 67 -15.82 0.25 -9.37
C GLN A 67 -14.39 0.12 -9.93
N PHE A 68 -13.46 -0.41 -9.10
CA PHE A 68 -12.04 -0.61 -9.45
C PHE A 68 -11.79 -2.03 -10.01
N ALA A 69 -12.83 -2.88 -9.97
CA ALA A 69 -12.78 -4.23 -10.57
C ALA A 69 -12.65 -4.11 -12.11
N GLY A 70 -11.43 -4.37 -12.61
CA GLY A 70 -11.10 -4.20 -14.04
C GLY A 70 -9.86 -3.34 -14.20
N GLU A 71 -9.69 -2.39 -13.28
CA GLU A 71 -8.50 -1.52 -13.22
C GLU A 71 -7.33 -2.31 -12.60
N ASP A 72 -6.08 -1.94 -12.98
CA ASP A 72 -4.85 -2.47 -12.35
C ASP A 72 -4.92 -2.20 -10.83
N PRO A 73 -4.70 -3.24 -9.96
CA PRO A 73 -4.94 -3.13 -8.50
C PRO A 73 -4.12 -2.00 -7.81
N VAL A 74 -2.91 -1.72 -8.33
CA VAL A 74 -2.02 -0.65 -7.78
C VAL A 74 -2.55 0.73 -8.20
N VAL A 75 -2.81 0.88 -9.52
CA VAL A 75 -3.38 2.12 -10.13
C VAL A 75 -4.74 2.49 -9.48
N ALA A 76 -5.50 1.43 -9.14
CA ALA A 76 -6.82 1.52 -8.53
C ALA A 76 -6.71 1.94 -7.05
N LEU A 77 -5.65 1.47 -6.38
CA LEU A 77 -5.38 1.78 -4.97
C LEU A 77 -4.95 3.24 -4.81
N GLU A 78 -4.20 3.75 -5.81
CA GLU A 78 -3.79 5.17 -5.88
C GLU A 78 -5.02 6.08 -6.09
N ALA A 79 -5.94 5.61 -6.95
CA ALA A 79 -7.22 6.29 -7.23
C ALA A 79 -8.14 6.24 -5.98
N ALA A 80 -8.01 5.14 -5.21
CA ALA A 80 -8.77 4.95 -3.97
C ALA A 80 -8.26 5.90 -2.87
N LEU A 81 -6.94 6.07 -2.79
CA LEU A 81 -6.29 7.06 -1.88
C LEU A 81 -6.67 8.49 -2.28
N GLN A 82 -6.78 8.73 -3.60
CA GLN A 82 -7.13 10.03 -4.18
C GLN A 82 -8.57 10.45 -3.79
N PHE A 83 -9.49 9.45 -3.75
CA PHE A 83 -10.91 9.70 -3.47
C PHE A 83 -11.20 9.48 -1.98
N GLU A 84 -11.90 10.45 -1.37
CA GLU A 84 -12.07 10.55 0.10
C GLU A 84 -12.88 9.38 0.71
N ASP A 85 -13.90 8.92 -0.02
CA ASP A 85 -14.79 7.84 0.44
C ASP A 85 -14.10 6.48 0.38
N THR A 86 -13.20 6.31 -0.60
CA THR A 86 -12.57 5.01 -0.89
C THR A 86 -11.21 4.80 -0.18
N ARG A 87 -10.65 5.88 0.43
CA ARG A 87 -9.30 5.83 1.08
C ARG A 87 -9.32 5.16 2.46
N GLU A 88 -10.52 5.00 3.04
CA GLU A 88 -10.70 4.42 4.39
C GLU A 88 -10.55 2.88 4.38
N SER A 89 -10.82 2.25 3.23
CA SER A 89 -10.55 0.81 3.03
C SER A 89 -9.04 0.57 2.86
N MET A 90 -8.33 1.58 2.31
CA MET A 90 -6.87 1.53 2.12
C MET A 90 -6.15 1.47 3.48
N HIS A 91 -6.82 2.01 4.52
CA HIS A 91 -6.35 1.94 5.92
C HIS A 91 -6.21 0.47 6.38
N ALA A 92 -7.15 -0.37 5.92
CA ALA A 92 -7.16 -1.82 6.23
C ALA A 92 -6.09 -2.58 5.41
N PHE A 93 -5.80 -2.12 4.18
CA PHE A 93 -4.74 -2.74 3.34
C PHE A 93 -3.35 -2.28 3.79
N CYS A 94 -3.28 -1.10 4.44
CA CYS A 94 -2.02 -0.53 4.94
C CYS A 94 -1.53 -1.38 6.12
N VAL A 95 -0.64 -2.33 5.82
CA VAL A 95 0.00 -3.19 6.83
C VAL A 95 1.01 -2.37 7.66
N GLY A 96 1.48 -1.25 7.07
CA GLY A 96 2.36 -0.31 7.77
C GLY A 96 2.96 0.74 6.83
N GLN A 97 4.05 1.37 7.29
CA GLN A 97 4.84 2.36 6.51
C GLN A 97 6.04 1.65 5.88
N TYR A 98 6.44 2.09 4.69
CA TYR A 98 7.66 1.60 4.05
C TYR A 98 8.88 2.31 4.63
N LEU A 99 9.66 1.56 5.41
CA LEU A 99 10.94 2.03 5.95
C LEU A 99 12.06 1.63 4.99
N GLU A 100 12.71 2.62 4.38
CA GLU A 100 13.88 2.41 3.51
C GLU A 100 15.12 2.21 4.43
N PRO A 101 16.08 1.26 4.10
CA PRO A 101 17.31 1.00 4.90
C PRO A 101 17.99 2.27 5.50
N ASP A 102 18.24 3.27 4.63
CA ASP A 102 18.96 4.52 5.01
C ASP A 102 17.99 5.72 5.21
N GLN A 103 16.71 5.42 5.50
CA GLN A 103 15.69 6.46 5.82
C GLN A 103 15.82 6.87 7.31
N GLU A 104 16.32 5.94 8.13
CA GLU A 104 16.57 6.16 9.57
C GLU A 104 17.75 7.14 9.74
N GLY A 105 17.41 8.42 9.93
CA GLY A 105 18.38 9.50 9.99
C GLY A 105 18.18 10.50 8.86
N VAL A 106 16.89 10.78 8.53
CA VAL A 106 16.51 11.72 7.46
C VAL A 106 17.03 13.15 7.76
N THR A 107 17.80 13.73 6.82
CA THR A 107 18.37 15.06 7.00
C THR A 107 17.29 16.15 6.77
N ILE A 108 17.12 17.03 7.76
CA ILE A 108 16.21 18.17 7.71
C ILE A 108 17.08 19.46 7.68
N PRO A 109 17.40 20.01 6.47
CA PRO A 109 18.23 21.22 6.35
C PRO A 109 17.42 22.49 6.67
N ASP A 110 17.39 22.83 7.96
CA ASP A 110 16.71 24.03 8.46
C ASP A 110 17.61 25.27 8.28
N LEU A 111 17.43 25.97 7.15
CA LEU A 111 18.09 27.26 6.89
C LEU A 111 17.38 28.38 7.69
N GLY A 112 16.16 28.08 8.17
CA GLY A 112 15.41 28.95 9.07
C GLY A 112 14.58 29.99 8.32
N GLU A 21 -2.88 2.76 15.96
CA GLU A 21 -2.05 3.90 16.38
C GLU A 21 -0.56 3.58 16.16
N LYS A 22 -0.09 2.48 16.78
CA LYS A 22 1.28 1.96 16.52
C LYS A 22 1.34 1.39 15.10
N VAL A 23 2.52 1.36 14.50
CA VAL A 23 2.69 0.97 13.09
C VAL A 23 3.85 -0.04 12.93
N THR A 24 3.73 -0.89 11.92
CA THR A 24 4.77 -1.84 11.53
C THR A 24 5.67 -1.18 10.48
N LEU A 25 6.95 -0.96 10.84
CA LEU A 25 7.93 -0.40 9.90
C LEU A 25 8.43 -1.49 8.95
N VAL A 26 8.03 -1.37 7.68
CA VAL A 26 8.33 -2.33 6.63
C VAL A 26 9.62 -1.92 5.94
N ARG A 27 10.63 -2.80 6.00
CA ARG A 27 11.94 -2.56 5.40
C ARG A 27 11.91 -2.86 3.89
N ILE A 28 12.90 -2.34 3.15
CA ILE A 28 13.01 -2.48 1.69
C ILE A 28 13.11 -3.97 1.25
N ALA A 29 13.82 -4.78 2.07
CA ALA A 29 14.01 -6.22 1.81
C ALA A 29 12.72 -7.03 2.09
N ASP A 30 11.91 -6.56 3.07
CA ASP A 30 10.68 -7.27 3.51
C ASP A 30 9.70 -7.44 2.33
N LEU A 31 9.57 -6.35 1.55
CA LEU A 31 8.74 -6.30 0.33
C LEU A 31 9.08 -7.45 -0.64
N GLU A 32 10.40 -7.69 -0.82
CA GLU A 32 10.93 -8.68 -1.77
C GLU A 32 10.68 -10.13 -1.28
N ASN A 33 10.79 -10.35 0.05
CA ASN A 33 10.54 -11.67 0.68
C ASN A 33 9.04 -12.02 0.61
N HIS A 34 8.19 -11.01 0.85
CA HIS A 34 6.72 -11.15 0.77
C HIS A 34 6.29 -11.44 -0.67
N ASN A 35 6.93 -10.74 -1.63
CA ASN A 35 6.70 -10.94 -3.07
C ASN A 35 7.02 -12.41 -3.46
N ASN A 36 8.11 -12.93 -2.88
CA ASN A 36 8.57 -14.31 -3.10
C ASN A 36 7.61 -15.34 -2.44
N ASP A 37 6.98 -14.92 -1.32
CA ASP A 37 6.00 -15.74 -0.57
C ASP A 37 4.65 -15.81 -1.31
N GLY A 38 4.34 -14.74 -2.06
CA GLY A 38 3.03 -14.57 -2.70
C GLY A 38 2.24 -13.42 -2.07
N GLY A 39 2.78 -12.87 -0.96
CA GLY A 39 2.24 -11.65 -0.34
C GLY A 39 2.61 -10.41 -1.13
N PHE A 40 1.82 -10.11 -2.18
CA PHE A 40 2.15 -9.03 -3.12
C PHE A 40 1.85 -7.67 -2.45
N TRP A 41 2.93 -6.96 -2.09
CA TRP A 41 2.88 -5.66 -1.41
C TRP A 41 3.37 -4.54 -2.33
N THR A 42 3.02 -3.29 -1.99
CA THR A 42 3.34 -2.09 -2.76
C THR A 42 3.48 -0.90 -1.80
N VAL A 43 4.41 0.02 -2.11
CA VAL A 43 4.64 1.24 -1.32
C VAL A 43 4.20 2.48 -2.11
N ILE A 44 3.22 3.20 -1.56
CA ILE A 44 2.69 4.44 -2.16
C ILE A 44 2.73 5.57 -1.10
N ASP A 45 3.68 6.50 -1.28
CA ASP A 45 3.91 7.67 -0.39
C ASP A 45 4.12 7.23 1.09
N GLY A 46 5.12 6.33 1.27
CA GLY A 46 5.53 5.86 2.61
C GLY A 46 4.52 4.96 3.31
N LYS A 47 3.47 4.56 2.58
CA LYS A 47 2.39 3.70 3.12
C LYS A 47 2.38 2.38 2.34
N VAL A 48 2.48 1.26 3.06
CA VAL A 48 2.49 -0.08 2.45
C VAL A 48 1.10 -0.69 2.49
N TYR A 49 0.64 -1.14 1.31
CA TYR A 49 -0.65 -1.84 1.13
C TYR A 49 -0.41 -3.14 0.38
N ASP A 50 -1.38 -4.06 0.43
CA ASP A 50 -1.39 -5.28 -0.39
C ASP A 50 -2.17 -5.04 -1.70
N ILE A 51 -1.90 -5.89 -2.67
CA ILE A 51 -2.61 -5.94 -3.96
C ILE A 51 -3.41 -7.25 -4.05
N LYS A 52 -2.92 -8.30 -3.36
CA LYS A 52 -3.49 -9.67 -3.45
C LYS A 52 -4.88 -9.77 -2.79
N ASP A 53 -5.01 -9.26 -1.55
CA ASP A 53 -6.30 -9.26 -0.81
C ASP A 53 -7.22 -8.19 -1.39
N PHE A 54 -6.60 -7.05 -1.79
CA PHE A 54 -7.26 -5.91 -2.45
C PHE A 54 -8.13 -6.35 -3.66
N GLN A 55 -7.49 -7.07 -4.60
CA GLN A 55 -8.16 -7.56 -5.83
C GLN A 55 -9.23 -8.63 -5.51
N THR A 56 -9.03 -9.36 -4.38
CA THR A 56 -10.02 -10.31 -3.84
C THR A 56 -11.26 -9.57 -3.29
N GLN A 57 -11.07 -8.33 -2.76
CA GLN A 57 -12.18 -7.50 -2.24
C GLN A 57 -12.99 -6.87 -3.40
N SER A 58 -12.35 -6.77 -4.59
CA SER A 58 -13.04 -6.34 -5.83
C SER A 58 -14.05 -7.40 -6.31
N LEU A 59 -13.89 -8.65 -5.80
CA LEU A 59 -14.84 -9.76 -6.03
C LEU A 59 -16.18 -9.50 -5.30
N THR A 60 -16.14 -8.70 -4.23
CA THR A 60 -17.34 -8.35 -3.46
C THR A 60 -18.00 -7.12 -4.11
N GLU A 61 -19.23 -7.30 -4.60
CA GLU A 61 -19.98 -6.24 -5.32
C GLU A 61 -20.36 -5.08 -4.37
N ASN A 62 -20.52 -5.38 -3.06
CA ASN A 62 -20.74 -4.36 -2.03
C ASN A 62 -19.37 -3.89 -1.48
N SER A 63 -18.59 -3.29 -2.39
CA SER A 63 -17.25 -2.73 -2.12
C SER A 63 -17.05 -1.51 -3.02
N ILE A 64 -16.21 -0.58 -2.56
CA ILE A 64 -15.74 0.56 -3.38
C ILE A 64 -14.96 0.06 -4.63
N LEU A 65 -14.38 -1.15 -4.51
CA LEU A 65 -13.50 -1.76 -5.54
C LEU A 65 -14.32 -2.48 -6.63
N ALA A 66 -15.65 -2.45 -6.52
CA ALA A 66 -16.57 -3.04 -7.52
C ALA A 66 -16.65 -2.14 -8.78
N GLN A 67 -16.47 -0.81 -8.58
CA GLN A 67 -16.37 0.17 -9.69
C GLN A 67 -14.91 0.27 -10.21
N PHE A 68 -13.99 -0.42 -9.51
CA PHE A 68 -12.58 -0.55 -9.91
C PHE A 68 -12.28 -1.99 -10.39
N ALA A 69 -13.34 -2.82 -10.50
CA ALA A 69 -13.23 -4.20 -11.00
C ALA A 69 -12.94 -4.20 -12.51
N GLY A 70 -11.87 -4.90 -12.93
CA GLY A 70 -11.39 -4.87 -14.33
C GLY A 70 -10.19 -3.95 -14.49
N GLU A 71 -10.15 -2.87 -13.68
CA GLU A 71 -9.05 -1.90 -13.64
C GLU A 71 -7.84 -2.50 -12.91
N ASP A 72 -6.64 -2.02 -13.27
CA ASP A 72 -5.37 -2.40 -12.63
C ASP A 72 -5.45 -2.12 -11.11
N PRO A 73 -5.19 -3.14 -10.24
CA PRO A 73 -5.40 -3.02 -8.76
C PRO A 73 -4.45 -2.01 -8.08
N VAL A 74 -3.29 -1.74 -8.68
CA VAL A 74 -2.33 -0.75 -8.16
C VAL A 74 -2.87 0.66 -8.44
N VAL A 75 -3.30 0.88 -9.69
CA VAL A 75 -3.89 2.15 -10.16
C VAL A 75 -5.23 2.43 -9.44
N ALA A 76 -5.96 1.34 -9.15
CA ALA A 76 -7.25 1.39 -8.43
C ALA A 76 -7.02 1.75 -6.95
N LEU A 77 -5.90 1.24 -6.40
CA LEU A 77 -5.46 1.53 -5.03
C LEU A 77 -5.02 3.00 -4.91
N GLU A 78 -4.28 3.49 -5.92
CA GLU A 78 -3.79 4.89 -5.97
C GLU A 78 -4.97 5.86 -6.11
N ALA A 79 -5.94 5.50 -6.97
CA ALA A 79 -7.19 6.27 -7.17
C ALA A 79 -8.00 6.30 -5.87
N ALA A 80 -7.98 5.17 -5.13
CA ALA A 80 -8.65 5.03 -3.84
C ALA A 80 -8.00 5.94 -2.78
N LEU A 81 -6.66 5.98 -2.78
CA LEU A 81 -5.86 6.79 -1.84
C LEU A 81 -6.03 8.30 -2.08
N GLN A 82 -6.23 8.67 -3.36
CA GLN A 82 -6.35 10.09 -3.78
C GLN A 82 -7.81 10.57 -3.73
N PHE A 83 -8.74 9.71 -3.28
CA PHE A 83 -10.18 10.05 -3.20
C PHE A 83 -10.71 9.70 -1.79
N GLU A 84 -11.33 10.71 -1.14
CA GLU A 84 -11.72 10.68 0.30
C GLU A 84 -12.67 9.52 0.66
N ASP A 85 -13.62 9.22 -0.23
CA ASP A 85 -14.66 8.19 0.00
C ASP A 85 -14.06 6.78 -0.06
N THR A 86 -13.02 6.62 -0.87
CA THR A 86 -12.41 5.32 -1.15
C THR A 86 -11.10 5.07 -0.36
N ARG A 87 -10.59 6.10 0.36
CA ARG A 87 -9.37 5.94 1.21
C ARG A 87 -9.74 5.44 2.62
N GLU A 88 -11.04 5.21 2.85
CA GLU A 88 -11.59 4.72 4.12
C GLU A 88 -11.24 3.23 4.33
N SER A 89 -11.51 2.42 3.30
CA SER A 89 -11.26 0.96 3.31
C SER A 89 -9.74 0.65 3.24
N MET A 90 -8.96 1.65 2.79
CA MET A 90 -7.49 1.54 2.67
C MET A 90 -6.80 1.35 4.04
N HIS A 91 -7.49 1.75 5.12
CA HIS A 91 -7.02 1.56 6.51
C HIS A 91 -6.83 0.06 6.82
N ALA A 92 -7.69 -0.79 6.23
CA ALA A 92 -7.60 -2.25 6.37
C ALA A 92 -6.37 -2.80 5.63
N PHE A 93 -6.15 -2.33 4.39
CA PHE A 93 -5.02 -2.76 3.53
C PHE A 93 -3.69 -2.16 4.02
N CYS A 94 -3.77 -1.11 4.88
CA CYS A 94 -2.60 -0.45 5.48
C CYS A 94 -1.94 -1.39 6.50
N VAL A 95 -1.03 -2.23 6.00
CA VAL A 95 -0.32 -3.26 6.80
C VAL A 95 0.79 -2.63 7.67
N GLY A 96 1.30 -1.48 7.21
CA GLY A 96 2.35 -0.76 7.91
C GLY A 96 2.88 0.43 7.10
N GLN A 97 3.82 1.16 7.71
CA GLN A 97 4.48 2.31 7.07
C GLN A 97 5.83 1.85 6.53
N TYR A 98 6.15 2.23 5.29
CA TYR A 98 7.47 1.98 4.71
C TYR A 98 8.50 2.90 5.36
N LEU A 99 9.58 2.29 5.81
CA LEU A 99 10.69 2.98 6.44
C LEU A 99 11.97 2.47 5.80
N GLU A 100 12.81 3.39 5.32
CA GLU A 100 14.07 3.10 4.65
C GLU A 100 15.19 2.84 5.69
N PRO A 101 16.11 1.85 5.44
CA PRO A 101 17.23 1.53 6.37
C PRO A 101 18.14 2.76 6.62
N ASP A 102 18.29 3.56 5.55
CA ASP A 102 19.03 4.83 5.56
C ASP A 102 18.26 5.89 6.37
N GLN A 103 16.92 5.91 6.23
CA GLN A 103 16.04 6.90 6.87
C GLN A 103 16.01 6.74 8.40
N GLU A 104 16.16 5.49 8.88
CA GLU A 104 16.21 5.18 10.32
C GLU A 104 17.49 5.79 10.92
N GLY A 105 18.62 5.52 10.25
CA GLY A 105 19.93 5.98 10.68
C GLY A 105 20.13 7.48 10.56
N VAL A 106 19.59 8.07 9.49
CA VAL A 106 19.76 9.50 9.17
C VAL A 106 18.53 10.04 8.42
N THR A 107 18.08 11.24 8.82
CA THR A 107 17.04 12.00 8.13
C THR A 107 17.70 13.16 7.38
N ILE A 108 17.45 13.23 6.08
CA ILE A 108 18.07 14.23 5.18
C ILE A 108 17.49 15.63 5.48
N PRO A 109 18.36 16.67 5.72
CA PRO A 109 17.92 18.06 5.93
C PRO A 109 17.23 18.66 4.69
N ASP A 110 16.63 19.84 4.87
CA ASP A 110 15.96 20.60 3.79
C ASP A 110 16.97 21.50 3.02
N LEU A 111 18.27 21.12 3.07
CA LEU A 111 19.36 21.82 2.37
C LEU A 111 19.37 21.37 0.88
N GLY A 112 18.56 22.08 0.09
CA GLY A 112 18.45 21.85 -1.36
C GLY A 112 17.43 22.79 -2.01
N GLU A 21 1.08 5.97 18.53
CA GLU A 21 0.86 5.07 17.39
C GLU A 21 2.18 4.40 17.01
N LYS A 22 2.24 3.06 17.09
CA LYS A 22 3.35 2.26 16.56
C LYS A 22 3.06 1.90 15.10
N VAL A 23 3.60 2.69 14.15
CA VAL A 23 3.47 2.40 12.72
C VAL A 23 4.57 1.40 12.30
N THR A 24 4.16 0.26 11.71
CA THR A 24 5.07 -0.80 11.30
C THR A 24 5.94 -0.33 10.12
N LEU A 25 7.24 -0.11 10.39
CA LEU A 25 8.20 0.29 9.36
C LEU A 25 8.62 -0.96 8.57
N VAL A 26 8.02 -1.11 7.38
CA VAL A 26 8.27 -2.24 6.48
C VAL A 26 9.34 -1.80 5.48
N ARG A 27 10.49 -2.48 5.51
CA ARG A 27 11.62 -2.18 4.64
C ARG A 27 11.61 -3.08 3.39
N ILE A 28 12.52 -2.79 2.44
CA ILE A 28 12.58 -3.48 1.14
C ILE A 28 12.82 -4.99 1.30
N ALA A 29 13.65 -5.36 2.31
CA ALA A 29 13.98 -6.77 2.64
C ALA A 29 12.69 -7.58 2.88
N ASP A 30 11.77 -6.98 3.64
CA ASP A 30 10.49 -7.60 4.01
C ASP A 30 9.64 -7.85 2.75
N LEU A 31 9.60 -6.83 1.86
CA LEU A 31 8.82 -6.86 0.60
C LEU A 31 9.28 -8.00 -0.32
N GLU A 32 10.62 -8.21 -0.42
CA GLU A 32 11.21 -9.19 -1.37
C GLU A 32 10.79 -10.63 -1.01
N ASN A 33 10.95 -10.99 0.26
CA ASN A 33 10.63 -12.35 0.77
C ASN A 33 9.12 -12.59 0.83
N HIS A 34 8.35 -11.52 1.14
CA HIS A 34 6.88 -11.60 1.29
C HIS A 34 6.20 -11.79 -0.09
N ASN A 35 6.80 -11.16 -1.11
CA ASN A 35 6.35 -11.25 -2.51
C ASN A 35 6.55 -12.67 -3.05
N ASN A 36 7.68 -13.30 -2.67
CA ASN A 36 8.05 -14.68 -3.08
C ASN A 36 7.01 -15.71 -2.56
N ASP A 37 6.42 -15.42 -1.39
CA ASP A 37 5.35 -16.27 -0.81
C ASP A 37 4.07 -16.23 -1.68
N GLY A 38 3.82 -15.07 -2.30
CA GLY A 38 2.62 -14.82 -3.10
C GLY A 38 1.85 -13.62 -2.59
N GLY A 39 2.13 -13.22 -1.33
CA GLY A 39 1.57 -12.00 -0.75
C GLY A 39 2.12 -10.74 -1.42
N PHE A 40 1.45 -10.31 -2.49
CA PHE A 40 1.90 -9.18 -3.32
C PHE A 40 1.59 -7.85 -2.60
N TRP A 41 2.65 -7.20 -2.11
CA TRP A 41 2.58 -5.86 -1.49
C TRP A 41 3.14 -4.81 -2.45
N THR A 42 2.87 -3.54 -2.13
CA THR A 42 3.36 -2.38 -2.88
C THR A 42 3.70 -1.23 -1.92
N VAL A 43 4.52 -0.29 -2.39
CA VAL A 43 4.79 0.98 -1.68
C VAL A 43 4.25 2.16 -2.51
N ILE A 44 3.20 2.81 -1.96
CA ILE A 44 2.58 4.02 -2.53
C ILE A 44 2.37 5.03 -1.38
N ASP A 45 2.69 6.32 -1.64
CA ASP A 45 2.57 7.43 -0.64
C ASP A 45 3.52 7.19 0.58
N GLY A 46 4.64 6.48 0.30
CA GLY A 46 5.60 6.07 1.33
C GLY A 46 5.01 5.09 2.34
N LYS A 47 3.95 4.36 1.92
CA LYS A 47 3.20 3.41 2.77
C LYS A 47 3.18 2.05 2.08
N VAL A 48 3.06 0.98 2.85
CA VAL A 48 2.93 -0.39 2.31
C VAL A 48 1.47 -0.86 2.42
N TYR A 49 0.94 -1.42 1.32
CA TYR A 49 -0.44 -1.93 1.24
C TYR A 49 -0.43 -3.38 0.71
N ASP A 50 -1.46 -4.16 1.09
CA ASP A 50 -1.63 -5.54 0.61
C ASP A 50 -2.53 -5.53 -0.65
N ILE A 51 -1.92 -5.75 -1.82
CA ILE A 51 -2.61 -5.78 -3.12
C ILE A 51 -3.24 -7.15 -3.41
N LYS A 52 -2.61 -8.21 -2.86
CA LYS A 52 -3.12 -9.60 -2.99
C LYS A 52 -4.55 -9.65 -2.38
N ASP A 53 -4.69 -9.09 -1.17
CA ASP A 53 -5.98 -9.00 -0.46
C ASP A 53 -6.92 -8.01 -1.17
N PHE A 54 -6.35 -6.87 -1.63
CA PHE A 54 -7.09 -5.76 -2.29
C PHE A 54 -7.95 -6.25 -3.46
N GLN A 55 -7.29 -6.95 -4.41
CA GLN A 55 -7.93 -7.44 -5.64
C GLN A 55 -8.99 -8.53 -5.35
N THR A 56 -8.80 -9.27 -4.23
CA THR A 56 -9.79 -10.24 -3.74
C THR A 56 -11.07 -9.49 -3.27
N GLN A 57 -10.88 -8.31 -2.65
CA GLN A 57 -11.99 -7.43 -2.22
C GLN A 57 -12.61 -6.69 -3.43
N SER A 58 -11.81 -6.52 -4.50
CA SER A 58 -12.25 -5.89 -5.77
C SER A 58 -13.10 -6.86 -6.60
N LEU A 59 -12.98 -8.17 -6.31
CA LEU A 59 -13.74 -9.23 -6.98
C LEU A 59 -15.20 -9.23 -6.48
N THR A 60 -15.42 -8.70 -5.24
CA THR A 60 -16.73 -8.65 -4.58
C THR A 60 -17.79 -7.85 -5.41
N GLU A 61 -19.03 -8.41 -5.47
CA GLU A 61 -20.19 -7.83 -6.21
C GLU A 61 -20.47 -6.36 -5.80
N ASN A 62 -20.46 -6.12 -4.46
CA ASN A 62 -20.69 -4.80 -3.86
C ASN A 62 -19.44 -4.41 -3.08
N SER A 63 -18.75 -3.40 -3.58
CA SER A 63 -17.51 -2.87 -2.99
C SER A 63 -17.26 -1.48 -3.59
N ILE A 64 -16.48 -0.65 -2.89
CA ILE A 64 -15.91 0.58 -3.47
C ILE A 64 -14.93 0.22 -4.60
N LEU A 65 -14.38 -1.01 -4.52
CA LEU A 65 -13.43 -1.57 -5.48
C LEU A 65 -14.14 -2.35 -6.60
N ALA A 66 -15.48 -2.45 -6.51
CA ALA A 66 -16.32 -3.09 -7.56
C ALA A 66 -16.37 -2.21 -8.82
N GLN A 67 -16.30 -0.88 -8.62
CA GLN A 67 -16.17 0.11 -9.72
C GLN A 67 -14.73 0.12 -10.26
N PHE A 68 -13.77 -0.30 -9.42
CA PHE A 68 -12.33 -0.35 -9.76
C PHE A 68 -11.90 -1.76 -10.24
N ALA A 69 -12.88 -2.66 -10.42
CA ALA A 69 -12.64 -4.06 -10.81
C ALA A 69 -12.12 -4.18 -12.27
N GLY A 70 -12.42 -3.15 -13.10
CA GLY A 70 -11.95 -3.10 -14.49
C GLY A 70 -10.60 -2.40 -14.64
N GLU A 71 -9.92 -2.16 -13.50
CA GLU A 71 -8.62 -1.46 -13.44
C GLU A 71 -7.59 -2.32 -12.69
N ASP A 72 -6.29 -2.07 -12.97
CA ASP A 72 -5.16 -2.66 -12.22
C ASP A 72 -5.32 -2.33 -10.71
N PRO A 73 -5.24 -3.35 -9.79
CA PRO A 73 -5.51 -3.15 -8.33
C PRO A 73 -4.58 -2.11 -7.66
N VAL A 74 -3.35 -1.98 -8.15
CA VAL A 74 -2.37 -1.03 -7.58
C VAL A 74 -2.71 0.42 -8.00
N VAL A 75 -3.15 0.58 -9.26
CA VAL A 75 -3.61 1.89 -9.79
C VAL A 75 -4.94 2.30 -9.13
N ALA A 76 -5.81 1.30 -8.94
CA ALA A 76 -7.12 1.42 -8.32
C ALA A 76 -7.00 1.84 -6.84
N LEU A 77 -5.93 1.36 -6.21
CA LEU A 77 -5.56 1.70 -4.82
C LEU A 77 -5.30 3.21 -4.69
N GLU A 78 -4.55 3.78 -5.68
CA GLU A 78 -4.17 5.22 -5.70
C GLU A 78 -5.41 6.11 -5.84
N ALA A 79 -6.35 5.69 -6.70
CA ALA A 79 -7.65 6.36 -6.90
C ALA A 79 -8.47 6.35 -5.60
N ALA A 80 -8.39 5.20 -4.90
CA ALA A 80 -9.09 4.97 -3.63
C ALA A 80 -8.42 5.72 -2.46
N LEU A 81 -7.09 5.98 -2.58
CA LEU A 81 -6.33 6.79 -1.61
C LEU A 81 -6.71 8.27 -1.74
N GLN A 82 -6.89 8.70 -3.00
CA GLN A 82 -7.22 10.09 -3.35
C GLN A 82 -8.62 10.47 -2.87
N PHE A 83 -9.61 9.57 -3.08
CA PHE A 83 -11.01 9.84 -2.73
C PHE A 83 -11.26 9.49 -1.25
N GLU A 84 -11.89 10.43 -0.53
CA GLU A 84 -12.08 10.37 0.94
C GLU A 84 -13.00 9.22 1.39
N ASP A 85 -14.09 9.00 0.65
CA ASP A 85 -15.11 7.98 0.99
C ASP A 85 -14.55 6.55 0.83
N THR A 86 -13.56 6.40 -0.05
CA THR A 86 -12.96 5.10 -0.35
C THR A 86 -11.73 4.80 0.55
N ARG A 87 -10.96 5.84 0.93
CA ARG A 87 -9.65 5.69 1.65
C ARG A 87 -9.81 5.12 3.07
N GLU A 88 -11.06 5.12 3.59
CA GLU A 88 -11.40 4.47 4.88
C GLU A 88 -11.05 2.97 4.86
N SER A 89 -11.24 2.33 3.69
CA SER A 89 -10.91 0.91 3.48
C SER A 89 -9.40 0.73 3.29
N MET A 90 -8.76 1.71 2.63
CA MET A 90 -7.28 1.76 2.44
C MET A 90 -6.55 1.99 3.78
N HIS A 91 -7.29 2.55 4.74
CA HIS A 91 -6.85 2.73 6.13
C HIS A 91 -6.70 1.36 6.82
N ALA A 92 -7.39 0.33 6.28
CA ALA A 92 -7.25 -1.08 6.71
C ALA A 92 -6.19 -1.82 5.85
N PHE A 93 -6.03 -1.41 4.57
CA PHE A 93 -5.07 -2.05 3.63
C PHE A 93 -3.61 -1.64 3.95
N CYS A 94 -3.44 -0.49 4.62
CA CYS A 94 -2.11 0.03 5.01
C CYS A 94 -1.49 -0.86 6.10
N VAL A 95 -0.59 -1.74 5.68
CA VAL A 95 0.17 -2.64 6.58
C VAL A 95 1.12 -1.83 7.48
N GLY A 96 1.60 -0.71 6.94
CA GLY A 96 2.44 0.21 7.69
C GLY A 96 3.02 1.29 6.80
N GLN A 97 4.10 1.92 7.27
CA GLN A 97 4.83 2.94 6.52
C GLN A 97 6.12 2.30 5.97
N TYR A 98 6.42 2.53 4.70
CA TYR A 98 7.64 2.03 4.07
C TYR A 98 8.85 2.86 4.52
N LEU A 99 9.90 2.16 4.93
CA LEU A 99 11.20 2.74 5.26
C LEU A 99 12.26 2.09 4.37
N GLU A 100 13.16 2.91 3.80
CA GLU A 100 14.32 2.41 3.06
C GLU A 100 15.46 2.15 4.07
N PRO A 101 16.21 1.00 3.93
CA PRO A 101 17.39 0.69 4.77
C PRO A 101 18.51 1.76 4.65
N ASP A 102 18.50 2.49 3.51
CA ASP A 102 19.43 3.60 3.23
C ASP A 102 18.92 4.92 3.85
N GLN A 103 17.58 5.12 3.81
CA GLN A 103 16.91 6.38 4.22
C GLN A 103 17.14 6.66 5.71
N GLU A 104 17.03 5.61 6.53
CA GLU A 104 17.26 5.67 8.00
C GLU A 104 18.70 6.13 8.31
N GLY A 105 19.67 5.65 7.51
CA GLY A 105 21.08 5.99 7.69
C GLY A 105 21.47 7.23 6.89
N VAL A 106 21.11 8.41 7.42
CA VAL A 106 21.48 9.70 6.81
C VAL A 106 21.77 10.74 7.91
N THR A 107 22.83 11.53 7.71
CA THR A 107 23.18 12.68 8.54
C THR A 107 23.33 13.91 7.63
N ILE A 108 22.73 15.03 8.04
CA ILE A 108 22.81 16.30 7.31
C ILE A 108 23.93 17.17 7.93
N PRO A 109 25.03 17.50 7.16
CA PRO A 109 26.06 18.48 7.60
C PRO A 109 25.45 19.87 7.86
N ASP A 110 26.10 20.68 8.73
CA ASP A 110 25.58 21.99 9.17
C ASP A 110 25.45 22.97 7.96
N LEU A 111 24.20 23.32 7.64
CA LEU A 111 23.87 24.29 6.58
C LEU A 111 22.36 24.62 6.71
N GLY A 112 22.06 25.80 7.27
CA GLY A 112 20.70 26.33 7.35
C GLY A 112 20.36 27.22 6.15
N GLU A 21 -0.24 7.36 16.33
CA GLU A 21 0.28 6.27 17.18
C GLU A 21 1.51 5.62 16.50
N LYS A 22 2.00 4.50 17.07
CA LYS A 22 3.09 3.71 16.46
C LYS A 22 2.61 3.00 15.19
N VAL A 23 3.48 3.03 14.17
CA VAL A 23 3.22 2.39 12.86
C VAL A 23 4.29 1.33 12.60
N THR A 24 3.87 0.19 12.01
CA THR A 24 4.77 -0.89 11.64
C THR A 24 5.63 -0.46 10.43
N LEU A 25 6.93 -0.21 10.70
CA LEU A 25 7.90 0.16 9.66
C LEU A 25 8.39 -1.11 8.96
N VAL A 26 8.12 -1.19 7.67
CA VAL A 26 8.42 -2.36 6.85
C VAL A 26 9.80 -2.18 6.23
N ARG A 27 10.68 -3.17 6.46
CA ARG A 27 12.04 -3.20 5.91
C ARG A 27 11.94 -3.39 4.39
N ILE A 28 12.94 -2.91 3.64
CA ILE A 28 12.97 -3.05 2.16
C ILE A 28 12.98 -4.54 1.77
N ALA A 29 13.83 -5.33 2.46
CA ALA A 29 13.97 -6.78 2.22
C ALA A 29 12.71 -7.53 2.66
N ASP A 30 12.05 -7.00 3.70
CA ASP A 30 10.79 -7.55 4.22
C ASP A 30 9.66 -7.32 3.18
N LEU A 31 9.70 -6.16 2.51
CA LEU A 31 8.77 -5.81 1.43
C LEU A 31 8.99 -6.75 0.22
N GLU A 32 10.25 -6.86 -0.21
CA GLU A 32 10.64 -7.57 -1.45
C GLU A 32 10.34 -9.08 -1.38
N ASN A 33 10.82 -9.75 -0.33
CA ASN A 33 10.72 -11.23 -0.20
C ASN A 33 9.29 -11.68 0.17
N HIS A 34 8.54 -10.83 0.91
CA HIS A 34 7.13 -11.13 1.26
C HIS A 34 6.24 -10.99 0.01
N ASN A 35 6.58 -9.99 -0.83
CA ASN A 35 5.93 -9.76 -2.14
C ASN A 35 6.22 -10.97 -3.07
N ASN A 36 7.49 -11.43 -3.01
CA ASN A 36 8.01 -12.59 -3.77
C ASN A 36 7.40 -13.91 -3.27
N ASP A 37 6.99 -13.95 -2.00
CA ASP A 37 6.38 -15.14 -1.36
C ASP A 37 5.00 -15.46 -1.97
N GLY A 38 4.26 -14.41 -2.36
CA GLY A 38 2.88 -14.54 -2.84
C GLY A 38 1.95 -13.59 -2.11
N GLY A 39 2.34 -13.22 -0.86
CA GLY A 39 1.69 -12.12 -0.14
C GLY A 39 2.07 -10.80 -0.79
N PHE A 40 1.37 -10.46 -1.89
CA PHE A 40 1.79 -9.40 -2.81
C PHE A 40 1.56 -8.04 -2.16
N TRP A 41 2.67 -7.34 -1.88
CA TRP A 41 2.69 -5.99 -1.31
C TRP A 41 3.09 -4.96 -2.38
N THR A 42 2.95 -3.68 -2.00
CA THR A 42 3.26 -2.53 -2.87
C THR A 42 3.54 -1.29 -1.98
N VAL A 43 4.51 -0.46 -2.40
CA VAL A 43 4.82 0.81 -1.72
C VAL A 43 4.26 1.99 -2.53
N ILE A 44 3.26 2.69 -1.96
CA ILE A 44 2.65 3.90 -2.57
C ILE A 44 2.66 5.04 -1.51
N ASP A 45 3.35 6.14 -1.85
CA ASP A 45 3.45 7.38 -1.03
C ASP A 45 4.14 7.08 0.32
N GLY A 46 5.19 6.22 0.26
CA GLY A 46 5.98 5.84 1.43
C GLY A 46 5.24 4.93 2.40
N LYS A 47 4.12 4.34 1.94
CA LYS A 47 3.28 3.41 2.73
C LYS A 47 3.25 2.05 2.04
N VAL A 48 3.14 0.97 2.83
CA VAL A 48 3.05 -0.39 2.29
C VAL A 48 1.60 -0.91 2.44
N TYR A 49 1.01 -1.25 1.30
CA TYR A 49 -0.31 -1.88 1.20
C TYR A 49 -0.15 -3.25 0.54
N ASP A 50 -1.23 -4.04 0.55
CA ASP A 50 -1.30 -5.29 -0.23
C ASP A 50 -2.12 -5.07 -1.51
N ILE A 51 -1.90 -5.97 -2.47
CA ILE A 51 -2.74 -6.12 -3.67
C ILE A 51 -3.44 -7.49 -3.64
N LYS A 52 -2.88 -8.44 -2.86
CA LYS A 52 -3.40 -9.83 -2.80
C LYS A 52 -4.81 -9.89 -2.13
N ASP A 53 -4.92 -9.40 -0.89
CA ASP A 53 -6.22 -9.36 -0.18
C ASP A 53 -7.16 -8.36 -0.89
N PHE A 54 -6.57 -7.25 -1.38
CA PHE A 54 -7.25 -6.16 -2.11
C PHE A 54 -8.06 -6.67 -3.33
N GLN A 55 -7.39 -7.46 -4.18
CA GLN A 55 -7.99 -7.98 -5.43
C GLN A 55 -9.09 -9.02 -5.13
N THR A 56 -8.96 -9.71 -3.97
CA THR A 56 -10.00 -10.64 -3.48
C THR A 56 -11.26 -9.86 -3.03
N GLN A 57 -11.03 -8.66 -2.46
CA GLN A 57 -12.11 -7.77 -1.98
C GLN A 57 -12.90 -7.11 -3.14
N SER A 58 -12.28 -7.01 -4.33
CA SER A 58 -12.96 -6.47 -5.53
C SER A 58 -13.89 -7.52 -6.18
N LEU A 59 -13.86 -8.77 -5.68
CA LEU A 59 -14.87 -9.81 -6.03
C LEU A 59 -16.19 -9.59 -5.26
N THR A 60 -16.23 -8.58 -4.37
CA THR A 60 -17.48 -8.12 -3.77
C THR A 60 -18.23 -7.27 -4.82
N GLU A 61 -19.44 -7.71 -5.19
CA GLU A 61 -20.27 -7.02 -6.19
C GLU A 61 -20.66 -5.58 -5.75
N ASN A 62 -20.91 -5.40 -4.45
CA ASN A 62 -21.21 -4.09 -3.86
C ASN A 62 -20.04 -3.68 -2.96
N SER A 63 -19.03 -3.04 -3.57
CA SER A 63 -17.80 -2.58 -2.89
C SER A 63 -17.30 -1.29 -3.53
N ILE A 64 -16.40 -0.58 -2.84
CA ILE A 64 -15.69 0.60 -3.41
C ILE A 64 -14.71 0.16 -4.53
N LEU A 65 -14.37 -1.14 -4.55
CA LEU A 65 -13.42 -1.73 -5.52
C LEU A 65 -14.15 -2.34 -6.71
N ALA A 66 -15.49 -2.45 -6.63
CA ALA A 66 -16.34 -2.96 -7.74
C ALA A 66 -16.35 -2.00 -8.94
N GLN A 67 -16.25 -0.69 -8.62
CA GLN A 67 -16.15 0.40 -9.63
C GLN A 67 -14.72 0.47 -10.23
N PHE A 68 -13.74 -0.09 -9.50
CA PHE A 68 -12.32 -0.10 -9.88
C PHE A 68 -11.88 -1.51 -10.35
N ALA A 69 -12.85 -2.44 -10.47
CA ALA A 69 -12.57 -3.85 -10.83
C ALA A 69 -11.99 -3.98 -12.25
N GLY A 70 -12.52 -3.15 -13.17
CA GLY A 70 -12.06 -3.13 -14.57
C GLY A 70 -10.75 -2.36 -14.77
N GLU A 71 -10.28 -1.67 -13.72
CA GLU A 71 -8.98 -0.96 -13.74
C GLU A 71 -7.90 -1.87 -13.12
N ASP A 72 -6.63 -1.61 -13.50
CA ASP A 72 -5.43 -2.25 -12.90
C ASP A 72 -5.48 -2.17 -11.35
N PRO A 73 -5.26 -3.30 -10.59
CA PRO A 73 -5.46 -3.33 -9.11
C PRO A 73 -4.55 -2.35 -8.34
N VAL A 74 -3.32 -2.12 -8.84
CA VAL A 74 -2.36 -1.22 -8.17
C VAL A 74 -2.77 0.26 -8.40
N VAL A 75 -3.21 0.55 -9.64
CA VAL A 75 -3.74 1.89 -10.03
C VAL A 75 -5.10 2.15 -9.34
N ALA A 76 -5.85 1.08 -9.12
CA ALA A 76 -7.17 1.09 -8.46
C ALA A 76 -7.01 1.43 -6.97
N LEU A 77 -5.92 0.92 -6.38
CA LEU A 77 -5.53 1.18 -5.00
C LEU A 77 -5.17 2.68 -4.85
N GLU A 78 -4.43 3.24 -5.83
CA GLU A 78 -4.03 4.67 -5.85
C GLU A 78 -5.26 5.58 -5.95
N ALA A 79 -6.23 5.18 -6.79
CA ALA A 79 -7.49 5.91 -6.99
C ALA A 79 -8.34 5.88 -5.70
N ALA A 80 -8.23 4.76 -4.98
CA ALA A 80 -8.91 4.55 -3.70
C ALA A 80 -8.18 5.30 -2.56
N LEU A 81 -6.86 5.52 -2.71
CA LEU A 81 -6.07 6.36 -1.78
C LEU A 81 -6.36 7.86 -2.01
N GLN A 82 -6.67 8.19 -3.27
CA GLN A 82 -6.90 9.57 -3.71
C GLN A 82 -8.27 10.08 -3.22
N PHE A 83 -9.31 9.24 -3.39
CA PHE A 83 -10.70 9.63 -3.08
C PHE A 83 -10.98 9.48 -1.56
N GLU A 84 -11.69 10.47 -1.00
CA GLU A 84 -11.89 10.65 0.46
C GLU A 84 -12.72 9.51 1.10
N ASP A 85 -13.74 9.05 0.37
CA ASP A 85 -14.63 7.96 0.83
C ASP A 85 -13.85 6.64 0.95
N THR A 86 -13.03 6.38 -0.07
CA THR A 86 -12.37 5.09 -0.27
C THR A 86 -11.08 4.95 0.59
N ARG A 87 -10.41 6.08 0.90
CA ARG A 87 -9.09 6.09 1.59
C ARG A 87 -9.19 5.52 3.01
N GLU A 88 -10.37 5.63 3.62
CA GLU A 88 -10.62 5.18 5.01
C GLU A 88 -10.85 3.65 5.04
N SER A 89 -11.25 3.09 3.89
CA SER A 89 -11.33 1.63 3.68
C SER A 89 -9.94 1.06 3.35
N MET A 90 -9.07 1.89 2.74
CA MET A 90 -7.65 1.54 2.43
C MET A 90 -6.82 1.30 3.71
N HIS A 91 -7.36 1.78 4.85
CA HIS A 91 -6.80 1.57 6.20
C HIS A 91 -6.67 0.06 6.53
N ALA A 92 -7.62 -0.74 6.01
CA ALA A 92 -7.61 -2.22 6.16
C ALA A 92 -6.43 -2.84 5.40
N PHE A 93 -6.11 -2.27 4.23
CA PHE A 93 -5.03 -2.77 3.35
C PHE A 93 -3.66 -2.19 3.74
N CYS A 94 -3.68 -1.15 4.61
CA CYS A 94 -2.46 -0.54 5.15
C CYS A 94 -1.79 -1.49 6.15
N VAL A 95 -0.85 -2.31 5.63
CA VAL A 95 -0.13 -3.31 6.44
C VAL A 95 1.07 -2.66 7.18
N GLY A 96 1.40 -1.41 6.77
CA GLY A 96 2.40 -0.60 7.47
C GLY A 96 2.85 0.60 6.65
N GLN A 97 3.91 1.26 7.13
CA GLN A 97 4.61 2.35 6.43
C GLN A 97 5.96 1.83 5.96
N TYR A 98 6.38 2.21 4.74
CA TYR A 98 7.68 1.81 4.19
C TYR A 98 8.82 2.54 4.90
N LEU A 99 9.88 1.79 5.22
CA LEU A 99 11.12 2.32 5.73
C LEU A 99 12.23 2.00 4.71
N GLU A 100 12.88 3.06 4.23
CA GLU A 100 14.04 2.98 3.35
C GLU A 100 15.27 2.52 4.17
N PRO A 101 16.09 1.52 3.67
CA PRO A 101 17.18 0.88 4.47
C PRO A 101 18.34 1.83 4.81
N ASP A 102 18.40 2.99 4.14
CA ASP A 102 19.47 3.97 4.33
C ASP A 102 18.96 5.16 5.17
N GLN A 103 17.62 5.32 5.25
CA GLN A 103 16.95 6.49 5.84
C GLN A 103 17.22 6.63 7.36
N GLU A 104 17.45 5.50 8.05
CA GLU A 104 17.69 5.50 9.51
C GLU A 104 19.12 5.97 9.88
N GLY A 105 19.96 6.27 8.85
CA GLY A 105 21.32 6.78 9.07
C GLY A 105 21.94 7.31 7.78
N VAL A 106 21.21 8.21 7.09
CA VAL A 106 21.66 8.79 5.81
C VAL A 106 22.46 10.09 6.03
N THR A 107 23.76 10.04 5.71
CA THR A 107 24.61 11.26 5.59
C THR A 107 24.70 11.64 4.10
N ILE A 108 24.89 12.94 3.81
CA ILE A 108 24.88 13.47 2.42
C ILE A 108 26.24 14.16 2.14
N PRO A 109 26.96 13.79 1.01
CA PRO A 109 28.20 14.51 0.58
C PRO A 109 27.89 15.96 0.16
N ASP A 110 28.76 16.91 0.56
CA ASP A 110 28.60 18.36 0.28
C ASP A 110 27.32 18.93 0.89
N LEU A 111 26.86 18.31 2.01
CA LEU A 111 25.67 18.76 2.75
C LEU A 111 25.93 20.14 3.38
N GLY A 112 27.14 20.29 3.94
CA GLY A 112 27.60 21.55 4.53
C GLY A 112 29.12 21.63 4.57
N GLU A 21 0.88 6.51 15.65
CA GLU A 21 1.97 6.80 16.61
C GLU A 21 3.01 5.67 16.57
N LYS A 22 2.57 4.43 16.84
CA LYS A 22 3.39 3.22 16.63
C LYS A 22 3.27 2.80 15.15
N VAL A 23 4.34 2.22 14.58
CA VAL A 23 4.38 1.92 13.15
C VAL A 23 5.23 0.66 12.85
N THR A 24 4.70 -0.19 11.95
CA THR A 24 5.44 -1.31 11.34
C THR A 24 6.26 -0.74 10.16
N LEU A 25 7.58 -0.68 10.33
CA LEU A 25 8.51 -0.15 9.31
C LEU A 25 9.01 -1.29 8.42
N VAL A 26 8.44 -1.38 7.22
CA VAL A 26 8.78 -2.41 6.23
C VAL A 26 9.87 -1.87 5.31
N ARG A 27 11.04 -2.50 5.35
CA ARG A 27 12.20 -2.16 4.52
C ARG A 27 12.06 -2.85 3.14
N ILE A 28 12.85 -2.41 2.15
CA ILE A 28 12.79 -2.91 0.76
C ILE A 28 12.85 -4.45 0.69
N ALA A 29 13.78 -5.05 1.46
CA ALA A 29 13.99 -6.51 1.47
C ALA A 29 12.72 -7.27 1.89
N ASP A 30 12.05 -6.78 2.95
CA ASP A 30 10.80 -7.37 3.47
C ASP A 30 9.66 -7.22 2.46
N LEU A 31 9.65 -6.09 1.74
CA LEU A 31 8.66 -5.81 0.68
C LEU A 31 8.81 -6.85 -0.47
N GLU A 32 10.08 -7.16 -0.84
CA GLU A 32 10.41 -8.05 -1.98
C GLU A 32 10.00 -9.50 -1.70
N ASN A 33 10.49 -10.05 -0.58
CA ASN A 33 10.31 -11.49 -0.24
C ASN A 33 8.86 -11.80 0.15
N HIS A 34 8.18 -10.85 0.83
CA HIS A 34 6.76 -11.03 1.24
C HIS A 34 5.84 -11.00 0.02
N ASN A 35 6.17 -10.14 -0.96
CA ASN A 35 5.44 -10.05 -2.25
C ASN A 35 5.42 -11.43 -2.94
N ASN A 36 6.57 -12.14 -2.87
CA ASN A 36 6.77 -13.46 -3.48
C ASN A 36 6.31 -14.60 -2.54
N ASP A 37 6.14 -14.29 -1.24
CA ASP A 37 5.67 -15.25 -0.21
C ASP A 37 4.20 -15.66 -0.48
N GLY A 38 3.44 -14.70 -1.04
CA GLY A 38 2.02 -14.90 -1.36
C GLY A 38 1.21 -13.66 -1.10
N GLY A 39 1.67 -12.85 -0.11
CA GLY A 39 1.07 -11.56 0.18
C GLY A 39 1.62 -10.51 -0.76
N PHE A 40 0.86 -10.20 -1.84
CA PHE A 40 1.34 -9.31 -2.90
C PHE A 40 1.32 -7.88 -2.35
N TRP A 41 2.50 -7.25 -2.29
CA TRP A 41 2.72 -5.98 -1.59
C TRP A 41 3.19 -4.88 -2.56
N THR A 42 2.91 -3.63 -2.17
CA THR A 42 3.33 -2.43 -2.89
C THR A 42 3.51 -1.26 -1.89
N VAL A 43 4.40 -0.31 -2.23
CA VAL A 43 4.51 0.96 -1.51
C VAL A 43 3.74 2.04 -2.27
N ILE A 44 2.72 2.61 -1.61
CA ILE A 44 1.89 3.72 -2.11
C ILE A 44 1.65 4.70 -0.95
N ASP A 45 1.86 6.01 -1.18
CA ASP A 45 1.66 7.08 -0.15
C ASP A 45 2.62 6.86 1.07
N GLY A 46 3.78 6.24 0.78
CA GLY A 46 4.77 5.87 1.80
C GLY A 46 4.34 4.71 2.69
N LYS A 47 3.15 4.14 2.42
CA LYS A 47 2.58 3.01 3.16
C LYS A 47 2.89 1.70 2.40
N VAL A 48 2.58 0.56 3.03
CA VAL A 48 2.64 -0.77 2.39
C VAL A 48 1.24 -1.38 2.43
N TYR A 49 0.67 -1.67 1.26
CA TYR A 49 -0.68 -2.26 1.14
C TYR A 49 -0.58 -3.69 0.59
N ASP A 50 -1.52 -4.56 1.01
CA ASP A 50 -1.63 -5.93 0.49
C ASP A 50 -2.60 -5.96 -0.70
N ILE A 51 -2.01 -5.95 -1.89
CA ILE A 51 -2.72 -6.07 -3.18
C ILE A 51 -3.47 -7.42 -3.31
N LYS A 52 -2.98 -8.48 -2.63
CA LYS A 52 -3.64 -9.80 -2.64
C LYS A 52 -5.10 -9.69 -2.11
N ASP A 53 -5.21 -9.08 -0.91
CA ASP A 53 -6.52 -8.84 -0.24
C ASP A 53 -7.36 -7.82 -1.04
N PHE A 54 -6.67 -6.77 -1.56
CA PHE A 54 -7.27 -5.74 -2.44
C PHE A 54 -8.07 -6.39 -3.59
N GLN A 55 -7.45 -7.37 -4.24
CA GLN A 55 -8.05 -8.09 -5.37
C GLN A 55 -9.18 -9.02 -4.94
N THR A 56 -9.07 -9.57 -3.73
CA THR A 56 -10.17 -10.37 -3.11
C THR A 56 -11.42 -9.48 -2.91
N GLN A 57 -11.20 -8.21 -2.54
CA GLN A 57 -12.27 -7.23 -2.33
C GLN A 57 -12.81 -6.66 -3.68
N SER A 58 -11.97 -6.66 -4.74
CA SER A 58 -12.41 -6.24 -6.10
C SER A 58 -13.05 -7.43 -6.86
N LEU A 59 -12.94 -8.64 -6.27
CA LEU A 59 -13.57 -9.87 -6.79
C LEU A 59 -15.08 -9.84 -6.46
N THR A 60 -15.41 -9.41 -5.21
CA THR A 60 -16.80 -9.40 -4.71
C THR A 60 -17.63 -8.25 -5.31
N GLU A 61 -18.96 -8.42 -5.28
CA GLU A 61 -19.94 -7.54 -5.96
C GLU A 61 -19.98 -6.16 -5.28
N ASN A 62 -20.59 -6.11 -4.08
CA ASN A 62 -20.77 -4.85 -3.35
C ASN A 62 -19.52 -4.58 -2.49
N SER A 63 -18.66 -3.68 -3.02
CA SER A 63 -17.38 -3.30 -2.42
C SER A 63 -16.99 -1.89 -2.90
N ILE A 64 -16.03 -1.29 -2.19
CA ILE A 64 -15.42 0.00 -2.58
C ILE A 64 -14.57 -0.13 -3.88
N LEU A 65 -14.19 -1.39 -4.21
CA LEU A 65 -13.30 -1.70 -5.34
C LEU A 65 -14.06 -2.27 -6.55
N ALA A 66 -15.40 -2.28 -6.47
CA ALA A 66 -16.26 -2.67 -7.62
C ALA A 66 -16.25 -1.55 -8.69
N GLN A 67 -16.01 -0.30 -8.25
CA GLN A 67 -15.83 0.87 -9.13
C GLN A 67 -14.40 0.94 -9.72
N PHE A 68 -13.51 0.01 -9.27
CA PHE A 68 -12.12 -0.12 -9.76
C PHE A 68 -11.91 -1.49 -10.45
N ALA A 69 -13.02 -2.23 -10.66
CA ALA A 69 -13.00 -3.58 -11.27
C ALA A 69 -12.62 -3.50 -12.77
N GLY A 70 -11.36 -3.86 -13.09
CA GLY A 70 -10.82 -3.77 -14.45
C GLY A 70 -9.51 -3.00 -14.46
N GLU A 71 -9.45 -1.95 -13.63
CA GLU A 71 -8.26 -1.08 -13.47
C GLU A 71 -7.13 -1.85 -12.75
N ASP A 72 -5.87 -1.53 -13.12
CA ASP A 72 -4.66 -2.13 -12.49
C ASP A 72 -4.71 -2.00 -10.96
N PRO A 73 -4.46 -3.12 -10.19
CA PRO A 73 -4.56 -3.14 -8.69
C PRO A 73 -3.87 -1.95 -7.99
N VAL A 74 -2.63 -1.66 -8.42
CA VAL A 74 -1.76 -0.66 -7.78
C VAL A 74 -2.24 0.78 -8.11
N VAL A 75 -2.58 1.00 -9.40
CA VAL A 75 -3.09 2.30 -9.90
C VAL A 75 -4.48 2.62 -9.29
N ALA A 76 -5.29 1.56 -9.16
CA ALA A 76 -6.67 1.63 -8.62
C ALA A 76 -6.67 2.02 -7.14
N LEU A 77 -5.62 1.59 -6.44
CA LEU A 77 -5.41 1.89 -5.01
C LEU A 77 -5.02 3.38 -4.84
N GLU A 78 -4.23 3.92 -5.79
CA GLU A 78 -3.85 5.35 -5.80
C GLU A 78 -5.08 6.23 -6.09
N ALA A 79 -5.93 5.76 -7.03
CA ALA A 79 -7.22 6.38 -7.37
C ALA A 79 -8.18 6.32 -6.18
N ALA A 80 -8.05 5.23 -5.39
CA ALA A 80 -8.82 5.02 -4.15
C ALA A 80 -8.33 5.96 -3.03
N LEU A 81 -7.02 6.24 -2.98
CA LEU A 81 -6.44 7.18 -2.00
C LEU A 81 -6.75 8.65 -2.36
N GLN A 82 -7.01 8.89 -3.66
CA GLN A 82 -7.47 10.18 -4.16
C GLN A 82 -8.95 10.40 -3.79
N PHE A 83 -9.74 9.32 -3.91
CA PHE A 83 -11.18 9.34 -3.59
C PHE A 83 -11.38 9.19 -2.06
N GLU A 84 -11.91 10.27 -1.44
CA GLU A 84 -12.04 10.40 0.03
C GLU A 84 -12.86 9.25 0.67
N ASP A 85 -13.84 8.75 -0.08
CA ASP A 85 -14.73 7.68 0.37
C ASP A 85 -13.98 6.33 0.53
N THR A 86 -13.08 6.03 -0.41
CA THR A 86 -12.41 4.72 -0.52
C THR A 86 -11.02 4.70 0.18
N ARG A 87 -10.43 5.89 0.44
CA ARG A 87 -9.07 6.01 1.05
C ARG A 87 -9.09 5.62 2.53
N GLU A 88 -10.21 5.95 3.20
CA GLU A 88 -10.39 5.76 4.64
C GLU A 88 -10.51 4.27 5.00
N SER A 89 -10.98 3.46 4.01
CA SER A 89 -11.12 2.01 4.16
C SER A 89 -9.77 1.29 3.95
N MET A 90 -8.78 2.00 3.34
CA MET A 90 -7.43 1.45 3.06
C MET A 90 -6.57 1.31 4.34
N HIS A 91 -7.15 1.68 5.51
CA HIS A 91 -6.55 1.44 6.83
C HIS A 91 -6.40 -0.07 7.10
N ALA A 92 -7.36 -0.87 6.57
CA ALA A 92 -7.37 -2.34 6.71
C ALA A 92 -6.37 -3.00 5.75
N PHE A 93 -6.03 -2.29 4.65
CA PHE A 93 -5.13 -2.80 3.61
C PHE A 93 -3.66 -2.42 3.92
N CYS A 94 -3.45 -1.32 4.70
CA CYS A 94 -2.11 -0.86 5.07
C CYS A 94 -1.56 -1.69 6.24
N VAL A 95 -0.59 -2.57 5.91
CA VAL A 95 0.08 -3.43 6.90
C VAL A 95 1.09 -2.61 7.73
N GLY A 96 1.64 -1.55 7.12
CA GLY A 96 2.56 -0.64 7.81
C GLY A 96 3.01 0.51 6.93
N GLN A 97 4.06 1.23 7.37
CA GLN A 97 4.74 2.26 6.55
C GLN A 97 6.00 1.65 5.95
N TYR A 98 6.27 1.96 4.69
CA TYR A 98 7.51 1.60 4.00
C TYR A 98 8.65 2.53 4.41
N LEU A 99 9.69 1.96 5.01
CA LEU A 99 10.93 2.68 5.28
C LEU A 99 11.95 2.29 4.18
N GLU A 100 12.32 3.28 3.35
CA GLU A 100 13.37 3.09 2.33
C GLU A 100 14.76 3.23 3.01
N PRO A 101 15.70 2.25 2.78
CA PRO A 101 17.06 2.27 3.40
C PRO A 101 17.84 3.59 3.17
N ASP A 102 17.60 4.22 1.99
CA ASP A 102 18.20 5.51 1.60
C ASP A 102 17.70 6.63 2.52
N GLN A 103 16.38 6.65 2.77
CA GLN A 103 15.71 7.65 3.64
C GLN A 103 16.30 7.65 5.07
N GLU A 104 16.68 6.45 5.52
CA GLU A 104 17.29 6.23 6.83
C GLU A 104 18.78 6.62 6.83
N GLY A 105 19.47 6.27 5.73
CA GLY A 105 20.92 6.50 5.60
C GLY A 105 21.29 7.98 5.49
N VAL A 106 20.81 8.62 4.41
CA VAL A 106 21.00 10.06 4.16
C VAL A 106 19.95 10.56 3.16
N THR A 107 19.36 11.73 3.46
CA THR A 107 18.44 12.44 2.57
C THR A 107 19.08 13.79 2.16
N ILE A 108 19.20 14.03 0.84
CA ILE A 108 19.79 15.26 0.30
C ILE A 108 18.68 16.33 0.09
N PRO A 109 18.77 17.51 0.79
CA PRO A 109 17.84 18.63 0.57
C PRO A 109 18.32 19.58 -0.56
N ASP A 110 17.72 19.43 -1.74
CA ASP A 110 18.04 20.27 -2.93
C ASP A 110 17.47 21.70 -2.78
N LEU A 111 18.26 22.71 -3.18
CA LEU A 111 17.83 24.12 -3.18
C LEU A 111 17.21 24.47 -4.57
N GLY A 112 17.84 23.94 -5.63
CA GLY A 112 17.42 24.21 -7.01
C GLY A 112 18.61 24.56 -7.92
N GLU A 21 -3.98 0.91 14.68
CA GLU A 21 -3.38 0.30 15.89
C GLU A 21 -1.91 0.67 16.00
N LYS A 22 -1.10 0.18 15.05
CA LYS A 22 0.36 0.36 15.05
C LYS A 22 0.82 0.91 13.69
N VAL A 23 2.12 1.21 13.62
CA VAL A 23 2.81 1.55 12.39
C VAL A 23 4.01 0.59 12.23
N THR A 24 3.76 -0.52 11.50
CA THR A 24 4.78 -1.52 11.20
C THR A 24 5.77 -0.95 10.18
N LEU A 25 7.00 -0.65 10.63
CA LEU A 25 8.05 -0.11 9.77
C LEU A 25 8.66 -1.24 8.94
N VAL A 26 8.22 -1.30 7.67
CA VAL A 26 8.63 -2.34 6.71
C VAL A 26 9.80 -1.79 5.88
N ARG A 27 10.82 -2.63 5.67
CA ARG A 27 12.05 -2.26 4.93
C ARG A 27 12.03 -2.94 3.54
N ILE A 28 12.92 -2.50 2.64
CA ILE A 28 12.94 -2.89 1.22
C ILE A 28 12.99 -4.43 1.01
N ALA A 29 13.80 -5.15 1.81
CA ALA A 29 13.94 -6.61 1.70
C ALA A 29 12.67 -7.33 2.17
N ASP A 30 11.99 -6.78 3.21
CA ASP A 30 10.73 -7.35 3.75
C ASP A 30 9.61 -7.31 2.69
N LEU A 31 9.65 -6.26 1.84
CA LEU A 31 8.75 -6.12 0.68
C LEU A 31 8.97 -7.29 -0.31
N GLU A 32 10.24 -7.41 -0.76
CA GLU A 32 10.64 -8.38 -1.81
C GLU A 32 10.40 -9.83 -1.36
N ASN A 33 10.71 -10.10 -0.08
CA ASN A 33 10.63 -11.45 0.51
C ASN A 33 9.17 -11.88 0.73
N HIS A 34 8.30 -10.93 1.13
CA HIS A 34 6.86 -11.20 1.34
C HIS A 34 6.15 -11.35 -0.02
N ASN A 35 6.58 -10.52 -0.99
CA ASN A 35 5.98 -10.41 -2.34
C ASN A 35 6.23 -11.69 -3.15
N ASN A 36 7.51 -12.10 -3.17
CA ASN A 36 7.98 -13.30 -3.89
C ASN A 36 7.44 -14.58 -3.22
N ASP A 37 7.20 -14.52 -1.89
CA ASP A 37 6.65 -15.65 -1.10
C ASP A 37 5.18 -15.93 -1.49
N GLY A 38 4.48 -14.91 -2.02
CA GLY A 38 3.11 -15.05 -2.54
C GLY A 38 2.20 -13.88 -2.20
N GLY A 39 2.49 -13.19 -1.09
CA GLY A 39 1.70 -12.05 -0.63
C GLY A 39 2.20 -10.77 -1.28
N PHE A 40 1.48 -10.25 -2.29
CA PHE A 40 1.99 -9.17 -3.14
C PHE A 40 1.93 -7.84 -2.36
N TRP A 41 3.12 -7.34 -1.97
CA TRP A 41 3.27 -6.06 -1.24
C TRP A 41 3.87 -4.99 -2.16
N THR A 42 3.33 -3.78 -2.04
CA THR A 42 3.84 -2.59 -2.76
C THR A 42 3.67 -1.35 -1.86
N VAL A 43 4.48 -0.32 -2.11
CA VAL A 43 4.48 0.92 -1.32
C VAL A 43 3.88 2.07 -2.14
N ILE A 44 2.77 2.63 -1.64
CA ILE A 44 2.12 3.82 -2.20
C ILE A 44 1.95 4.87 -1.08
N ASP A 45 2.43 6.11 -1.35
CA ASP A 45 2.32 7.28 -0.42
C ASP A 45 3.10 7.01 0.91
N GLY A 46 4.18 6.21 0.79
CA GLY A 46 5.04 5.86 1.94
C GLY A 46 4.45 4.76 2.84
N LYS A 47 3.26 4.24 2.46
CA LYS A 47 2.56 3.18 3.21
C LYS A 47 2.61 1.86 2.42
N VAL A 48 2.61 0.73 3.13
CA VAL A 48 2.66 -0.62 2.55
C VAL A 48 1.24 -1.22 2.51
N TYR A 49 0.88 -1.82 1.36
CA TYR A 49 -0.45 -2.43 1.12
C TYR A 49 -0.28 -3.81 0.47
N ASP A 50 -1.30 -4.68 0.60
CA ASP A 50 -1.33 -5.99 -0.08
C ASP A 50 -2.33 -5.95 -1.24
N ILE A 51 -1.82 -6.10 -2.47
CA ILE A 51 -2.59 -6.04 -3.72
C ILE A 51 -3.53 -7.26 -3.89
N LYS A 52 -3.09 -8.42 -3.41
CA LYS A 52 -3.85 -9.69 -3.55
C LYS A 52 -5.13 -9.65 -2.69
N ASP A 53 -4.98 -9.16 -1.43
CA ASP A 53 -6.10 -9.00 -0.47
C ASP A 53 -7.08 -7.92 -0.96
N PHE A 54 -6.49 -6.84 -1.51
CA PHE A 54 -7.22 -5.74 -2.19
C PHE A 54 -8.15 -6.29 -3.29
N GLN A 55 -7.62 -7.16 -4.16
CA GLN A 55 -8.35 -7.76 -5.30
C GLN A 55 -9.40 -8.77 -4.85
N THR A 56 -9.12 -9.46 -3.73
CA THR A 56 -10.09 -10.38 -3.10
C THR A 56 -11.33 -9.59 -2.60
N GLN A 57 -11.09 -8.36 -2.12
CA GLN A 57 -12.16 -7.42 -1.72
C GLN A 57 -12.86 -6.82 -2.95
N SER A 58 -12.12 -6.71 -4.08
CA SER A 58 -12.67 -6.20 -5.36
C SER A 58 -13.69 -7.18 -5.96
N LEU A 59 -13.51 -8.48 -5.64
CA LEU A 59 -14.40 -9.57 -6.08
C LEU A 59 -15.83 -9.38 -5.51
N THR A 60 -15.94 -8.71 -4.36
CA THR A 60 -17.22 -8.43 -3.71
C THR A 60 -17.93 -7.25 -4.43
N GLU A 61 -19.23 -7.43 -4.73
CA GLU A 61 -20.02 -6.47 -5.52
C GLU A 61 -20.43 -5.22 -4.69
N ASN A 62 -20.70 -5.43 -3.40
CA ASN A 62 -21.11 -4.33 -2.48
C ASN A 62 -19.89 -3.52 -1.98
N SER A 63 -18.67 -3.98 -2.30
CA SER A 63 -17.42 -3.25 -1.99
C SER A 63 -17.22 -2.08 -2.96
N ILE A 64 -16.53 -1.03 -2.49
CA ILE A 64 -16.19 0.17 -3.29
C ILE A 64 -15.26 -0.18 -4.47
N LEU A 65 -14.53 -1.30 -4.35
CA LEU A 65 -13.57 -1.75 -5.36
C LEU A 65 -14.26 -2.44 -6.56
N ALA A 66 -15.61 -2.48 -6.53
CA ALA A 66 -16.43 -2.95 -7.67
C ALA A 66 -16.30 -1.99 -8.87
N GLN A 67 -16.11 -0.67 -8.58
CA GLN A 67 -15.89 0.37 -9.62
C GLN A 67 -14.44 0.31 -10.14
N PHE A 68 -13.54 -0.26 -9.31
CA PHE A 68 -12.09 -0.37 -9.60
C PHE A 68 -11.73 -1.76 -10.16
N ALA A 69 -12.76 -2.61 -10.39
CA ALA A 69 -12.57 -3.97 -10.95
C ALA A 69 -12.22 -3.91 -12.46
N GLY A 70 -12.53 -2.77 -13.11
CA GLY A 70 -12.16 -2.50 -14.51
C GLY A 70 -10.82 -1.79 -14.65
N GLU A 71 -10.17 -1.50 -13.51
CA GLU A 71 -8.90 -0.75 -13.43
C GLU A 71 -7.76 -1.69 -13.03
N ASP A 72 -6.50 -1.29 -13.36
CA ASP A 72 -5.28 -1.96 -12.91
C ASP A 72 -5.25 -2.01 -11.36
N PRO A 73 -4.98 -3.20 -10.71
CA PRO A 73 -4.98 -3.38 -9.23
C PRO A 73 -4.25 -2.27 -8.43
N VAL A 74 -2.98 -1.96 -8.83
CA VAL A 74 -2.13 -1.00 -8.09
C VAL A 74 -2.61 0.44 -8.32
N VAL A 75 -2.96 0.75 -9.59
CA VAL A 75 -3.49 2.08 -10.01
C VAL A 75 -4.86 2.37 -9.36
N ALA A 76 -5.60 1.29 -9.11
CA ALA A 76 -6.92 1.32 -8.46
C ALA A 76 -6.78 1.66 -6.98
N LEU A 77 -5.69 1.17 -6.36
CA LEU A 77 -5.36 1.44 -4.96
C LEU A 77 -4.89 2.91 -4.81
N GLU A 78 -4.12 3.40 -5.82
CA GLU A 78 -3.67 4.81 -5.89
C GLU A 78 -4.88 5.75 -6.02
N ALA A 79 -5.83 5.36 -6.88
CA ALA A 79 -7.07 6.12 -7.15
C ALA A 79 -7.98 6.13 -5.92
N ALA A 80 -7.96 5.01 -5.17
CA ALA A 80 -8.75 4.83 -3.95
C ALA A 80 -8.23 5.71 -2.80
N LEU A 81 -6.89 5.77 -2.66
CA LEU A 81 -6.21 6.68 -1.69
C LEU A 81 -6.53 8.14 -2.02
N GLN A 82 -6.40 8.47 -3.32
CA GLN A 82 -6.61 9.81 -3.86
C GLN A 82 -8.06 10.28 -3.62
N PHE A 83 -9.03 9.35 -3.73
CA PHE A 83 -10.45 9.67 -3.56
C PHE A 83 -10.85 9.52 -2.08
N GLU A 84 -11.28 10.64 -1.49
CA GLU A 84 -11.60 10.81 -0.06
C GLU A 84 -12.62 9.78 0.48
N ASP A 85 -13.52 9.31 -0.40
CA ASP A 85 -14.57 8.36 -0.02
C ASP A 85 -13.99 6.95 0.10
N THR A 86 -13.23 6.53 -0.93
CA THR A 86 -12.78 5.14 -1.10
C THR A 86 -11.50 4.81 -0.29
N ARG A 87 -10.84 5.84 0.27
CA ARG A 87 -9.57 5.66 1.05
C ARG A 87 -9.80 4.86 2.36
N GLU A 88 -11.08 4.77 2.79
CA GLU A 88 -11.49 4.11 4.06
C GLU A 88 -11.25 2.59 4.07
N SER A 89 -11.19 1.95 2.88
CA SER A 89 -10.85 0.51 2.77
C SER A 89 -9.32 0.31 2.81
N MET A 90 -8.57 1.30 2.28
CA MET A 90 -7.08 1.28 2.29
C MET A 90 -6.54 1.59 3.69
N HIS A 91 -7.43 2.13 4.54
CA HIS A 91 -7.20 2.27 5.99
C HIS A 91 -6.91 0.88 6.61
N ALA A 92 -7.71 -0.12 6.18
CA ALA A 92 -7.54 -1.53 6.60
C ALA A 92 -6.31 -2.17 5.92
N PHE A 93 -6.08 -1.83 4.63
CA PHE A 93 -4.95 -2.39 3.84
C PHE A 93 -3.59 -1.81 4.30
N CYS A 94 -3.64 -0.69 5.04
CA CYS A 94 -2.46 -0.04 5.63
C CYS A 94 -1.93 -0.89 6.80
N VAL A 95 -1.11 -1.91 6.45
CA VAL A 95 -0.48 -2.83 7.41
C VAL A 95 0.62 -2.10 8.20
N GLY A 96 1.27 -1.15 7.54
CA GLY A 96 2.35 -0.37 8.12
C GLY A 96 2.87 0.71 7.18
N GLN A 97 3.91 1.41 7.63
CA GLN A 97 4.61 2.43 6.83
C GLN A 97 5.97 1.88 6.41
N TYR A 98 6.34 2.13 5.15
CA TYR A 98 7.67 1.81 4.63
C TYR A 98 8.70 2.81 5.16
N LEU A 99 9.72 2.28 5.86
CA LEU A 99 10.92 3.03 6.22
C LEU A 99 12.03 2.64 5.23
N GLU A 100 12.51 3.63 4.45
CA GLU A 100 13.63 3.45 3.51
C GLU A 100 14.95 3.27 4.29
N PRO A 101 15.78 2.22 3.99
CA PRO A 101 17.04 1.93 4.74
C PRO A 101 18.03 3.12 4.72
N ASP A 102 17.92 3.98 3.69
CA ASP A 102 18.79 5.16 3.51
C ASP A 102 18.25 6.38 4.26
N GLN A 103 16.92 6.44 4.46
CA GLN A 103 16.20 7.58 5.09
C GLN A 103 16.77 7.94 6.48
N GLU A 104 17.28 6.91 7.19
CA GLU A 104 17.91 7.05 8.52
C GLU A 104 19.23 7.84 8.44
N GLY A 105 20.03 7.58 7.39
CA GLY A 105 21.38 8.14 7.27
C GLY A 105 21.45 9.48 6.55
N VAL A 106 20.55 9.69 5.57
CA VAL A 106 20.51 10.93 4.77
C VAL A 106 19.88 12.09 5.58
N THR A 107 20.72 13.04 5.95
CA THR A 107 20.32 14.29 6.64
C THR A 107 21.03 15.48 5.97
N ILE A 108 20.30 16.57 5.71
CA ILE A 108 20.87 17.79 5.09
C ILE A 108 21.38 18.74 6.20
N PRO A 109 22.71 18.97 6.32
CA PRO A 109 23.27 19.95 7.28
C PRO A 109 23.16 21.39 6.77
N ASP A 110 23.60 22.36 7.58
CA ASP A 110 23.67 23.78 7.15
C ASP A 110 24.91 23.98 6.28
N LEU A 111 24.73 24.70 5.15
CA LEU A 111 25.81 25.03 4.20
C LEU A 111 25.34 26.19 3.31
N GLY A 112 24.20 25.98 2.65
CA GLY A 112 23.62 26.97 1.76
C GLY A 112 22.32 26.46 1.13
N GLU A 21 -2.05 1.05 18.92
CA GLU A 21 -1.72 -0.13 19.76
C GLU A 21 -0.44 -0.84 19.24
N LYS A 22 -0.15 -0.65 17.94
CA LYS A 22 0.99 -1.29 17.25
C LYS A 22 1.47 -0.45 16.05
N VAL A 23 2.63 -0.83 15.50
CA VAL A 23 3.15 -0.27 14.24
C VAL A 23 3.93 -1.37 13.49
N THR A 24 3.69 -1.45 12.17
CA THR A 24 4.43 -2.34 11.27
C THR A 24 5.28 -1.46 10.33
N LEU A 25 6.60 -1.48 10.54
CA LEU A 25 7.56 -0.76 9.71
C LEU A 25 8.17 -1.74 8.69
N VAL A 26 7.71 -1.65 7.45
CA VAL A 26 8.10 -2.55 6.37
C VAL A 26 9.28 -1.94 5.61
N ARG A 27 10.43 -2.62 5.66
CA ARG A 27 11.62 -2.25 4.89
C ARG A 27 11.60 -2.94 3.52
N ILE A 28 12.44 -2.46 2.58
CA ILE A 28 12.54 -3.01 1.20
C ILE A 28 12.91 -4.52 1.22
N ALA A 29 13.73 -4.92 2.21
CA ALA A 29 14.13 -6.34 2.42
C ALA A 29 12.88 -7.22 2.69
N ASP A 30 12.05 -6.74 3.64
CA ASP A 30 10.80 -7.43 4.05
C ASP A 30 9.76 -7.40 2.90
N LEU A 31 9.80 -6.31 2.12
CA LEU A 31 8.93 -6.11 0.95
C LEU A 31 9.18 -7.21 -0.11
N GLU A 32 10.47 -7.48 -0.37
CA GLU A 32 10.92 -8.53 -1.32
C GLU A 32 10.48 -9.93 -0.85
N ASN A 33 10.85 -10.24 0.40
CA ASN A 33 10.64 -11.55 1.02
C ASN A 33 9.15 -11.93 1.06
N HIS A 34 8.32 -10.98 1.55
CA HIS A 34 6.88 -11.21 1.74
C HIS A 34 6.15 -11.31 0.39
N ASN A 35 6.67 -10.58 -0.60
CA ASN A 35 6.14 -10.59 -1.99
C ASN A 35 6.33 -11.98 -2.61
N ASN A 36 7.55 -12.53 -2.47
CA ASN A 36 7.92 -13.86 -3.01
C ASN A 36 7.26 -15.00 -2.21
N ASP A 37 6.91 -14.70 -0.94
CA ASP A 37 6.15 -15.61 -0.05
C ASP A 37 4.71 -15.81 -0.57
N GLY A 38 4.21 -14.82 -1.32
CA GLY A 38 2.87 -14.89 -1.94
C GLY A 38 2.06 -13.64 -1.66
N GLY A 39 2.35 -12.99 -0.53
CA GLY A 39 1.68 -11.76 -0.14
C GLY A 39 2.23 -10.57 -0.91
N PHE A 40 1.59 -10.26 -2.06
CA PHE A 40 2.06 -9.20 -2.96
C PHE A 40 1.72 -7.84 -2.35
N TRP A 41 2.77 -7.14 -1.92
CA TRP A 41 2.68 -5.77 -1.39
C TRP A 41 3.20 -4.75 -2.43
N THR A 42 3.04 -3.47 -2.12
CA THR A 42 3.47 -2.34 -2.97
C THR A 42 3.60 -1.08 -2.10
N VAL A 43 4.70 -0.33 -2.29
CA VAL A 43 4.95 0.92 -1.56
C VAL A 43 4.42 2.11 -2.36
N ILE A 44 3.36 2.76 -1.83
CA ILE A 44 2.74 3.96 -2.41
C ILE A 44 2.74 5.08 -1.35
N ASP A 45 3.53 6.15 -1.62
CA ASP A 45 3.56 7.42 -0.82
C ASP A 45 4.03 7.17 0.63
N GLY A 46 5.12 6.38 0.77
CA GLY A 46 5.74 6.08 2.07
C GLY A 46 4.93 5.09 2.93
N LYS A 47 3.87 4.52 2.32
CA LYS A 47 3.02 3.51 2.95
C LYS A 47 3.10 2.22 2.14
N VAL A 48 2.82 1.09 2.78
CA VAL A 48 2.81 -0.22 2.11
C VAL A 48 1.39 -0.77 2.14
N TYR A 49 0.81 -0.93 0.95
CA TYR A 49 -0.51 -1.54 0.74
C TYR A 49 -0.32 -2.89 0.04
N ASP A 50 -1.29 -3.80 0.19
CA ASP A 50 -1.29 -5.06 -0.56
C ASP A 50 -2.12 -4.93 -1.85
N ILE A 51 -1.72 -5.71 -2.86
CA ILE A 51 -2.50 -5.94 -4.08
C ILE A 51 -3.15 -7.34 -4.00
N LYS A 52 -2.53 -8.22 -3.17
CA LYS A 52 -2.92 -9.64 -3.03
C LYS A 52 -4.37 -9.76 -2.50
N ASP A 53 -4.61 -9.19 -1.31
CA ASP A 53 -5.93 -9.23 -0.67
C ASP A 53 -6.89 -8.22 -1.35
N PHE A 54 -6.31 -7.11 -1.86
CA PHE A 54 -7.03 -6.03 -2.58
C PHE A 54 -7.90 -6.58 -3.73
N GLN A 55 -7.25 -7.34 -4.64
CA GLN A 55 -7.91 -7.92 -5.82
C GLN A 55 -8.93 -8.99 -5.42
N THR A 56 -8.69 -9.62 -4.25
CA THR A 56 -9.65 -10.57 -3.64
C THR A 56 -10.93 -9.82 -3.17
N GLN A 57 -10.76 -8.56 -2.66
CA GLN A 57 -11.88 -7.74 -2.17
C GLN A 57 -12.70 -7.11 -3.33
N SER A 58 -12.06 -6.92 -4.50
CA SER A 58 -12.75 -6.38 -5.70
C SER A 58 -13.67 -7.43 -6.36
N LEU A 59 -13.59 -8.69 -5.87
CA LEU A 59 -14.56 -9.76 -6.18
C LEU A 59 -15.95 -9.36 -5.65
N THR A 60 -15.97 -8.76 -4.44
CA THR A 60 -17.20 -8.35 -3.75
C THR A 60 -17.90 -7.23 -4.57
N GLU A 61 -19.13 -7.47 -5.03
CA GLU A 61 -19.89 -6.48 -5.84
C GLU A 61 -20.40 -5.32 -4.96
N ASN A 62 -20.38 -5.54 -3.64
CA ASN A 62 -20.81 -4.55 -2.63
C ASN A 62 -19.60 -3.84 -2.00
N SER A 63 -18.39 -4.05 -2.57
CA SER A 63 -17.16 -3.37 -2.11
C SER A 63 -17.02 -2.02 -2.83
N ILE A 64 -16.19 -1.13 -2.28
CA ILE A 64 -15.79 0.12 -2.94
C ILE A 64 -14.93 -0.17 -4.19
N LEU A 65 -14.30 -1.36 -4.22
CA LEU A 65 -13.41 -1.79 -5.31
C LEU A 65 -14.20 -2.43 -6.48
N ALA A 66 -15.51 -2.63 -6.28
CA ALA A 66 -16.41 -3.18 -7.32
C ALA A 66 -16.58 -2.21 -8.50
N GLN A 67 -16.53 -0.90 -8.21
CA GLN A 67 -16.58 0.15 -9.24
C GLN A 67 -15.21 0.26 -9.97
N PHE A 68 -14.13 -0.13 -9.25
CA PHE A 68 -12.76 -0.16 -9.79
C PHE A 68 -12.46 -1.52 -10.49
N ALA A 69 -13.41 -2.48 -10.41
CA ALA A 69 -13.30 -3.78 -11.08
C ALA A 69 -13.37 -3.60 -12.61
N GLY A 70 -12.19 -3.60 -13.24
CA GLY A 70 -12.02 -3.29 -14.67
C GLY A 70 -10.74 -2.51 -14.90
N GLU A 71 -10.35 -1.74 -13.87
CA GLU A 71 -9.07 -1.03 -13.82
C GLU A 71 -8.01 -1.89 -13.09
N ASP A 72 -6.73 -1.65 -13.42
CA ASP A 72 -5.58 -2.30 -12.77
C ASP A 72 -5.59 -2.03 -11.25
N PRO A 73 -5.51 -3.10 -10.37
CA PRO A 73 -5.52 -2.96 -8.89
C PRO A 73 -4.61 -1.86 -8.30
N VAL A 74 -3.38 -1.68 -8.85
CA VAL A 74 -2.42 -0.66 -8.35
C VAL A 74 -2.92 0.76 -8.67
N VAL A 75 -3.31 0.96 -9.94
CA VAL A 75 -3.82 2.25 -10.46
C VAL A 75 -5.12 2.65 -9.72
N ALA A 76 -5.96 1.63 -9.49
CA ALA A 76 -7.25 1.77 -8.78
C ALA A 76 -7.05 2.10 -7.29
N LEU A 77 -5.96 1.57 -6.71
CA LEU A 77 -5.59 1.78 -5.30
C LEU A 77 -5.18 3.26 -5.09
N GLU A 78 -4.33 3.76 -6.01
CA GLU A 78 -3.81 5.15 -5.95
C GLU A 78 -4.95 6.17 -6.13
N ALA A 79 -5.87 5.87 -7.06
CA ALA A 79 -7.09 6.67 -7.30
C ALA A 79 -8.00 6.67 -6.05
N ALA A 80 -8.05 5.51 -5.38
CA ALA A 80 -8.83 5.31 -4.15
C ALA A 80 -8.19 5.99 -2.92
N LEU A 81 -6.86 6.24 -2.97
CA LEU A 81 -6.16 7.02 -1.93
C LEU A 81 -6.49 8.50 -2.07
N GLN A 82 -6.60 8.96 -3.33
CA GLN A 82 -6.93 10.34 -3.67
C GLN A 82 -8.43 10.63 -3.38
N PHE A 83 -9.27 9.57 -3.43
CA PHE A 83 -10.71 9.68 -3.18
C PHE A 83 -11.01 9.35 -1.71
N GLU A 84 -11.61 10.31 -1.00
CA GLU A 84 -11.85 10.25 0.46
C GLU A 84 -12.81 9.11 0.86
N ASP A 85 -13.81 8.85 0.02
CA ASP A 85 -14.87 7.85 0.29
C ASP A 85 -14.34 6.40 0.18
N THR A 86 -13.14 6.25 -0.40
CA THR A 86 -12.51 4.94 -0.62
C THR A 86 -11.18 4.77 0.16
N ARG A 87 -10.60 5.89 0.68
CA ARG A 87 -9.30 5.84 1.42
C ARG A 87 -9.48 5.25 2.83
N GLU A 88 -10.72 5.29 3.33
CA GLU A 88 -11.08 4.84 4.69
C GLU A 88 -10.90 3.32 4.86
N SER A 89 -11.19 2.54 3.81
CA SER A 89 -11.00 1.08 3.82
C SER A 89 -9.50 0.74 3.62
N MET A 90 -8.74 1.69 3.03
CA MET A 90 -7.28 1.55 2.81
C MET A 90 -6.49 1.64 4.12
N HIS A 91 -7.19 1.94 5.23
CA HIS A 91 -6.62 1.84 6.59
C HIS A 91 -6.38 0.35 6.96
N ALA A 92 -7.21 -0.54 6.35
CA ALA A 92 -7.06 -2.00 6.50
C ALA A 92 -6.06 -2.56 5.46
N PHE A 93 -6.13 -2.04 4.21
CA PHE A 93 -5.19 -2.43 3.12
C PHE A 93 -3.74 -1.96 3.41
N CYS A 94 -3.61 -0.94 4.26
CA CYS A 94 -2.31 -0.48 4.76
C CYS A 94 -1.74 -1.53 5.73
N VAL A 95 -0.95 -2.45 5.19
CA VAL A 95 -0.29 -3.53 5.96
C VAL A 95 0.80 -2.96 6.88
N GLY A 96 1.27 -1.74 6.56
CA GLY A 96 2.24 -1.03 7.38
C GLY A 96 2.75 0.24 6.71
N GLN A 97 3.60 0.98 7.41
CA GLN A 97 4.30 2.17 6.87
C GLN A 97 5.69 1.75 6.40
N TYR A 98 6.12 2.27 5.23
CA TYR A 98 7.45 1.94 4.67
C TYR A 98 8.58 2.63 5.45
N LEU A 99 9.71 1.93 5.54
CA LEU A 99 10.91 2.39 6.22
C LEU A 99 12.10 2.05 5.29
N GLU A 100 12.87 3.06 4.89
CA GLU A 100 14.09 2.88 4.08
C GLU A 100 15.27 2.44 4.97
N PRO A 101 16.05 1.39 4.60
CA PRO A 101 17.26 0.97 5.37
C PRO A 101 18.29 2.12 5.52
N ASP A 102 18.32 3.02 4.51
CA ASP A 102 19.20 4.22 4.50
C ASP A 102 18.66 5.33 5.42
N GLN A 103 17.33 5.33 5.64
CA GLN A 103 16.63 6.28 6.55
C GLN A 103 17.05 6.02 8.02
N GLU A 104 17.39 4.75 8.31
CA GLU A 104 18.00 4.36 9.59
C GLU A 104 19.39 5.00 9.74
N GLY A 105 19.46 6.05 10.56
CA GLY A 105 20.71 6.77 10.81
C GLY A 105 21.02 7.80 9.75
N VAL A 106 19.96 8.49 9.29
CA VAL A 106 20.07 9.59 8.31
C VAL A 106 20.83 10.79 8.93
N THR A 107 21.86 11.29 8.20
CA THR A 107 22.62 12.47 8.61
C THR A 107 21.91 13.75 8.13
N ILE A 108 21.77 14.72 9.06
CA ILE A 108 21.12 16.01 8.79
C ILE A 108 22.19 17.08 8.51
N PRO A 109 22.17 17.75 7.31
CA PRO A 109 23.08 18.86 7.00
C PRO A 109 22.54 20.23 7.45
N ASP A 110 23.41 21.24 7.47
CA ASP A 110 23.04 22.64 7.76
C ASP A 110 22.89 23.46 6.47
N LEU A 111 23.52 22.98 5.36
CA LEU A 111 23.30 23.54 4.01
C LEU A 111 21.96 22.98 3.45
N GLY A 112 20.84 23.56 3.89
CA GLY A 112 19.52 23.13 3.45
C GLY A 112 18.39 23.73 4.28
N GLU A 21 0.30 5.77 16.50
CA GLU A 21 1.34 5.93 17.56
C GLU A 21 2.54 5.02 17.26
N LYS A 22 2.29 3.69 17.18
CA LYS A 22 3.31 2.69 16.83
C LYS A 22 2.94 2.04 15.48
N VAL A 23 3.41 2.64 14.37
CA VAL A 23 3.13 2.14 13.01
C VAL A 23 4.19 1.09 12.60
N THR A 24 3.75 0.05 11.85
CA THR A 24 4.61 -1.06 11.39
C THR A 24 5.60 -0.56 10.33
N LEU A 25 6.90 -0.52 10.66
CA LEU A 25 7.94 -0.13 9.69
C LEU A 25 8.34 -1.34 8.84
N VAL A 26 7.78 -1.38 7.62
CA VAL A 26 8.06 -2.41 6.62
C VAL A 26 9.13 -1.87 5.68
N ARG A 27 10.30 -2.54 5.67
CA ARG A 27 11.46 -2.13 4.86
C ARG A 27 11.41 -2.85 3.51
N ILE A 28 12.33 -2.47 2.58
CA ILE A 28 12.43 -3.11 1.25
C ILE A 28 12.79 -4.61 1.41
N ALA A 29 13.55 -4.94 2.48
CA ALA A 29 13.87 -6.33 2.86
C ALA A 29 12.57 -7.16 3.00
N ASP A 30 11.63 -6.63 3.81
CA ASP A 30 10.30 -7.24 4.06
C ASP A 30 9.49 -7.34 2.76
N LEU A 31 9.56 -6.27 1.96
CA LEU A 31 8.82 -6.12 0.70
C LEU A 31 9.21 -7.25 -0.30
N GLU A 32 10.52 -7.50 -0.40
CA GLU A 32 11.10 -8.48 -1.33
C GLU A 32 10.76 -9.93 -0.93
N ASN A 33 11.01 -10.27 0.37
CA ASN A 33 10.86 -11.65 0.85
C ASN A 33 9.37 -12.06 0.94
N HIS A 34 8.50 -11.09 1.27
CA HIS A 34 7.05 -11.33 1.39
C HIS A 34 6.41 -11.50 0.01
N ASN A 35 6.92 -10.75 -0.99
CA ASN A 35 6.47 -10.86 -2.38
C ASN A 35 6.93 -12.21 -2.99
N ASN A 36 8.12 -12.68 -2.56
CA ASN A 36 8.67 -13.99 -2.98
C ASN A 36 7.91 -15.14 -2.27
N ASP A 37 7.35 -14.84 -1.09
CA ASP A 37 6.45 -15.72 -0.32
C ASP A 37 5.12 -15.95 -1.09
N GLY A 38 4.74 -14.94 -1.89
CA GLY A 38 3.48 -14.94 -2.64
C GLY A 38 2.64 -13.74 -2.28
N GLY A 39 2.89 -13.19 -1.08
CA GLY A 39 2.21 -12.00 -0.60
C GLY A 39 2.63 -10.75 -1.35
N PHE A 40 1.91 -10.44 -2.45
CA PHE A 40 2.27 -9.33 -3.34
C PHE A 40 1.88 -8.01 -2.66
N TRP A 41 2.90 -7.27 -2.21
CA TRP A 41 2.76 -5.94 -1.62
C TRP A 41 3.21 -4.86 -2.63
N THR A 42 2.86 -3.60 -2.33
CA THR A 42 3.18 -2.43 -3.16
C THR A 42 3.40 -1.22 -2.24
N VAL A 43 4.41 -0.38 -2.55
CA VAL A 43 4.71 0.82 -1.74
C VAL A 43 4.10 2.05 -2.41
N ILE A 44 3.07 2.63 -1.76
CA ILE A 44 2.32 3.82 -2.23
C ILE A 44 2.02 4.73 -1.02
N ASP A 45 2.16 6.06 -1.20
CA ASP A 45 1.81 7.09 -0.18
C ASP A 45 2.69 6.95 1.10
N GLY A 46 3.94 6.47 0.90
CA GLY A 46 4.88 6.23 2.01
C GLY A 46 4.46 5.07 2.91
N LYS A 47 3.52 4.24 2.43
CA LYS A 47 2.96 3.08 3.14
C LYS A 47 3.26 1.83 2.33
N VAL A 48 2.88 0.66 2.87
CA VAL A 48 2.93 -0.62 2.16
C VAL A 48 1.52 -1.24 2.22
N TYR A 49 0.90 -1.39 1.04
CA TYR A 49 -0.44 -1.98 0.87
C TYR A 49 -0.31 -3.37 0.21
N ASP A 50 -1.32 -4.23 0.36
CA ASP A 50 -1.39 -5.51 -0.38
C ASP A 50 -2.14 -5.32 -1.70
N ILE A 51 -1.93 -6.26 -2.62
CA ILE A 51 -2.64 -6.35 -3.90
C ILE A 51 -3.37 -7.71 -4.01
N LYS A 52 -2.84 -8.74 -3.31
CA LYS A 52 -3.37 -10.12 -3.38
C LYS A 52 -4.78 -10.23 -2.75
N ASP A 53 -4.96 -9.67 -1.54
CA ASP A 53 -6.27 -9.65 -0.85
C ASP A 53 -7.19 -8.59 -1.49
N PHE A 54 -6.56 -7.49 -1.95
CA PHE A 54 -7.21 -6.34 -2.62
C PHE A 54 -8.08 -6.79 -3.81
N GLN A 55 -7.48 -7.60 -4.67
CA GLN A 55 -8.15 -8.12 -5.88
C GLN A 55 -9.30 -9.11 -5.51
N THR A 56 -9.15 -9.78 -4.35
CA THR A 56 -10.19 -10.69 -3.82
C THR A 56 -11.39 -9.86 -3.28
N GLN A 57 -11.08 -8.66 -2.72
CA GLN A 57 -12.08 -7.71 -2.19
C GLN A 57 -12.85 -6.98 -3.31
N SER A 58 -12.19 -6.81 -4.48
CA SER A 58 -12.82 -6.16 -5.67
C SER A 58 -13.85 -7.08 -6.35
N LEU A 59 -13.90 -8.36 -5.92
CA LEU A 59 -14.88 -9.35 -6.42
C LEU A 59 -16.28 -9.14 -5.79
N THR A 60 -16.38 -8.31 -4.72
CA THR A 60 -17.66 -8.00 -4.06
C THR A 60 -18.40 -6.89 -4.84
N GLU A 61 -19.70 -7.12 -5.10
CA GLU A 61 -20.56 -6.17 -5.86
C GLU A 61 -20.80 -4.87 -5.08
N ASN A 62 -20.81 -4.98 -3.74
CA ASN A 62 -21.07 -3.88 -2.82
C ASN A 62 -19.77 -3.58 -2.04
N SER A 63 -18.81 -2.96 -2.75
CA SER A 63 -17.50 -2.55 -2.19
C SER A 63 -16.98 -1.32 -2.93
N ILE A 64 -15.97 -0.66 -2.33
CA ILE A 64 -15.31 0.51 -2.92
C ILE A 64 -14.52 0.13 -4.19
N LEU A 65 -14.11 -1.15 -4.25
CA LEU A 65 -13.28 -1.70 -5.33
C LEU A 65 -14.15 -2.38 -6.42
N ALA A 66 -15.48 -2.33 -6.25
CA ALA A 66 -16.44 -2.87 -7.25
C ALA A 66 -16.46 -1.98 -8.51
N GLN A 67 -16.30 -0.67 -8.28
CA GLN A 67 -16.16 0.34 -9.36
C GLN A 67 -14.76 0.21 -10.03
N PHE A 68 -13.80 -0.37 -9.29
CA PHE A 68 -12.41 -0.58 -9.74
C PHE A 68 -12.20 -2.04 -10.20
N ALA A 69 -13.30 -2.83 -10.28
CA ALA A 69 -13.26 -4.24 -10.72
C ALA A 69 -13.12 -4.31 -12.25
N GLY A 70 -11.88 -4.13 -12.72
CA GLY A 70 -11.57 -3.97 -14.15
C GLY A 70 -10.37 -3.05 -14.35
N GLU A 71 -10.13 -2.18 -13.35
CA GLU A 71 -8.97 -1.29 -13.30
C GLU A 71 -7.75 -2.03 -12.71
N ASP A 72 -6.53 -1.61 -13.12
CA ASP A 72 -5.26 -2.15 -12.56
C ASP A 72 -5.26 -1.98 -11.02
N PRO A 73 -5.04 -3.06 -10.21
CA PRO A 73 -5.12 -3.03 -8.73
C PRO A 73 -4.23 -1.94 -8.05
N VAL A 74 -3.03 -1.72 -8.60
CA VAL A 74 -2.04 -0.77 -8.05
C VAL A 74 -2.47 0.69 -8.34
N VAL A 75 -3.07 0.90 -9.53
CA VAL A 75 -3.64 2.20 -9.96
C VAL A 75 -4.95 2.49 -9.18
N ALA A 76 -5.73 1.43 -8.93
CA ALA A 76 -7.02 1.48 -8.22
C ALA A 76 -6.82 1.81 -6.74
N LEU A 77 -5.65 1.39 -6.22
CA LEU A 77 -5.19 1.69 -4.86
C LEU A 77 -4.98 3.22 -4.72
N GLU A 78 -4.28 3.82 -5.70
CA GLU A 78 -3.97 5.26 -5.71
C GLU A 78 -5.24 6.10 -5.94
N ALA A 79 -6.11 5.62 -6.83
CA ALA A 79 -7.41 6.26 -7.15
C ALA A 79 -8.33 6.26 -5.91
N ALA A 80 -8.21 5.19 -5.11
CA ALA A 80 -8.90 5.08 -3.82
C ALA A 80 -8.34 6.10 -2.80
N LEU A 81 -7.01 6.28 -2.81
CA LEU A 81 -6.32 7.27 -1.94
C LEU A 81 -6.68 8.73 -2.32
N GLN A 82 -6.97 8.95 -3.61
CA GLN A 82 -7.37 10.26 -4.15
C GLN A 82 -8.79 10.62 -3.69
N PHE A 83 -9.70 9.62 -3.75
CA PHE A 83 -11.11 9.81 -3.38
C PHE A 83 -11.25 9.61 -1.85
N GLU A 84 -11.63 10.70 -1.14
CA GLU A 84 -11.67 10.77 0.34
C GLU A 84 -12.51 9.65 0.98
N ASP A 85 -13.57 9.25 0.28
CA ASP A 85 -14.48 8.18 0.72
C ASP A 85 -13.75 6.83 0.77
N THR A 86 -13.11 6.47 -0.34
CA THR A 86 -12.51 5.15 -0.55
C THR A 86 -11.12 5.02 0.13
N ARG A 87 -10.52 6.17 0.54
CA ARG A 87 -9.17 6.17 1.17
C ARG A 87 -9.25 5.73 2.64
N GLU A 88 -10.47 5.78 3.19
CA GLU A 88 -10.78 5.32 4.55
C GLU A 88 -10.57 3.79 4.65
N SER A 89 -11.08 3.08 3.63
CA SER A 89 -11.01 1.60 3.54
C SER A 89 -9.58 1.10 3.26
N MET A 90 -8.70 1.99 2.78
CA MET A 90 -7.27 1.69 2.51
C MET A 90 -6.51 1.31 3.80
N HIS A 91 -7.10 1.62 4.98
CA HIS A 91 -6.55 1.25 6.31
C HIS A 91 -6.36 -0.29 6.43
N ALA A 92 -7.27 -1.02 5.77
CA ALA A 92 -7.31 -2.50 5.80
C ALA A 92 -6.14 -3.10 5.01
N PHE A 93 -5.73 -2.40 3.94
CA PHE A 93 -4.71 -2.91 3.01
C PHE A 93 -3.30 -2.46 3.43
N CYS A 94 -3.20 -1.32 4.16
CA CYS A 94 -1.90 -0.83 4.66
C CYS A 94 -1.46 -1.66 5.89
N VAL A 95 -0.47 -2.55 5.68
CA VAL A 95 0.14 -3.33 6.76
C VAL A 95 0.99 -2.42 7.69
N GLY A 96 1.46 -1.28 7.12
CA GLY A 96 2.18 -0.26 7.88
C GLY A 96 2.81 0.79 6.99
N GLN A 97 3.73 1.58 7.57
CA GLN A 97 4.50 2.62 6.87
C GLN A 97 5.79 2.01 6.30
N TYR A 98 6.16 2.43 5.09
CA TYR A 98 7.42 2.00 4.45
C TYR A 98 8.62 2.74 5.05
N LEU A 99 9.70 1.99 5.34
CA LEU A 99 10.99 2.52 5.79
C LEU A 99 12.06 2.07 4.78
N GLU A 100 12.90 3.00 4.32
CA GLU A 100 14.07 2.68 3.50
C GLU A 100 15.24 2.29 4.44
N PRO A 101 16.17 1.36 4.00
CA PRO A 101 17.35 0.97 4.82
C PRO A 101 18.39 2.11 4.95
N ASP A 102 18.17 3.21 4.20
CA ASP A 102 19.03 4.41 4.21
C ASP A 102 18.31 5.61 4.89
N GLN A 103 16.96 5.50 5.05
CA GLN A 103 16.09 6.59 5.55
C GLN A 103 16.24 6.82 7.06
N GLU A 104 16.53 5.74 7.80
CA GLU A 104 16.82 5.84 9.25
C GLU A 104 18.12 6.67 9.50
N GLY A 105 19.07 6.55 8.55
CA GLY A 105 20.34 7.28 8.59
C GLY A 105 20.38 8.47 7.65
N VAL A 106 19.21 9.11 7.43
CA VAL A 106 19.08 10.27 6.52
C VAL A 106 19.77 11.52 7.12
N THR A 107 20.32 12.37 6.24
CA THR A 107 20.86 13.68 6.60
C THR A 107 20.19 14.74 5.70
N ILE A 108 20.00 15.96 6.23
CA ILE A 108 19.35 17.07 5.50
C ILE A 108 20.33 18.26 5.38
N PRO A 109 21.04 18.40 4.21
CA PRO A 109 21.93 19.56 3.95
C PRO A 109 21.15 20.79 3.41
N ASP A 110 21.72 21.99 3.62
CA ASP A 110 21.09 23.27 3.22
C ASP A 110 21.13 23.42 1.68
N LEU A 111 19.93 23.61 1.09
CA LEU A 111 19.76 23.79 -0.36
C LEU A 111 18.60 24.79 -0.58
N GLY A 112 17.36 24.34 -0.30
CA GLY A 112 16.15 25.13 -0.55
C GLY A 112 15.07 24.83 0.48
N GLU A 21 0.42 4.52 19.95
CA GLU A 21 0.15 4.39 18.49
C GLU A 21 1.23 3.51 17.84
N LYS A 22 0.86 2.26 17.53
CA LYS A 22 1.74 1.32 16.83
C LYS A 22 1.66 1.55 15.32
N VAL A 23 2.82 1.54 14.65
CA VAL A 23 2.94 1.71 13.21
C VAL A 23 4.15 0.87 12.73
N THR A 24 3.85 -0.34 12.23
CA THR A 24 4.87 -1.32 11.82
C THR A 24 5.71 -0.78 10.64
N LEU A 25 7.01 -0.53 10.91
CA LEU A 25 7.97 -0.05 9.92
C LEU A 25 8.44 -1.22 9.04
N VAL A 26 7.94 -1.23 7.79
CA VAL A 26 8.20 -2.31 6.84
C VAL A 26 9.41 -1.93 5.98
N ARG A 27 10.44 -2.80 6.02
CA ARG A 27 11.70 -2.61 5.29
C ARG A 27 11.45 -2.85 3.79
N ILE A 28 12.23 -2.20 2.90
CA ILE A 28 12.03 -2.33 1.43
C ILE A 28 12.23 -3.78 0.96
N ALA A 29 13.24 -4.46 1.57
CA ALA A 29 13.59 -5.86 1.28
C ALA A 29 12.43 -6.81 1.65
N ASP A 30 11.63 -6.40 2.66
CA ASP A 30 10.45 -7.18 3.11
C ASP A 30 9.43 -7.28 1.98
N LEU A 31 9.13 -6.14 1.32
CA LEU A 31 8.19 -6.09 0.18
C LEU A 31 8.67 -7.02 -0.95
N GLU A 32 9.99 -6.88 -1.30
CA GLU A 32 10.65 -7.63 -2.39
C GLU A 32 10.48 -9.16 -2.20
N ASN A 33 10.68 -9.61 -0.97
CA ASN A 33 10.58 -11.03 -0.58
C ASN A 33 9.11 -11.47 -0.52
N HIS A 34 8.24 -10.58 -0.01
CA HIS A 34 6.85 -10.92 0.37
C HIS A 34 6.00 -11.22 -0.88
N ASN A 35 6.22 -10.45 -1.96
CA ASN A 35 5.44 -10.60 -3.22
C ASN A 35 5.81 -11.92 -3.94
N ASN A 36 7.09 -12.32 -3.80
CA ASN A 36 7.61 -13.59 -4.38
C ASN A 36 6.98 -14.81 -3.66
N ASP A 37 6.66 -14.62 -2.37
CA ASP A 37 5.93 -15.63 -1.57
C ASP A 37 4.46 -15.73 -2.02
N GLY A 38 3.90 -14.59 -2.47
CA GLY A 38 2.52 -14.52 -2.96
C GLY A 38 1.77 -13.33 -2.40
N GLY A 39 2.19 -12.88 -1.19
CA GLY A 39 1.61 -11.70 -0.56
C GLY A 39 2.16 -10.44 -1.19
N PHE A 40 1.51 -9.97 -2.26
CA PHE A 40 2.03 -8.87 -3.06
C PHE A 40 1.84 -7.56 -2.28
N TRP A 41 2.95 -6.98 -1.82
CA TRP A 41 2.96 -5.71 -1.08
C TRP A 41 3.48 -4.59 -1.98
N THR A 42 2.95 -3.38 -1.78
CA THR A 42 3.31 -2.20 -2.57
C THR A 42 3.31 -0.94 -1.68
N VAL A 43 4.34 -0.08 -1.86
CA VAL A 43 4.43 1.22 -1.19
C VAL A 43 3.71 2.30 -2.03
N ILE A 44 2.59 2.79 -1.49
CA ILE A 44 1.79 3.88 -2.06
C ILE A 44 1.48 4.89 -0.93
N ASP A 45 1.72 6.19 -1.19
CA ASP A 45 1.44 7.28 -0.22
C ASP A 45 2.28 7.11 1.10
N GLY A 46 3.47 6.48 0.96
CA GLY A 46 4.38 6.22 2.09
C GLY A 46 3.94 5.07 2.99
N LYS A 47 2.85 4.40 2.59
CA LYS A 47 2.26 3.27 3.33
C LYS A 47 2.45 1.99 2.52
N VAL A 48 2.79 0.89 3.20
CA VAL A 48 2.81 -0.43 2.56
C VAL A 48 1.42 -1.07 2.72
N TYR A 49 0.82 -1.44 1.59
CA TYR A 49 -0.48 -2.11 1.54
C TYR A 49 -0.31 -3.55 1.08
N ASP A 50 -1.39 -4.33 1.20
CA ASP A 50 -1.45 -5.69 0.68
C ASP A 50 -2.33 -5.69 -0.60
N ILE A 51 -1.94 -6.50 -1.59
CA ILE A 51 -2.60 -6.56 -2.91
C ILE A 51 -3.30 -7.92 -3.11
N LYS A 52 -2.79 -9.02 -2.48
CA LYS A 52 -3.43 -10.35 -2.63
C LYS A 52 -4.81 -10.34 -1.96
N ASP A 53 -4.94 -9.53 -0.89
CA ASP A 53 -6.20 -9.25 -0.20
C ASP A 53 -7.06 -8.31 -1.06
N PHE A 54 -6.44 -7.18 -1.52
CA PHE A 54 -7.09 -6.13 -2.32
C PHE A 54 -7.90 -6.70 -3.51
N GLN A 55 -7.24 -7.56 -4.28
CA GLN A 55 -7.80 -8.17 -5.50
C GLN A 55 -8.94 -9.16 -5.16
N THR A 56 -8.89 -9.76 -3.96
CA THR A 56 -9.98 -10.63 -3.42
C THR A 56 -11.22 -9.76 -3.06
N GLN A 57 -10.96 -8.54 -2.55
CA GLN A 57 -12.02 -7.61 -2.09
C GLN A 57 -12.78 -6.97 -3.26
N SER A 58 -12.16 -6.91 -4.45
CA SER A 58 -12.78 -6.33 -5.66
C SER A 58 -13.83 -7.26 -6.28
N LEU A 59 -13.85 -8.54 -5.84
CA LEU A 59 -14.88 -9.53 -6.24
C LEU A 59 -16.22 -9.20 -5.57
N THR A 60 -16.18 -8.50 -4.42
CA THR A 60 -17.39 -8.07 -3.70
C THR A 60 -18.10 -6.93 -4.48
N GLU A 61 -19.37 -7.17 -4.84
CA GLU A 61 -20.21 -6.19 -5.58
C GLU A 61 -20.49 -4.96 -4.70
N ASN A 62 -20.71 -5.19 -3.41
CA ASN A 62 -20.90 -4.11 -2.43
C ASN A 62 -19.52 -3.73 -1.85
N SER A 63 -18.76 -2.97 -2.62
CA SER A 63 -17.40 -2.53 -2.26
C SER A 63 -17.05 -1.26 -3.06
N ILE A 64 -16.08 -0.50 -2.54
CA ILE A 64 -15.47 0.63 -3.25
C ILE A 64 -14.65 0.15 -4.46
N LEU A 65 -14.21 -1.13 -4.41
CA LEU A 65 -13.36 -1.75 -5.45
C LEU A 65 -14.18 -2.39 -6.58
N ALA A 66 -15.52 -2.31 -6.48
CA ALA A 66 -16.45 -2.80 -7.52
C ALA A 66 -16.33 -1.96 -8.81
N GLN A 67 -16.13 -0.64 -8.63
CA GLN A 67 -15.90 0.31 -9.76
C GLN A 67 -14.49 0.12 -10.36
N PHE A 68 -13.55 -0.36 -9.52
CA PHE A 68 -12.14 -0.62 -9.91
C PHE A 68 -11.96 -2.06 -10.42
N ALA A 69 -13.04 -2.85 -10.47
CA ALA A 69 -13.01 -4.25 -10.97
C ALA A 69 -12.71 -4.28 -12.49
N GLY A 70 -11.42 -4.45 -12.82
CA GLY A 70 -10.93 -4.43 -14.20
C GLY A 70 -9.62 -3.66 -14.33
N GLU A 71 -9.43 -2.69 -13.44
CA GLU A 71 -8.20 -1.89 -13.34
C GLU A 71 -7.10 -2.71 -12.63
N ASP A 72 -5.83 -2.42 -12.95
CA ASP A 72 -4.65 -3.02 -12.26
C ASP A 72 -4.75 -2.72 -10.74
N PRO A 73 -4.58 -3.75 -9.84
CA PRO A 73 -4.78 -3.60 -8.37
C PRO A 73 -4.00 -2.42 -7.74
N VAL A 74 -2.76 -2.22 -8.18
CA VAL A 74 -1.86 -1.19 -7.61
C VAL A 74 -2.29 0.22 -8.09
N VAL A 75 -2.64 0.34 -9.39
CA VAL A 75 -3.10 1.61 -10.00
C VAL A 75 -4.47 2.04 -9.41
N ALA A 76 -5.33 1.04 -9.18
CA ALA A 76 -6.66 1.20 -8.57
C ALA A 76 -6.54 1.66 -7.11
N LEU A 77 -5.52 1.13 -6.43
CA LEU A 77 -5.20 1.46 -5.03
C LEU A 77 -4.70 2.91 -4.92
N GLU A 78 -3.89 3.36 -5.91
CA GLU A 78 -3.41 4.77 -5.97
C GLU A 78 -4.61 5.72 -6.11
N ALA A 79 -5.51 5.40 -7.05
CA ALA A 79 -6.75 6.17 -7.31
C ALA A 79 -7.68 6.17 -6.07
N ALA A 80 -7.64 5.05 -5.32
CA ALA A 80 -8.41 4.89 -4.08
C ALA A 80 -7.86 5.81 -2.96
N LEU A 81 -6.54 6.05 -2.96
CA LEU A 81 -5.91 7.00 -2.02
C LEU A 81 -6.26 8.46 -2.40
N GLN A 82 -6.29 8.72 -3.72
CA GLN A 82 -6.56 10.06 -4.27
C GLN A 82 -8.01 10.50 -3.99
N PHE A 83 -8.94 9.53 -3.89
CA PHE A 83 -10.35 9.82 -3.59
C PHE A 83 -10.62 9.60 -2.08
N GLU A 84 -11.41 10.52 -1.50
CA GLU A 84 -11.64 10.62 -0.04
C GLU A 84 -12.31 9.37 0.57
N ASP A 85 -13.48 8.96 0.03
CA ASP A 85 -14.28 7.84 0.57
C ASP A 85 -13.52 6.51 0.48
N THR A 86 -12.80 6.34 -0.62
CA THR A 86 -12.15 5.08 -0.97
C THR A 86 -10.80 4.90 -0.22
N ARG A 87 -10.24 6.01 0.33
CA ARG A 87 -8.94 5.96 1.08
C ARG A 87 -9.19 5.42 2.51
N GLU A 88 -10.43 5.57 2.99
CA GLU A 88 -10.84 5.24 4.36
C GLU A 88 -10.77 3.74 4.65
N SER A 89 -11.15 2.93 3.66
CA SER A 89 -11.06 1.46 3.76
C SER A 89 -9.60 1.00 3.64
N MET A 90 -8.74 1.83 2.98
CA MET A 90 -7.31 1.50 2.75
C MET A 90 -6.47 1.57 4.03
N HIS A 91 -7.07 2.08 5.12
CA HIS A 91 -6.47 2.00 6.46
C HIS A 91 -6.36 0.52 6.92
N ALA A 92 -7.35 -0.29 6.49
CA ALA A 92 -7.37 -1.74 6.75
C ALA A 92 -6.35 -2.48 5.86
N PHE A 93 -6.19 -2.03 4.61
CA PHE A 93 -5.26 -2.65 3.64
C PHE A 93 -3.79 -2.30 3.97
N CYS A 94 -3.60 -1.17 4.69
CA CYS A 94 -2.27 -0.72 5.14
C CYS A 94 -1.75 -1.65 6.23
N VAL A 95 -0.82 -2.54 5.84
CA VAL A 95 -0.18 -3.50 6.76
C VAL A 95 0.83 -2.77 7.68
N GLY A 96 1.27 -1.58 7.25
CA GLY A 96 2.16 -0.71 8.03
C GLY A 96 2.67 0.45 7.21
N GLN A 97 3.53 1.28 7.82
CA GLN A 97 4.22 2.37 7.11
C GLN A 97 5.50 1.81 6.46
N TYR A 98 5.91 2.42 5.35
CA TYR A 98 7.17 2.09 4.69
C TYR A 98 8.34 2.75 5.44
N LEU A 99 9.46 2.03 5.51
CA LEU A 99 10.71 2.51 6.11
C LEU A 99 11.87 2.18 5.18
N GLU A 100 12.69 3.20 4.90
CA GLU A 100 13.92 3.10 4.12
C GLU A 100 15.09 2.68 5.04
N PRO A 101 15.88 1.64 4.67
CA PRO A 101 17.03 1.16 5.50
C PRO A 101 18.05 2.28 5.81
N ASP A 102 18.23 3.19 4.85
CA ASP A 102 19.14 4.34 4.97
C ASP A 102 18.58 5.39 5.95
N GLN A 103 17.24 5.56 5.95
CA GLN A 103 16.53 6.58 6.76
C GLN A 103 16.70 6.32 8.26
N GLU A 104 16.74 5.04 8.63
CA GLU A 104 16.94 4.61 10.01
C GLU A 104 18.36 4.96 10.51
N GLY A 105 18.44 6.04 11.31
CA GLY A 105 19.67 6.43 12.00
C GLY A 105 19.80 7.94 12.20
N VAL A 106 20.29 8.63 11.16
CA VAL A 106 20.62 10.07 11.24
C VAL A 106 19.90 10.83 10.11
N THR A 107 19.68 12.14 10.34
CA THR A 107 19.08 13.06 9.34
C THR A 107 20.06 14.22 9.07
N ILE A 108 20.26 14.54 7.77
CA ILE A 108 21.07 15.68 7.33
C ILE A 108 20.13 16.85 6.92
N PRO A 109 20.34 18.09 7.45
CA PRO A 109 19.56 19.28 7.03
C PRO A 109 20.14 19.89 5.73
N ASP A 110 19.68 21.11 5.39
CA ASP A 110 20.24 21.89 4.26
C ASP A 110 21.36 22.80 4.78
N LEU A 111 22.53 22.74 4.11
CA LEU A 111 23.69 23.61 4.40
C LEU A 111 24.64 23.67 3.19
N GLY A 112 24.95 22.51 2.60
CA GLY A 112 25.85 22.42 1.45
C GLY A 112 25.09 22.39 0.13
N GLU A 21 -1.53 2.72 17.31
CA GLU A 21 -0.57 3.73 17.83
C GLU A 21 0.88 3.24 17.70
N LYS A 22 1.09 1.91 17.93
CA LYS A 22 2.39 1.27 17.70
C LYS A 22 2.72 1.29 16.20
N VAL A 23 4.02 1.35 15.87
CA VAL A 23 4.46 1.43 14.47
C VAL A 23 4.98 0.06 13.98
N THR A 24 4.60 -0.29 12.74
CA THR A 24 5.21 -1.40 11.99
C THR A 24 5.90 -0.76 10.77
N LEU A 25 7.25 -0.72 10.78
CA LEU A 25 8.05 -0.16 9.68
C LEU A 25 8.53 -1.28 8.76
N VAL A 26 8.11 -1.18 7.50
CA VAL A 26 8.46 -2.11 6.44
C VAL A 26 9.45 -1.40 5.52
N ARG A 27 10.55 -2.05 5.19
CA ARG A 27 11.54 -1.56 4.20
C ARG A 27 11.37 -2.37 2.90
N ILE A 28 12.04 -1.90 1.82
CA ILE A 28 11.94 -2.53 0.49
C ILE A 28 12.36 -4.03 0.51
N ALA A 29 13.30 -4.37 1.41
CA ALA A 29 13.77 -5.76 1.62
C ALA A 29 12.60 -6.70 1.98
N ASP A 30 11.69 -6.23 2.86
CA ASP A 30 10.50 -6.99 3.30
C ASP A 30 9.55 -7.26 2.12
N LEU A 31 9.44 -6.27 1.22
CA LEU A 31 8.56 -6.36 0.03
C LEU A 31 9.04 -7.50 -0.89
N GLU A 32 10.34 -7.45 -1.21
CA GLU A 32 10.98 -8.34 -2.19
C GLU A 32 10.83 -9.83 -1.82
N ASN A 33 11.09 -10.17 -0.54
CA ASN A 33 11.03 -11.57 -0.07
C ASN A 33 9.55 -12.03 0.14
N HIS A 34 8.66 -11.08 0.49
CA HIS A 34 7.23 -11.36 0.72
C HIS A 34 6.49 -11.61 -0.61
N ASN A 35 7.03 -11.02 -1.69
CA ASN A 35 6.58 -11.29 -3.07
C ASN A 35 6.77 -12.78 -3.44
N ASN A 36 7.88 -13.37 -2.95
CA ASN A 36 8.19 -14.81 -3.10
C ASN A 36 7.24 -15.67 -2.22
N ASP A 37 6.86 -15.11 -1.07
CA ASP A 37 5.91 -15.73 -0.12
C ASP A 37 4.51 -15.88 -0.75
N GLY A 38 4.14 -14.92 -1.63
CA GLY A 38 2.88 -14.98 -2.38
C GLY A 38 2.04 -13.74 -2.19
N GLY A 39 2.20 -13.08 -1.02
CA GLY A 39 1.53 -11.82 -0.73
C GLY A 39 2.17 -10.67 -1.51
N PHE A 40 1.47 -10.17 -2.53
CA PHE A 40 1.97 -9.05 -3.36
C PHE A 40 1.73 -7.73 -2.60
N TRP A 41 2.81 -7.14 -2.09
CA TRP A 41 2.79 -5.83 -1.41
C TRP A 41 3.25 -4.72 -2.38
N THR A 42 2.81 -3.49 -2.10
CA THR A 42 3.25 -2.27 -2.79
C THR A 42 3.22 -1.10 -1.81
N VAL A 43 3.88 0.02 -2.17
CA VAL A 43 4.01 1.20 -1.32
C VAL A 43 3.41 2.44 -2.00
N ILE A 44 2.36 3.00 -1.37
CA ILE A 44 1.71 4.25 -1.79
C ILE A 44 1.40 5.08 -0.52
N ASP A 45 1.62 6.40 -0.58
CA ASP A 45 1.32 7.36 0.52
C ASP A 45 2.18 7.04 1.78
N GLY A 46 3.39 6.48 1.56
CA GLY A 46 4.30 6.09 2.65
C GLY A 46 3.78 4.91 3.48
N LYS A 47 2.82 4.17 2.91
CA LYS A 47 2.18 3.00 3.55
C LYS A 47 2.32 1.79 2.63
N VAL A 48 2.41 0.60 3.23
CA VAL A 48 2.45 -0.68 2.52
C VAL A 48 1.05 -1.32 2.56
N TYR A 49 0.54 -1.72 1.38
CA TYR A 49 -0.77 -2.36 1.23
C TYR A 49 -0.59 -3.72 0.56
N ASP A 50 -1.41 -4.70 0.96
CA ASP A 50 -1.43 -6.03 0.31
C ASP A 50 -2.40 -6.00 -0.88
N ILE A 51 -1.82 -5.95 -2.09
CA ILE A 51 -2.57 -6.04 -3.37
C ILE A 51 -3.28 -7.39 -3.51
N LYS A 52 -2.68 -8.44 -2.93
CA LYS A 52 -3.26 -9.79 -2.92
C LYS A 52 -4.64 -9.78 -2.21
N ASP A 53 -4.75 -8.97 -1.14
CA ASP A 53 -6.03 -8.75 -0.42
C ASP A 53 -6.97 -7.82 -1.22
N PHE A 54 -6.39 -6.75 -1.80
CA PHE A 54 -7.11 -5.72 -2.60
C PHE A 54 -7.98 -6.38 -3.69
N GLN A 55 -7.33 -7.26 -4.47
CA GLN A 55 -8.00 -7.99 -5.57
C GLN A 55 -9.04 -9.01 -5.03
N THR A 56 -8.84 -9.52 -3.80
CA THR A 56 -9.82 -10.42 -3.14
C THR A 56 -11.11 -9.64 -2.77
N GLN A 57 -10.95 -8.37 -2.32
CA GLN A 57 -12.06 -7.51 -1.88
C GLN A 57 -12.88 -7.00 -3.09
N SER A 58 -12.22 -6.88 -4.26
CA SER A 58 -12.88 -6.44 -5.52
C SER A 58 -13.79 -7.53 -6.13
N LEU A 59 -13.69 -8.78 -5.59
CA LEU A 59 -14.62 -9.88 -5.94
C LEU A 59 -16.02 -9.65 -5.36
N THR A 60 -16.14 -8.75 -4.38
CA THR A 60 -17.43 -8.34 -3.81
C THR A 60 -17.98 -7.16 -4.64
N GLU A 61 -19.27 -7.23 -5.01
CA GLU A 61 -19.96 -6.11 -5.70
C GLU A 61 -20.27 -4.99 -4.67
N ASN A 62 -20.53 -5.40 -3.41
CA ASN A 62 -20.73 -4.50 -2.27
C ASN A 62 -19.36 -4.08 -1.69
N SER A 63 -18.57 -3.38 -2.53
CA SER A 63 -17.26 -2.88 -2.16
C SER A 63 -16.99 -1.55 -2.88
N ILE A 64 -16.03 -0.78 -2.35
CA ILE A 64 -15.51 0.43 -3.01
C ILE A 64 -14.72 0.05 -4.29
N LEU A 65 -14.23 -1.21 -4.34
CA LEU A 65 -13.36 -1.72 -5.40
C LEU A 65 -14.16 -2.37 -6.55
N ALA A 66 -15.51 -2.34 -6.45
CA ALA A 66 -16.40 -2.83 -7.53
C ALA A 66 -16.24 -1.98 -8.82
N GLN A 67 -15.94 -0.68 -8.62
CA GLN A 67 -15.65 0.28 -9.72
C GLN A 67 -14.21 0.04 -10.26
N PHE A 68 -13.32 -0.42 -9.36
CA PHE A 68 -11.89 -0.68 -9.67
C PHE A 68 -11.65 -2.13 -10.15
N ALA A 69 -12.75 -2.91 -10.26
CA ALA A 69 -12.69 -4.32 -10.71
C ALA A 69 -12.25 -4.41 -12.19
N GLY A 70 -12.50 -3.33 -12.97
CA GLY A 70 -12.06 -3.23 -14.37
C GLY A 70 -10.84 -2.32 -14.53
N GLU A 71 -10.01 -2.27 -13.48
CA GLU A 71 -8.78 -1.45 -13.44
C GLU A 71 -7.65 -2.28 -12.77
N ASP A 72 -6.39 -1.97 -13.10
CA ASP A 72 -5.20 -2.59 -12.48
C ASP A 72 -5.21 -2.33 -10.96
N PRO A 73 -5.00 -3.38 -10.09
CA PRO A 73 -5.11 -3.24 -8.61
C PRO A 73 -4.17 -2.17 -7.99
N VAL A 74 -2.95 -2.04 -8.52
CA VAL A 74 -1.93 -1.09 -7.98
C VAL A 74 -2.29 0.36 -8.37
N VAL A 75 -2.65 0.53 -9.66
CA VAL A 75 -3.05 1.84 -10.24
C VAL A 75 -4.39 2.32 -9.61
N ALA A 76 -5.27 1.36 -9.33
CA ALA A 76 -6.58 1.58 -8.70
C ALA A 76 -6.41 1.98 -7.24
N LEU A 77 -5.37 1.41 -6.59
CA LEU A 77 -5.01 1.70 -5.21
C LEU A 77 -4.52 3.16 -5.08
N GLU A 78 -3.75 3.64 -6.08
CA GLU A 78 -3.30 5.06 -6.16
C GLU A 78 -4.53 6.00 -6.17
N ALA A 79 -5.47 5.70 -7.07
CA ALA A 79 -6.74 6.45 -7.23
C ALA A 79 -7.59 6.38 -5.95
N ALA A 80 -7.50 5.23 -5.26
CA ALA A 80 -8.26 4.96 -4.03
C ALA A 80 -7.67 5.74 -2.83
N LEU A 81 -6.35 6.02 -2.86
CA LEU A 81 -5.71 6.90 -1.84
C LEU A 81 -6.12 8.37 -2.06
N GLN A 82 -6.42 8.75 -3.31
CA GLN A 82 -6.72 10.13 -3.70
C GLN A 82 -8.22 10.44 -3.61
N PHE A 83 -9.08 9.39 -3.70
CA PHE A 83 -10.56 9.57 -3.69
C PHE A 83 -11.10 9.45 -2.25
N GLU A 84 -11.99 10.39 -1.88
CA GLU A 84 -12.45 10.63 -0.48
C GLU A 84 -13.20 9.44 0.14
N ASP A 85 -14.00 8.75 -0.68
CA ASP A 85 -14.85 7.63 -0.23
C ASP A 85 -14.02 6.36 0.04
N THR A 86 -12.89 6.27 -0.66
CA THR A 86 -12.06 5.06 -0.71
C THR A 86 -10.81 5.16 0.22
N ARG A 87 -10.27 6.39 0.41
CA ARG A 87 -9.01 6.63 1.18
C ARG A 87 -9.11 6.15 2.63
N GLU A 88 -10.32 6.24 3.18
CA GLU A 88 -10.63 5.82 4.56
C GLU A 88 -10.43 4.29 4.70
N SER A 89 -10.92 3.54 3.70
CA SER A 89 -10.88 2.06 3.69
C SER A 89 -9.49 1.52 3.32
N MET A 90 -8.63 2.39 2.73
CA MET A 90 -7.22 2.05 2.40
C MET A 90 -6.41 1.68 3.66
N HIS A 91 -6.81 2.25 4.80
CA HIS A 91 -6.20 1.97 6.12
C HIS A 91 -6.42 0.49 6.54
N ALA A 92 -7.50 -0.13 6.02
CA ALA A 92 -7.80 -1.56 6.24
C ALA A 92 -6.87 -2.48 5.40
N PHE A 93 -6.36 -1.96 4.27
CA PHE A 93 -5.39 -2.67 3.40
C PHE A 93 -3.95 -2.47 3.88
N CYS A 94 -3.73 -1.39 4.66
CA CYS A 94 -2.40 -1.01 5.16
C CYS A 94 -1.87 -2.07 6.15
N VAL A 95 -1.01 -2.97 5.63
CA VAL A 95 -0.36 -4.03 6.44
C VAL A 95 0.78 -3.45 7.31
N GLY A 96 1.15 -2.18 7.06
CA GLY A 96 2.13 -1.47 7.88
C GLY A 96 2.54 -0.16 7.23
N GLN A 97 3.37 0.62 7.95
CA GLN A 97 4.02 1.82 7.42
C GLN A 97 5.25 1.43 6.59
N TYR A 98 5.74 2.35 5.77
CA TYR A 98 6.98 2.16 4.99
C TYR A 98 8.03 3.19 5.40
N LEU A 99 9.30 2.77 5.37
CA LEU A 99 10.45 3.64 5.61
C LEU A 99 11.56 3.19 4.63
N GLU A 100 12.09 4.14 3.83
CA GLU A 100 13.16 3.87 2.86
C GLU A 100 14.49 3.59 3.60
N PRO A 101 15.30 2.56 3.16
CA PRO A 101 16.69 2.36 3.64
C PRO A 101 17.54 3.65 3.54
N ASP A 102 17.36 4.33 2.40
CA ASP A 102 18.01 5.63 2.10
C ASP A 102 17.63 6.69 3.15
N GLN A 103 16.31 6.83 3.36
CA GLN A 103 15.72 7.81 4.30
C GLN A 103 16.23 7.58 5.74
N GLU A 104 16.42 6.29 6.08
CA GLU A 104 16.87 5.86 7.41
C GLU A 104 18.33 6.31 7.66
N GLY A 105 19.17 6.16 6.63
CA GLY A 105 20.58 6.57 6.70
C GLY A 105 20.73 8.09 6.65
N VAL A 106 20.65 8.65 5.43
CA VAL A 106 20.68 10.10 5.20
C VAL A 106 19.66 10.44 4.11
N THR A 107 18.79 11.42 4.39
CA THR A 107 17.72 11.82 3.49
C THR A 107 18.25 12.79 2.41
N ILE A 108 17.79 12.61 1.17
CA ILE A 108 18.18 13.46 0.03
C ILE A 108 17.12 14.58 -0.12
N PRO A 109 17.47 15.87 0.17
CA PRO A 109 16.52 17.00 0.05
C PRO A 109 16.19 17.29 -1.42
N ASP A 110 14.88 17.31 -1.75
CA ASP A 110 14.41 17.52 -3.12
C ASP A 110 14.80 18.92 -3.62
N LEU A 111 15.80 18.96 -4.50
CA LEU A 111 16.39 20.19 -5.04
C LEU A 111 17.24 19.81 -6.27
N GLY A 112 17.05 20.53 -7.38
CA GLY A 112 17.77 20.24 -8.61
C GLY A 112 17.62 21.35 -9.67
N GLU A 21 -0.40 6.65 16.20
CA GLU A 21 0.11 5.95 17.42
C GLU A 21 1.37 5.15 17.06
N LYS A 22 1.24 4.27 16.05
CA LYS A 22 2.36 3.47 15.52
C LYS A 22 2.17 3.26 14.02
N VAL A 23 3.25 2.86 13.33
CA VAL A 23 3.20 2.45 11.92
C VAL A 23 4.37 1.46 11.65
N THR A 24 4.03 0.31 11.04
CA THR A 24 5.01 -0.74 10.74
C THR A 24 5.99 -0.26 9.65
N LEU A 25 7.25 -0.05 10.03
CA LEU A 25 8.29 0.40 9.08
C LEU A 25 8.74 -0.79 8.23
N VAL A 26 8.24 -0.82 6.99
CA VAL A 26 8.51 -1.90 6.04
C VAL A 26 9.70 -1.50 5.17
N ARG A 27 10.78 -2.27 5.28
CA ARG A 27 11.99 -2.09 4.48
C ARG A 27 11.82 -2.76 3.12
N ILE A 28 12.73 -2.43 2.18
CA ILE A 28 12.81 -3.10 0.86
C ILE A 28 12.98 -4.63 1.03
N ALA A 29 13.76 -5.02 2.06
CA ALA A 29 14.00 -6.43 2.42
C ALA A 29 12.68 -7.16 2.73
N ASP A 30 11.84 -6.51 3.57
CA ASP A 30 10.53 -7.05 4.02
C ASP A 30 9.54 -7.13 2.85
N LEU A 31 9.63 -6.11 1.98
CA LEU A 31 8.78 -5.97 0.78
C LEU A 31 8.94 -7.19 -0.15
N GLU A 32 10.21 -7.58 -0.36
CA GLU A 32 10.59 -8.68 -1.27
C GLU A 32 10.23 -10.06 -0.69
N ASN A 33 10.60 -10.32 0.58
CA ASN A 33 10.48 -11.66 1.19
C ASN A 33 9.02 -12.05 1.44
N HIS A 34 8.15 -11.07 1.79
CA HIS A 34 6.71 -11.33 2.02
C HIS A 34 5.98 -11.59 0.69
N ASN A 35 6.47 -10.95 -0.39
CA ASN A 35 5.97 -11.20 -1.74
C ASN A 35 6.33 -12.63 -2.19
N ASN A 36 7.54 -13.07 -1.81
CA ASN A 36 8.01 -14.46 -2.04
C ASN A 36 7.16 -15.47 -1.23
N ASP A 37 6.72 -15.03 -0.03
CA ASP A 37 5.82 -15.80 0.86
C ASP A 37 4.44 -16.00 0.20
N GLY A 38 4.00 -14.98 -0.57
CA GLY A 38 2.72 -15.03 -1.30
C GLY A 38 1.98 -13.71 -1.24
N GLY A 39 2.24 -12.96 -0.16
CA GLY A 39 1.59 -11.67 0.06
C GLY A 39 2.26 -10.56 -0.73
N PHE A 40 1.69 -10.22 -1.91
CA PHE A 40 2.27 -9.20 -2.79
C PHE A 40 1.96 -7.81 -2.19
N TRP A 41 3.02 -7.12 -1.78
CA TRP A 41 2.94 -5.76 -1.26
C TRP A 41 3.30 -4.75 -2.37
N THR A 42 2.95 -3.49 -2.12
CA THR A 42 3.21 -2.37 -3.03
C THR A 42 3.46 -1.11 -2.19
N VAL A 43 4.51 -0.35 -2.53
CA VAL A 43 4.78 0.94 -1.89
C VAL A 43 4.19 2.06 -2.75
N ILE A 44 3.08 2.64 -2.27
CA ILE A 44 2.40 3.76 -2.93
C ILE A 44 2.43 4.97 -1.99
N ASP A 45 3.16 6.03 -2.41
CA ASP A 45 3.22 7.33 -1.72
C ASP A 45 3.83 7.18 -0.29
N GLY A 46 4.76 6.22 -0.16
CA GLY A 46 5.47 5.97 1.11
C GLY A 46 4.72 5.05 2.07
N LYS A 47 3.58 4.49 1.64
CA LYS A 47 2.78 3.53 2.43
C LYS A 47 2.78 2.17 1.73
N VAL A 48 2.67 1.09 2.51
CA VAL A 48 2.75 -0.28 2.01
C VAL A 48 1.39 -0.98 2.18
N TYR A 49 0.82 -1.46 1.06
CA TYR A 49 -0.48 -2.16 1.04
C TYR A 49 -0.30 -3.53 0.38
N ASP A 50 -1.18 -4.48 0.69
CA ASP A 50 -1.17 -5.80 0.02
C ASP A 50 -2.24 -5.78 -1.10
N ILE A 51 -1.79 -6.02 -2.35
CA ILE A 51 -2.66 -6.00 -3.55
C ILE A 51 -3.55 -7.25 -3.61
N LYS A 52 -3.05 -8.39 -3.12
CA LYS A 52 -3.82 -9.65 -3.08
C LYS A 52 -5.04 -9.48 -2.15
N ASP A 53 -4.79 -8.90 -0.96
CA ASP A 53 -5.84 -8.56 0.03
C ASP A 53 -6.80 -7.49 -0.52
N PHE A 54 -6.26 -6.51 -1.28
CA PHE A 54 -7.04 -5.46 -1.95
C PHE A 54 -8.07 -6.09 -2.91
N GLN A 55 -7.57 -6.98 -3.79
CA GLN A 55 -8.38 -7.61 -4.86
C GLN A 55 -9.51 -8.47 -4.30
N THR A 56 -9.29 -9.03 -3.09
CA THR A 56 -10.28 -9.90 -2.41
C THR A 56 -11.65 -9.18 -2.23
N GLN A 57 -11.61 -7.86 -1.96
CA GLN A 57 -12.81 -7.03 -1.81
C GLN A 57 -13.45 -6.69 -3.16
N SER A 58 -12.64 -6.59 -4.24
CA SER A 58 -13.15 -6.28 -5.59
C SER A 58 -13.70 -7.54 -6.32
N LEU A 59 -13.67 -8.71 -5.63
CA LEU A 59 -14.20 -9.99 -6.18
C LEU A 59 -15.74 -10.10 -6.01
N THR A 60 -16.41 -9.02 -5.59
CA THR A 60 -17.88 -9.00 -5.37
C THR A 60 -18.53 -7.82 -6.13
N GLU A 61 -19.86 -7.89 -6.26
CA GLU A 61 -20.67 -6.88 -6.96
C GLU A 61 -20.71 -5.56 -6.17
N ASN A 62 -21.26 -5.65 -4.95
CA ASN A 62 -21.38 -4.51 -4.04
C ASN A 62 -20.07 -4.32 -3.29
N SER A 63 -19.19 -3.51 -3.87
CA SER A 63 -17.87 -3.19 -3.34
C SER A 63 -17.56 -1.72 -3.65
N ILE A 64 -16.77 -1.08 -2.79
CA ILE A 64 -16.22 0.26 -3.04
C ILE A 64 -15.19 0.24 -4.20
N LEU A 65 -14.66 -0.97 -4.49
CA LEU A 65 -13.64 -1.20 -5.52
C LEU A 65 -14.28 -1.67 -6.85
N ALA A 66 -15.62 -1.81 -6.87
CA ALA A 66 -16.36 -2.25 -8.07
C ALA A 66 -16.30 -1.18 -9.18
N GLN A 67 -16.20 0.10 -8.76
CA GLN A 67 -16.04 1.25 -9.68
C GLN A 67 -14.63 1.29 -10.31
N PHE A 68 -13.68 0.58 -9.68
CA PHE A 68 -12.27 0.48 -10.13
C PHE A 68 -12.01 -0.85 -10.88
N ALA A 69 -13.09 -1.60 -11.21
CA ALA A 69 -13.00 -2.93 -11.87
C ALA A 69 -12.37 -2.84 -13.29
N GLY A 70 -12.51 -1.67 -13.93
CA GLY A 70 -11.93 -1.43 -15.26
C GLY A 70 -10.55 -0.80 -15.22
N GLU A 71 -9.88 -0.91 -14.05
CA GLU A 71 -8.54 -0.35 -13.83
C GLU A 71 -7.64 -1.41 -13.16
N ASP A 72 -6.32 -1.30 -13.43
CA ASP A 72 -5.27 -2.11 -12.77
C ASP A 72 -5.36 -1.94 -11.24
N PRO A 73 -5.41 -3.05 -10.43
CA PRO A 73 -5.64 -2.99 -8.94
C PRO A 73 -4.65 -2.08 -8.18
N VAL A 74 -3.41 -1.92 -8.68
CA VAL A 74 -2.39 -1.06 -8.04
C VAL A 74 -2.72 0.42 -8.30
N VAL A 75 -2.98 0.75 -9.57
CA VAL A 75 -3.31 2.13 -10.04
C VAL A 75 -4.70 2.57 -9.51
N ALA A 76 -5.57 1.57 -9.33
CA ALA A 76 -6.93 1.71 -8.77
C ALA A 76 -6.83 2.07 -7.29
N LEU A 77 -5.89 1.41 -6.61
CA LEU A 77 -5.57 1.65 -5.20
C LEU A 77 -5.03 3.09 -5.00
N GLU A 78 -4.18 3.56 -5.94
CA GLU A 78 -3.60 4.91 -5.91
C GLU A 78 -4.70 6.00 -5.91
N ALA A 79 -5.66 5.83 -6.84
CA ALA A 79 -6.84 6.70 -6.95
C ALA A 79 -7.74 6.58 -5.70
N ALA A 80 -7.81 5.36 -5.15
CA ALA A 80 -8.63 5.02 -3.97
C ALA A 80 -8.02 5.55 -2.65
N LEU A 81 -6.71 5.87 -2.66
CA LEU A 81 -6.04 6.52 -1.52
C LEU A 81 -6.42 8.01 -1.47
N GLN A 82 -6.53 8.59 -2.68
CA GLN A 82 -6.98 9.98 -2.86
C GLN A 82 -8.50 10.09 -2.67
N PHE A 83 -9.22 8.95 -2.81
CA PHE A 83 -10.67 8.87 -2.70
C PHE A 83 -11.09 8.57 -1.24
N GLU A 84 -11.80 9.53 -0.62
CA GLU A 84 -12.15 9.50 0.82
C GLU A 84 -13.16 8.39 1.18
N ASP A 85 -13.94 7.93 0.18
CA ASP A 85 -14.98 6.90 0.37
C ASP A 85 -14.39 5.48 0.37
N THR A 86 -13.13 5.35 -0.07
CA THR A 86 -12.44 4.05 -0.16
C THR A 86 -11.30 3.92 0.87
N ARG A 87 -10.67 5.05 1.26
CA ARG A 87 -9.47 5.09 2.17
C ARG A 87 -9.66 4.28 3.48
N GLU A 88 -10.93 4.16 3.89
CA GLU A 88 -11.36 3.41 5.10
C GLU A 88 -10.88 1.93 5.09
N SER A 89 -11.10 1.23 3.97
CA SER A 89 -10.72 -0.19 3.81
C SER A 89 -9.20 -0.34 3.59
N MET A 90 -8.55 0.75 3.14
CA MET A 90 -7.09 0.80 2.93
C MET A 90 -6.34 0.89 4.26
N HIS A 91 -7.08 1.19 5.34
CA HIS A 91 -6.55 1.14 6.71
C HIS A 91 -6.41 -0.33 7.17
N ALA A 92 -7.19 -1.22 6.54
CA ALA A 92 -7.09 -2.67 6.73
C ALA A 92 -6.01 -3.27 5.79
N PHE A 93 -5.81 -2.64 4.61
CA PHE A 93 -4.81 -3.12 3.62
C PHE A 93 -3.39 -2.58 3.95
N CYS A 94 -3.32 -1.45 4.67
CA CYS A 94 -2.05 -0.80 5.01
C CYS A 94 -1.31 -1.62 6.07
N VAL A 95 -0.21 -2.24 5.65
CA VAL A 95 0.71 -2.93 6.53
C VAL A 95 1.45 -1.91 7.40
N GLY A 96 1.92 -0.83 6.73
CA GLY A 96 2.64 0.25 7.40
C GLY A 96 3.17 1.28 6.43
N GLN A 97 4.29 1.90 6.81
CA GLN A 97 4.99 2.96 6.04
C GLN A 97 6.36 2.44 5.62
N TYR A 98 6.76 2.72 4.36
CA TYR A 98 8.05 2.29 3.82
C TYR A 98 9.20 3.10 4.46
N LEU A 99 10.25 2.38 4.85
CA LEU A 99 11.43 2.94 5.47
C LEU A 99 12.64 2.13 4.98
N GLU A 100 13.61 2.82 4.37
CA GLU A 100 14.85 2.21 3.87
C GLU A 100 15.71 1.68 5.05
N PRO A 101 16.25 0.41 4.96
CA PRO A 101 17.07 -0.20 6.04
C PRO A 101 18.32 0.65 6.42
N ASP A 102 18.80 1.46 5.46
CA ASP A 102 19.89 2.44 5.70
C ASP A 102 19.33 3.71 6.39
N GLN A 103 18.17 4.18 5.90
CA GLN A 103 17.53 5.43 6.36
C GLN A 103 17.03 5.33 7.83
N GLU A 104 17.07 4.12 8.38
CA GLU A 104 16.76 3.85 9.80
C GLU A 104 17.67 4.69 10.72
N GLY A 105 18.99 4.64 10.43
CA GLY A 105 20.01 5.30 11.24
C GLY A 105 20.44 6.68 10.72
N VAL A 106 19.98 7.06 9.51
CA VAL A 106 20.33 8.37 8.90
C VAL A 106 19.08 9.09 8.37
N THR A 107 18.99 10.39 8.64
CA THR A 107 17.88 11.26 8.20
C THR A 107 18.41 12.42 7.34
N ILE A 108 17.54 12.94 6.46
CA ILE A 108 17.86 14.12 5.62
C ILE A 108 16.84 15.23 5.94
N PRO A 109 17.23 16.29 6.70
CA PRO A 109 16.35 17.43 6.99
C PRO A 109 16.31 18.43 5.81
N ASP A 110 15.65 18.02 4.72
CA ASP A 110 15.54 18.83 3.49
C ASP A 110 14.52 19.97 3.71
N LEU A 111 14.78 21.11 3.04
CA LEU A 111 13.98 22.33 3.16
C LEU A 111 12.85 22.33 2.13
N GLY A 112 13.17 21.88 0.90
CA GLY A 112 12.22 21.86 -0.21
C GLY A 112 12.79 21.10 -1.41
N GLU A 21 -2.46 3.72 16.39
CA GLU A 21 -1.61 4.81 16.95
C GLU A 21 -0.15 4.67 16.45
N LYS A 22 0.47 3.51 16.73
CA LYS A 22 1.87 3.23 16.31
C LYS A 22 1.95 3.02 14.79
N VAL A 23 3.09 3.36 14.20
CA VAL A 23 3.35 3.13 12.78
C VAL A 23 4.19 1.84 12.59
N THR A 24 3.59 0.84 11.95
CA THR A 24 4.28 -0.42 11.63
C THR A 24 5.28 -0.16 10.50
N LEU A 25 6.58 -0.17 10.83
CA LEU A 25 7.64 0.09 9.85
C LEU A 25 8.03 -1.23 9.17
N VAL A 26 7.69 -1.33 7.89
CA VAL A 26 8.01 -2.47 7.04
C VAL A 26 9.36 -2.17 6.39
N ARG A 27 10.36 -2.98 6.76
CA ARG A 27 11.72 -2.88 6.23
C ARG A 27 11.73 -3.34 4.76
N ILE A 28 12.76 -2.90 3.99
CA ILE A 28 12.91 -3.27 2.57
C ILE A 28 12.92 -4.81 2.38
N ALA A 29 13.67 -5.51 3.24
CA ALA A 29 13.85 -6.97 3.18
C ALA A 29 12.51 -7.71 3.39
N ASP A 30 11.64 -7.13 4.24
CA ASP A 30 10.32 -7.73 4.55
C ASP A 30 9.37 -7.54 3.37
N LEU A 31 9.43 -6.34 2.76
CA LEU A 31 8.63 -6.01 1.57
C LEU A 31 8.98 -6.97 0.41
N GLU A 32 10.28 -7.05 0.09
CA GLU A 32 10.81 -7.87 -1.03
C GLU A 32 10.45 -9.36 -0.87
N ASN A 33 10.75 -9.93 0.32
CA ASN A 33 10.56 -11.37 0.60
C ASN A 33 9.07 -11.76 0.65
N HIS A 34 8.21 -10.92 1.27
CA HIS A 34 6.77 -11.22 1.42
C HIS A 34 6.05 -11.08 0.06
N ASN A 35 6.41 -10.01 -0.67
CA ASN A 35 5.81 -9.68 -1.99
C ASN A 35 6.12 -10.77 -3.03
N ASN A 36 7.42 -11.13 -3.14
CA ASN A 36 7.91 -12.11 -4.12
C ASN A 36 7.68 -13.57 -3.64
N ASP A 37 6.96 -13.73 -2.52
CA ASP A 37 6.53 -15.05 -1.99
C ASP A 37 5.13 -15.43 -2.54
N GLY A 38 4.47 -14.48 -3.22
CA GLY A 38 3.11 -14.66 -3.72
C GLY A 38 2.13 -13.76 -2.97
N GLY A 39 2.50 -13.42 -1.72
CA GLY A 39 1.76 -12.41 -0.93
C GLY A 39 2.08 -11.03 -1.43
N PHE A 40 1.45 -10.64 -2.56
CA PHE A 40 1.89 -9.49 -3.35
C PHE A 40 1.54 -8.20 -2.62
N TRP A 41 2.58 -7.44 -2.27
CA TRP A 41 2.49 -6.11 -1.65
C TRP A 41 2.94 -5.04 -2.64
N THR A 42 2.75 -3.78 -2.24
CA THR A 42 3.18 -2.61 -3.01
C THR A 42 3.56 -1.49 -2.02
N VAL A 43 4.50 -0.64 -2.41
CA VAL A 43 4.84 0.58 -1.66
C VAL A 43 4.36 1.79 -2.50
N ILE A 44 3.33 2.48 -2.01
CA ILE A 44 2.76 3.67 -2.66
C ILE A 44 2.75 4.82 -1.65
N ASP A 45 3.39 5.95 -2.03
CA ASP A 45 3.40 7.21 -1.25
C ASP A 45 4.09 7.01 0.14
N GLY A 46 5.10 6.11 0.14
CA GLY A 46 5.88 5.81 1.35
C GLY A 46 5.18 4.85 2.32
N LYS A 47 3.97 4.37 1.95
CA LYS A 47 3.19 3.41 2.74
C LYS A 47 3.17 2.05 2.03
N VAL A 48 3.12 0.96 2.79
CA VAL A 48 2.99 -0.40 2.23
C VAL A 48 1.54 -0.90 2.39
N TYR A 49 0.97 -1.35 1.26
CA TYR A 49 -0.38 -1.96 1.19
C TYR A 49 -0.24 -3.37 0.60
N ASP A 50 -1.33 -4.15 0.66
CA ASP A 50 -1.42 -5.43 -0.08
C ASP A 50 -2.12 -5.19 -1.43
N ILE A 51 -1.86 -6.10 -2.36
CA ILE A 51 -2.52 -6.19 -3.67
C ILE A 51 -3.19 -7.57 -3.81
N LYS A 52 -2.59 -8.59 -3.14
CA LYS A 52 -3.09 -9.99 -3.15
C LYS A 52 -4.57 -10.05 -2.70
N ASP A 53 -4.82 -9.55 -1.47
CA ASP A 53 -6.16 -9.57 -0.86
C ASP A 53 -7.07 -8.50 -1.52
N PHE A 54 -6.45 -7.35 -1.88
CA PHE A 54 -7.12 -6.22 -2.56
C PHE A 54 -7.88 -6.67 -3.82
N GLN A 55 -7.15 -7.32 -4.73
CA GLN A 55 -7.66 -7.77 -6.04
C GLN A 55 -8.69 -8.90 -5.87
N THR A 56 -8.58 -9.66 -4.77
CA THR A 56 -9.57 -10.68 -4.39
C THR A 56 -10.91 -9.98 -4.02
N GLN A 57 -10.82 -8.93 -3.17
CA GLN A 57 -11.98 -8.19 -2.63
C GLN A 57 -12.60 -7.23 -3.65
N SER A 58 -11.88 -6.96 -4.76
CA SER A 58 -12.37 -6.01 -5.79
C SER A 58 -13.60 -6.54 -6.55
N LEU A 59 -13.81 -7.87 -6.51
CA LEU A 59 -14.97 -8.51 -7.18
C LEU A 59 -16.19 -8.62 -6.24
N THR A 60 -16.07 -8.14 -4.98
CA THR A 60 -17.19 -8.10 -4.03
C THR A 60 -18.12 -6.95 -4.43
N GLU A 61 -19.41 -7.29 -4.61
CA GLU A 61 -20.44 -6.38 -5.17
C GLU A 61 -20.56 -5.06 -4.38
N ASN A 62 -20.65 -5.19 -3.05
CA ASN A 62 -20.90 -4.04 -2.15
C ASN A 62 -19.60 -3.26 -1.81
N SER A 63 -18.43 -3.83 -2.13
CA SER A 63 -17.13 -3.19 -1.86
C SER A 63 -16.94 -1.93 -2.72
N ILE A 64 -16.15 -0.98 -2.19
CA ILE A 64 -15.75 0.26 -2.89
C ILE A 64 -14.93 -0.05 -4.16
N LEU A 65 -14.31 -1.24 -4.18
CA LEU A 65 -13.42 -1.69 -5.24
C LEU A 65 -14.19 -2.35 -6.40
N ALA A 66 -15.54 -2.43 -6.31
CA ALA A 66 -16.39 -3.03 -7.36
C ALA A 66 -16.42 -2.15 -8.61
N GLN A 67 -16.34 -0.82 -8.41
CA GLN A 67 -16.21 0.17 -9.50
C GLN A 67 -14.77 0.16 -10.08
N PHE A 68 -13.81 -0.27 -9.24
CA PHE A 68 -12.38 -0.38 -9.59
C PHE A 68 -12.01 -1.81 -10.03
N ALA A 69 -13.02 -2.71 -10.10
CA ALA A 69 -12.83 -4.12 -10.51
C ALA A 69 -12.40 -4.24 -11.98
N GLY A 70 -12.82 -3.25 -12.79
CA GLY A 70 -12.42 -3.18 -14.21
C GLY A 70 -11.16 -2.36 -14.42
N GLU A 71 -10.34 -2.25 -13.36
CA GLU A 71 -9.07 -1.49 -13.38
C GLU A 71 -7.98 -2.33 -12.70
N ASP A 72 -6.70 -2.04 -13.06
CA ASP A 72 -5.51 -2.66 -12.45
C ASP A 72 -5.52 -2.43 -10.91
N PRO A 73 -5.30 -3.48 -10.06
CA PRO A 73 -5.39 -3.38 -8.57
C PRO A 73 -4.50 -2.27 -7.95
N VAL A 74 -3.31 -2.02 -8.55
CA VAL A 74 -2.37 -1.00 -8.02
C VAL A 74 -2.89 0.41 -8.35
N VAL A 75 -3.31 0.61 -9.63
CA VAL A 75 -3.88 1.89 -10.10
C VAL A 75 -5.20 2.20 -9.38
N ALA A 76 -5.96 1.13 -9.09
CA ALA A 76 -7.24 1.17 -8.37
C ALA A 76 -7.02 1.59 -6.91
N LEU A 77 -5.91 1.11 -6.34
CA LEU A 77 -5.48 1.44 -4.97
C LEU A 77 -5.09 2.93 -4.87
N GLU A 78 -4.33 3.42 -5.89
CA GLU A 78 -3.90 4.83 -5.98
C GLU A 78 -5.11 5.78 -6.15
N ALA A 79 -6.11 5.33 -6.91
CA ALA A 79 -7.38 6.05 -7.13
C ALA A 79 -8.24 6.04 -5.85
N ALA A 80 -8.13 4.93 -5.10
CA ALA A 80 -8.85 4.74 -3.83
C ALA A 80 -8.18 5.53 -2.68
N LEU A 81 -6.88 5.85 -2.85
CA LEU A 81 -6.16 6.78 -1.95
C LEU A 81 -6.64 8.23 -2.21
N GLN A 82 -6.83 8.54 -3.51
CA GLN A 82 -7.21 9.88 -3.98
C GLN A 82 -8.65 10.24 -3.54
N PHE A 83 -9.57 9.27 -3.68
CA PHE A 83 -10.99 9.51 -3.39
C PHE A 83 -11.24 9.37 -1.87
N GLU A 84 -11.83 10.44 -1.29
CA GLU A 84 -12.01 10.60 0.17
C GLU A 84 -12.95 9.54 0.78
N ASP A 85 -13.87 9.04 -0.05
CA ASP A 85 -14.84 8.01 0.35
C ASP A 85 -14.14 6.64 0.53
N THR A 86 -13.14 6.39 -0.32
CA THR A 86 -12.48 5.08 -0.41
C THR A 86 -11.20 4.99 0.44
N ARG A 87 -10.60 6.15 0.79
CA ARG A 87 -9.29 6.23 1.51
C ARG A 87 -9.38 5.65 2.95
N GLU A 88 -10.60 5.65 3.50
CA GLU A 88 -10.87 5.12 4.84
C GLU A 88 -10.68 3.59 4.90
N SER A 89 -11.04 2.90 3.82
CA SER A 89 -10.92 1.43 3.70
C SER A 89 -9.46 1.02 3.43
N MET A 90 -8.68 1.95 2.84
CA MET A 90 -7.25 1.75 2.52
C MET A 90 -6.40 1.51 3.78
N HIS A 91 -6.93 1.95 4.95
CA HIS A 91 -6.29 1.75 6.27
C HIS A 91 -6.21 0.24 6.62
N ALA A 92 -7.22 -0.52 6.15
CA ALA A 92 -7.26 -1.99 6.29
C ALA A 92 -6.17 -2.66 5.43
N PHE A 93 -6.02 -2.17 4.18
CA PHE A 93 -5.02 -2.70 3.22
C PHE A 93 -3.59 -2.28 3.59
N CYS A 94 -3.47 -1.16 4.34
CA CYS A 94 -2.18 -0.63 4.79
C CYS A 94 -1.64 -1.51 5.92
N VAL A 95 -0.63 -2.34 5.59
CA VAL A 95 0.06 -3.20 6.57
C VAL A 95 1.12 -2.39 7.35
N GLY A 96 1.38 -1.14 6.89
CA GLY A 96 2.24 -0.19 7.59
C GLY A 96 2.82 0.86 6.67
N GLN A 97 3.86 1.57 7.16
CA GLN A 97 4.67 2.51 6.39
C GLN A 97 5.97 1.83 5.94
N TYR A 98 6.43 2.12 4.73
CA TYR A 98 7.74 1.65 4.24
C TYR A 98 8.86 2.45 4.90
N LEU A 99 9.93 1.75 5.30
CA LEU A 99 11.10 2.33 5.92
C LEU A 99 12.35 1.72 5.27
N GLU A 100 13.17 2.58 4.66
CA GLU A 100 14.48 2.21 4.08
C GLU A 100 15.55 2.13 5.21
N PRO A 101 16.55 1.21 5.11
CA PRO A 101 17.57 1.02 6.18
C PRO A 101 18.51 2.25 6.30
N ASP A 102 18.63 2.99 5.18
CA ASP A 102 19.39 4.25 5.12
C ASP A 102 18.53 5.43 5.60
N GLN A 103 17.19 5.32 5.43
CA GLN A 103 16.24 6.42 5.77
C GLN A 103 16.21 6.69 7.28
N GLU A 104 16.33 5.62 8.07
CA GLU A 104 16.38 5.74 9.54
C GLU A 104 17.83 5.99 10.00
N GLY A 105 18.80 5.40 9.27
CA GLY A 105 20.23 5.59 9.54
C GLY A 105 20.68 7.05 9.38
N VAL A 106 20.04 7.75 8.43
CA VAL A 106 20.19 9.19 8.21
C VAL A 106 18.88 9.71 7.57
N THR A 107 18.30 10.76 8.16
CA THR A 107 17.01 11.31 7.73
C THR A 107 17.15 12.84 7.56
N ILE A 108 16.43 13.39 6.58
CA ILE A 108 16.48 14.81 6.25
C ILE A 108 15.49 15.57 7.19
N PRO A 109 15.99 16.52 8.04
CA PRO A 109 15.15 17.25 9.01
C PRO A 109 14.43 18.47 8.38
N ASP A 110 13.75 18.24 7.23
CA ASP A 110 13.08 19.29 6.42
C ASP A 110 14.12 20.31 5.86
N LEU A 111 15.38 19.82 5.70
CA LEU A 111 16.51 20.61 5.18
C LEU A 111 16.30 20.85 3.67
N GLY A 112 15.88 19.80 2.96
CA GLY A 112 15.62 19.85 1.52
C GLY A 112 14.50 18.88 1.11
N GLU A 21 0.94 4.86 20.68
CA GLU A 21 0.82 4.35 19.29
C GLU A 21 2.21 4.22 18.64
N LYS A 22 2.37 3.18 17.82
CA LYS A 22 3.60 2.90 17.06
C LYS A 22 3.22 2.25 15.71
N VAL A 23 3.96 2.58 14.65
CA VAL A 23 3.69 2.10 13.29
C VAL A 23 4.80 1.12 12.83
N THR A 24 4.44 0.18 11.96
CA THR A 24 5.36 -0.81 11.38
C THR A 24 6.20 -0.17 10.26
N LEU A 25 7.50 0.02 10.50
CA LEU A 25 8.45 0.45 9.46
C LEU A 25 8.87 -0.77 8.62
N VAL A 26 8.32 -0.87 7.42
CA VAL A 26 8.57 -1.99 6.50
C VAL A 26 9.72 -1.62 5.56
N ARG A 27 10.81 -2.38 5.62
CA ARG A 27 12.01 -2.15 4.80
C ARG A 27 11.82 -2.84 3.42
N ILE A 28 12.67 -2.49 2.44
CA ILE A 28 12.59 -3.06 1.06
C ILE A 28 12.68 -4.60 1.05
N ALA A 29 13.50 -5.15 1.97
CA ALA A 29 13.70 -6.60 2.10
C ALA A 29 12.37 -7.34 2.37
N ASP A 30 11.53 -6.74 3.23
CA ASP A 30 10.21 -7.31 3.64
C ASP A 30 9.25 -7.38 2.44
N LEU A 31 9.35 -6.39 1.53
CA LEU A 31 8.56 -6.37 0.27
C LEU A 31 8.90 -7.61 -0.58
N GLU A 32 10.23 -7.86 -0.71
CA GLU A 32 10.78 -8.95 -1.53
C GLU A 32 10.38 -10.32 -0.93
N ASN A 33 10.52 -10.44 0.40
CA ASN A 33 10.20 -11.67 1.14
C ASN A 33 8.72 -12.03 1.01
N HIS A 34 7.83 -11.05 1.27
CA HIS A 34 6.37 -11.28 1.30
C HIS A 34 5.86 -11.58 -0.12
N ASN A 35 6.46 -10.91 -1.12
CA ASN A 35 6.18 -11.15 -2.55
C ASN A 35 6.57 -12.60 -2.92
N ASN A 36 7.73 -13.04 -2.42
CA ASN A 36 8.25 -14.41 -2.62
C ASN A 36 7.37 -15.45 -1.90
N ASP A 37 6.78 -15.04 -0.76
CA ASP A 37 5.85 -15.89 0.02
C ASP A 37 4.50 -16.07 -0.69
N GLY A 38 4.21 -15.18 -1.65
CA GLY A 38 2.99 -15.27 -2.48
C GLY A 38 1.96 -14.22 -2.11
N GLY A 39 2.44 -13.04 -1.68
CA GLY A 39 1.60 -11.89 -1.35
C GLY A 39 2.24 -10.61 -1.84
N PHE A 40 1.72 -10.05 -2.94
CA PHE A 40 2.37 -8.95 -3.66
C PHE A 40 2.20 -7.63 -2.89
N TRP A 41 3.33 -7.14 -2.35
CA TRP A 41 3.40 -5.88 -1.59
C TRP A 41 3.95 -4.76 -2.47
N THR A 42 3.43 -3.55 -2.23
CA THR A 42 3.84 -2.32 -2.94
C THR A 42 3.88 -1.16 -1.93
N VAL A 43 4.75 -0.18 -2.21
CA VAL A 43 4.80 1.07 -1.45
C VAL A 43 4.11 2.21 -2.25
N ILE A 44 3.07 2.80 -1.65
CA ILE A 44 2.32 3.93 -2.20
C ILE A 44 2.17 5.00 -1.11
N ASP A 45 2.62 6.24 -1.39
CA ASP A 45 2.48 7.43 -0.51
C ASP A 45 3.22 7.22 0.84
N GLY A 46 4.34 6.47 0.80
CA GLY A 46 5.16 6.17 1.98
C GLY A 46 4.57 5.09 2.88
N LYS A 47 3.47 4.45 2.41
CA LYS A 47 2.77 3.37 3.09
C LYS A 47 2.99 2.07 2.31
N VAL A 48 2.82 0.90 2.94
CA VAL A 48 2.88 -0.41 2.25
C VAL A 48 1.50 -1.08 2.30
N TYR A 49 1.12 -1.73 1.17
CA TYR A 49 -0.20 -2.37 0.99
C TYR A 49 -0.03 -3.76 0.38
N ASP A 50 -1.03 -4.65 0.61
CA ASP A 50 -1.09 -5.98 -0.01
C ASP A 50 -2.11 -5.95 -1.17
N ILE A 51 -1.59 -5.96 -2.40
CA ILE A 51 -2.38 -5.89 -3.65
C ILE A 51 -3.23 -7.14 -3.87
N LYS A 52 -2.69 -8.30 -3.45
CA LYS A 52 -3.37 -9.60 -3.60
C LYS A 52 -4.72 -9.58 -2.85
N ASP A 53 -4.72 -8.98 -1.65
CA ASP A 53 -5.92 -8.81 -0.81
C ASP A 53 -6.90 -7.81 -1.45
N PHE A 54 -6.34 -6.66 -1.92
CA PHE A 54 -7.10 -5.58 -2.58
C PHE A 54 -8.04 -6.13 -3.66
N GLN A 55 -7.47 -6.80 -4.67
CA GLN A 55 -8.21 -7.35 -5.81
C GLN A 55 -9.21 -8.44 -5.35
N THR A 56 -8.87 -9.15 -4.26
CA THR A 56 -9.74 -10.20 -3.69
C THR A 56 -11.01 -9.58 -3.04
N GLN A 57 -10.88 -8.38 -2.43
CA GLN A 57 -12.02 -7.69 -1.77
C GLN A 57 -13.04 -7.16 -2.80
N SER A 58 -12.62 -7.12 -4.09
CA SER A 58 -13.48 -6.76 -5.23
C SER A 58 -14.29 -7.98 -5.75
N LEU A 59 -14.30 -9.10 -4.98
CA LEU A 59 -15.06 -10.33 -5.33
C LEU A 59 -16.58 -10.07 -5.36
N THR A 60 -17.02 -9.11 -4.54
CA THR A 60 -18.42 -8.73 -4.42
C THR A 60 -18.74 -7.62 -5.44
N GLU A 61 -19.87 -7.79 -6.16
CA GLU A 61 -20.34 -6.82 -7.17
C GLU A 61 -20.77 -5.50 -6.51
N ASN A 62 -21.21 -5.57 -5.24
CA ASN A 62 -21.50 -4.39 -4.40
C ASN A 62 -20.35 -4.21 -3.39
N SER A 63 -19.34 -3.44 -3.80
CA SER A 63 -18.18 -3.11 -2.98
C SER A 63 -17.68 -1.71 -3.35
N ILE A 64 -16.75 -1.18 -2.54
CA ILE A 64 -16.06 0.09 -2.84
C ILE A 64 -15.10 -0.09 -4.04
N LEU A 65 -14.71 -1.36 -4.31
CA LEU A 65 -13.75 -1.73 -5.37
C LEU A 65 -14.47 -2.28 -6.62
N ALA A 66 -15.82 -2.25 -6.60
CA ALA A 66 -16.64 -2.63 -7.78
C ALA A 66 -16.41 -1.66 -8.96
N GLN A 67 -16.07 -0.41 -8.60
CA GLN A 67 -15.69 0.66 -9.57
C GLN A 67 -14.21 0.49 -10.01
N PHE A 68 -13.40 -0.17 -9.17
CA PHE A 68 -11.95 -0.38 -9.41
C PHE A 68 -11.65 -1.79 -9.99
N ALA A 69 -12.72 -2.59 -10.19
CA ALA A 69 -12.63 -3.98 -10.70
C ALA A 69 -12.18 -4.01 -12.18
N GLY A 70 -12.40 -2.89 -12.91
CA GLY A 70 -12.01 -2.78 -14.33
C GLY A 70 -10.73 -1.97 -14.53
N GLU A 71 -9.88 -1.92 -13.49
CA GLU A 71 -8.64 -1.12 -13.48
C GLU A 71 -7.49 -1.96 -12.88
N ASP A 72 -6.23 -1.57 -13.19
CA ASP A 72 -5.01 -2.17 -12.61
C ASP A 72 -5.07 -2.09 -11.07
N PRO A 73 -4.83 -3.21 -10.32
CA PRO A 73 -5.05 -3.26 -8.85
C PRO A 73 -4.21 -2.24 -8.05
N VAL A 74 -2.98 -1.92 -8.53
CA VAL A 74 -2.10 -0.95 -7.86
C VAL A 74 -2.60 0.48 -8.12
N VAL A 75 -2.80 0.82 -9.42
CA VAL A 75 -3.23 2.19 -9.85
C VAL A 75 -4.62 2.55 -9.27
N ALA A 76 -5.47 1.52 -9.18
CA ALA A 76 -6.84 1.61 -8.62
C ALA A 76 -6.81 1.90 -7.12
N LEU A 77 -5.81 1.31 -6.43
CA LEU A 77 -5.58 1.52 -5.00
C LEU A 77 -5.09 2.96 -4.74
N GLU A 78 -4.23 3.47 -5.64
CA GLU A 78 -3.70 4.85 -5.55
C GLU A 78 -4.84 5.88 -5.73
N ALA A 79 -5.74 5.56 -6.70
CA ALA A 79 -6.96 6.34 -6.97
C ALA A 79 -7.94 6.25 -5.78
N ALA A 80 -7.94 5.09 -5.11
CA ALA A 80 -8.80 4.83 -3.93
C ALA A 80 -8.32 5.62 -2.70
N LEU A 81 -7.00 5.79 -2.57
CA LEU A 81 -6.38 6.61 -1.50
C LEU A 81 -6.73 8.08 -1.70
N GLN A 82 -6.70 8.52 -2.97
CA GLN A 82 -7.06 9.89 -3.35
C GLN A 82 -8.59 10.11 -3.27
N PHE A 83 -9.37 9.02 -3.40
CA PHE A 83 -10.83 9.07 -3.32
C PHE A 83 -11.27 9.15 -1.85
N GLU A 84 -11.87 10.29 -1.51
CA GLU A 84 -12.35 10.64 -0.15
C GLU A 84 -13.30 9.59 0.45
N ASP A 85 -14.04 8.90 -0.43
CA ASP A 85 -14.97 7.83 -0.04
C ASP A 85 -14.20 6.59 0.43
N THR A 86 -13.35 6.04 -0.46
CA THR A 86 -12.75 4.69 -0.29
C THR A 86 -11.44 4.69 0.53
N ARG A 87 -10.89 5.89 0.79
CA ARG A 87 -9.54 6.03 1.42
C ARG A 87 -9.51 5.49 2.85
N GLU A 88 -10.66 5.63 3.54
CA GLU A 88 -10.81 5.31 4.96
C GLU A 88 -10.77 3.78 5.21
N SER A 89 -11.22 3.00 4.20
CA SER A 89 -11.22 1.53 4.25
C SER A 89 -9.79 0.97 4.06
N MET A 90 -8.93 1.78 3.41
CA MET A 90 -7.54 1.40 3.08
C MET A 90 -6.61 1.41 4.31
N HIS A 91 -7.18 1.74 5.48
CA HIS A 91 -6.50 1.62 6.79
C HIS A 91 -6.18 0.14 7.10
N ALA A 92 -7.06 -0.77 6.60
CA ALA A 92 -6.94 -2.22 6.79
C ALA A 92 -5.93 -2.83 5.79
N PHE A 93 -5.82 -2.20 4.62
CA PHE A 93 -4.89 -2.64 3.54
C PHE A 93 -3.46 -2.12 3.82
N CYS A 94 -3.36 -1.01 4.59
CA CYS A 94 -2.09 -0.42 5.00
C CYS A 94 -1.51 -1.23 6.17
N VAL A 95 -0.44 -1.98 5.89
CA VAL A 95 0.28 -2.78 6.90
C VAL A 95 1.22 -1.88 7.75
N GLY A 96 1.55 -0.68 7.21
CA GLY A 96 2.35 0.31 7.92
C GLY A 96 3.09 1.24 6.99
N GLN A 97 4.18 1.83 7.48
CA GLN A 97 5.10 2.69 6.73
C GLN A 97 6.05 1.86 5.86
N TYR A 98 6.69 2.53 4.91
CA TYR A 98 7.90 2.03 4.22
C TYR A 98 9.09 2.88 4.70
N LEU A 99 10.25 2.24 4.85
CA LEU A 99 11.48 2.90 5.28
C LEU A 99 12.63 2.36 4.42
N GLU A 100 13.36 3.27 3.74
CA GLU A 100 14.52 2.92 2.90
C GLU A 100 15.73 2.53 3.79
N PRO A 101 16.55 1.52 3.37
CA PRO A 101 17.79 1.13 4.09
C PRO A 101 18.80 2.31 4.23
N ASP A 102 18.83 3.20 3.23
CA ASP A 102 19.72 4.38 3.21
C ASP A 102 19.11 5.53 4.03
N GLN A 103 17.76 5.58 4.08
CA GLN A 103 17.00 6.65 4.79
C GLN A 103 17.24 6.56 6.31
N GLU A 104 17.58 5.36 6.79
CA GLU A 104 17.91 5.11 8.20
C GLU A 104 19.17 5.89 8.64
N GLY A 105 20.13 6.05 7.70
CA GLY A 105 21.41 6.72 7.99
C GLY A 105 21.76 7.79 6.98
N VAL A 106 20.72 8.47 6.42
CA VAL A 106 20.94 9.56 5.45
C VAL A 106 21.19 10.89 6.18
N THR A 107 22.25 11.60 5.76
CA THR A 107 22.58 12.94 6.23
C THR A 107 22.91 13.84 5.02
N ILE A 108 22.30 15.03 4.98
CA ILE A 108 22.49 16.03 3.91
C ILE A 108 23.27 17.22 4.50
N PRO A 109 24.46 17.59 3.91
CA PRO A 109 25.29 18.70 4.40
C PRO A 109 24.67 20.09 4.07
N ASP A 110 25.08 21.11 4.83
CA ASP A 110 24.67 22.51 4.59
C ASP A 110 25.42 23.05 3.38
N LEU A 111 24.86 22.80 2.19
CA LEU A 111 25.43 23.24 0.91
C LEU A 111 24.71 24.51 0.43
N GLY A 112 23.38 24.41 0.31
CA GLY A 112 22.51 25.52 -0.05
C GLY A 112 21.26 25.01 -0.78
N GLU A 21 -1.13 0.69 18.21
CA GLU A 21 -0.66 1.97 17.64
C GLU A 21 0.71 1.78 16.96
N LYS A 22 1.59 0.95 17.60
CA LYS A 22 2.96 0.68 17.12
C LYS A 22 2.96 0.17 15.66
N VAL A 23 3.29 1.08 14.73
CA VAL A 23 3.22 0.81 13.28
C VAL A 23 4.42 -0.06 12.82
N THR A 24 4.14 -1.00 11.93
CA THR A 24 5.14 -1.88 11.33
C THR A 24 5.94 -1.11 10.26
N LEU A 25 7.22 -0.82 10.54
CA LEU A 25 8.14 -0.17 9.58
C LEU A 25 8.72 -1.23 8.64
N VAL A 26 8.22 -1.22 7.39
CA VAL A 26 8.49 -2.24 6.39
C VAL A 26 9.67 -1.83 5.50
N ARG A 27 10.67 -2.70 5.44
CA ARG A 27 11.92 -2.51 4.66
C ARG A 27 11.64 -2.68 3.14
N ILE A 28 12.56 -2.23 2.27
CA ILE A 28 12.36 -2.32 0.79
C ILE A 28 12.36 -3.77 0.30
N ALA A 29 13.29 -4.59 0.84
CA ALA A 29 13.41 -6.02 0.53
C ALA A 29 12.20 -6.79 1.10
N ASP A 30 11.65 -6.27 2.22
CA ASP A 30 10.55 -6.89 2.98
C ASP A 30 9.30 -7.08 2.09
N LEU A 31 9.03 -6.08 1.22
CA LEU A 31 7.95 -6.15 0.19
C LEU A 31 8.15 -7.37 -0.72
N GLU A 32 9.39 -7.52 -1.21
CA GLU A 32 9.76 -8.52 -2.25
C GLU A 32 9.68 -9.95 -1.70
N ASN A 33 10.17 -10.14 -0.45
CA ASN A 33 10.20 -11.46 0.22
C ASN A 33 8.79 -11.92 0.62
N HIS A 34 7.97 -10.97 1.13
CA HIS A 34 6.56 -11.24 1.49
C HIS A 34 5.74 -11.56 0.23
N ASN A 35 6.11 -10.92 -0.89
CA ASN A 35 5.53 -11.16 -2.24
C ASN A 35 5.84 -12.60 -2.72
N ASN A 36 7.11 -13.03 -2.52
CA ASN A 36 7.57 -14.39 -2.90
C ASN A 36 6.85 -15.46 -2.04
N ASP A 37 6.50 -15.08 -0.80
CA ASP A 37 5.73 -15.93 0.14
C ASP A 37 4.28 -16.15 -0.36
N GLY A 38 3.73 -15.11 -1.02
CA GLY A 38 2.36 -15.15 -1.58
C GLY A 38 1.51 -13.96 -1.15
N GLY A 39 2.17 -12.84 -0.80
CA GLY A 39 1.49 -11.63 -0.33
C GLY A 39 2.06 -10.40 -1.03
N PHE A 40 1.37 -9.91 -2.05
CA PHE A 40 1.91 -8.86 -2.93
C PHE A 40 1.87 -7.52 -2.18
N TRP A 41 3.05 -7.03 -1.77
CA TRP A 41 3.21 -5.74 -1.09
C TRP A 41 3.76 -4.70 -2.06
N THR A 42 3.11 -3.53 -2.07
CA THR A 42 3.50 -2.36 -2.88
C THR A 42 3.61 -1.13 -1.96
N VAL A 43 4.56 -0.24 -2.25
CA VAL A 43 4.71 1.03 -1.51
C VAL A 43 4.00 2.17 -2.25
N ILE A 44 2.92 2.68 -1.64
CA ILE A 44 2.14 3.81 -2.17
C ILE A 44 2.13 4.94 -1.11
N ASP A 45 2.68 6.11 -1.48
CA ASP A 45 2.62 7.37 -0.70
C ASP A 45 3.33 7.24 0.69
N GLY A 46 4.40 6.43 0.73
CA GLY A 46 5.19 6.24 1.96
C GLY A 46 4.60 5.18 2.91
N LYS A 47 3.57 4.49 2.44
CA LYS A 47 2.91 3.38 3.16
C LYS A 47 3.07 2.10 2.35
N VAL A 48 2.87 0.96 3.01
CA VAL A 48 2.87 -0.36 2.35
C VAL A 48 1.46 -0.96 2.44
N TYR A 49 0.92 -1.30 1.25
CA TYR A 49 -0.41 -1.92 1.11
C TYR A 49 -0.26 -3.30 0.47
N ASP A 50 -1.24 -4.17 0.71
CA ASP A 50 -1.29 -5.49 0.04
C ASP A 50 -2.25 -5.43 -1.16
N ILE A 51 -1.93 -6.20 -2.22
CA ILE A 51 -2.63 -6.16 -3.50
C ILE A 51 -3.45 -7.43 -3.74
N LYS A 52 -3.00 -8.60 -3.24
CA LYS A 52 -3.79 -9.84 -3.36
C LYS A 52 -4.99 -9.80 -2.36
N ASP A 53 -4.81 -9.07 -1.24
CA ASP A 53 -5.89 -8.78 -0.26
C ASP A 53 -6.89 -7.77 -0.86
N PHE A 54 -6.35 -6.77 -1.60
CA PHE A 54 -7.14 -5.81 -2.39
C PHE A 54 -8.08 -6.58 -3.35
N GLN A 55 -7.48 -7.47 -4.16
CA GLN A 55 -8.18 -8.20 -5.23
C GLN A 55 -9.22 -9.20 -4.68
N THR A 56 -8.99 -9.70 -3.46
CA THR A 56 -9.98 -10.52 -2.73
C THR A 56 -11.29 -9.73 -2.54
N GLN A 57 -11.15 -8.46 -2.08
CA GLN A 57 -12.27 -7.54 -1.87
C GLN A 57 -12.76 -6.94 -3.21
N SER A 58 -11.93 -7.01 -4.27
CA SER A 58 -12.31 -6.53 -5.62
C SER A 58 -13.25 -7.51 -6.30
N LEU A 59 -13.24 -8.78 -5.86
CA LEU A 59 -14.21 -9.80 -6.31
C LEU A 59 -15.53 -9.71 -5.50
N THR A 60 -15.67 -8.67 -4.66
CA THR A 60 -16.89 -8.41 -3.85
C THR A 60 -17.67 -7.22 -4.46
N GLU A 61 -19.00 -7.39 -4.60
CA GLU A 61 -19.88 -6.42 -5.29
C GLU A 61 -20.14 -5.14 -4.45
N ASN A 62 -20.36 -5.32 -3.12
CA ASN A 62 -20.65 -4.19 -2.19
C ASN A 62 -19.37 -3.47 -1.73
N SER A 63 -18.21 -3.91 -2.23
CA SER A 63 -16.94 -3.19 -2.06
C SER A 63 -16.83 -2.05 -3.07
N ILE A 64 -16.10 -1.00 -2.69
CA ILE A 64 -15.71 0.10 -3.59
C ILE A 64 -14.95 -0.43 -4.83
N LEU A 65 -14.23 -1.56 -4.64
CA LEU A 65 -13.34 -2.16 -5.65
C LEU A 65 -14.10 -2.87 -6.79
N ALA A 66 -15.44 -2.86 -6.70
CA ALA A 66 -16.34 -3.33 -7.77
C ALA A 66 -16.21 -2.44 -9.03
N GLN A 67 -16.11 -1.11 -8.81
CA GLN A 67 -15.96 -0.12 -9.89
C GLN A 67 -14.51 -0.10 -10.44
N PHE A 68 -13.56 -0.61 -9.62
CA PHE A 68 -12.12 -0.67 -9.96
C PHE A 68 -11.75 -2.03 -10.61
N ALA A 69 -12.76 -2.90 -10.82
CA ALA A 69 -12.57 -4.22 -11.47
C ALA A 69 -12.22 -4.03 -12.97
N GLY A 70 -10.97 -4.38 -13.33
CA GLY A 70 -10.46 -4.17 -14.71
C GLY A 70 -9.35 -3.13 -14.75
N GLU A 71 -9.40 -2.18 -13.80
CA GLU A 71 -8.34 -1.18 -13.61
C GLU A 71 -7.19 -1.80 -12.79
N ASP A 72 -5.95 -1.31 -12.99
CA ASP A 72 -4.75 -1.85 -12.30
C ASP A 72 -4.92 -1.73 -10.76
N PRO A 73 -4.75 -2.85 -9.97
CA PRO A 73 -5.01 -2.86 -8.51
C PRO A 73 -4.24 -1.79 -7.72
N VAL A 74 -3.00 -1.50 -8.17
CA VAL A 74 -2.13 -0.52 -7.52
C VAL A 74 -2.63 0.91 -7.80
N VAL A 75 -2.90 1.24 -9.09
CA VAL A 75 -3.32 2.60 -9.50
C VAL A 75 -4.74 2.93 -8.98
N ALA A 76 -5.54 1.86 -8.81
CA ALA A 76 -6.91 1.95 -8.27
C ALA A 76 -6.85 2.29 -6.78
N LEU A 77 -5.83 1.74 -6.10
CA LEU A 77 -5.55 2.00 -4.68
C LEU A 77 -4.99 3.44 -4.50
N GLU A 78 -4.15 3.88 -5.47
CA GLU A 78 -3.51 5.23 -5.48
C GLU A 78 -4.58 6.34 -5.61
N ALA A 79 -5.48 6.17 -6.59
CA ALA A 79 -6.61 7.08 -6.85
C ALA A 79 -7.63 7.03 -5.70
N ALA A 80 -7.71 5.86 -5.04
CA ALA A 80 -8.59 5.64 -3.88
C ALA A 80 -8.11 6.39 -2.64
N LEU A 81 -6.76 6.49 -2.47
CA LEU A 81 -6.16 7.27 -1.36
C LEU A 81 -6.51 8.76 -1.49
N GLN A 82 -6.59 9.23 -2.74
CA GLN A 82 -7.02 10.60 -3.05
C GLN A 82 -8.51 10.79 -2.70
N PHE A 83 -9.35 9.83 -3.12
CA PHE A 83 -10.81 9.95 -2.98
C PHE A 83 -11.26 9.53 -1.55
N GLU A 84 -11.89 10.49 -0.86
CA GLU A 84 -12.26 10.42 0.57
C GLU A 84 -13.10 9.17 0.96
N ASP A 85 -13.98 8.71 0.05
CA ASP A 85 -14.87 7.56 0.31
C ASP A 85 -14.14 6.22 0.15
N THR A 86 -13.18 6.17 -0.77
CA THR A 86 -12.48 4.92 -1.15
C THR A 86 -11.17 4.71 -0.36
N ARG A 87 -10.69 5.76 0.33
CA ARG A 87 -9.46 5.67 1.17
C ARG A 87 -9.74 4.88 2.46
N GLU A 88 -11.04 4.79 2.81
CA GLU A 88 -11.53 4.18 4.06
C GLU A 88 -11.20 2.68 4.09
N SER A 89 -11.31 2.02 2.93
CA SER A 89 -10.97 0.58 2.78
C SER A 89 -9.44 0.39 2.72
N MET A 90 -8.74 1.40 2.16
CA MET A 90 -7.27 1.39 2.02
C MET A 90 -6.59 1.54 3.38
N HIS A 91 -7.34 2.11 4.36
CA HIS A 91 -6.92 2.20 5.77
C HIS A 91 -6.70 0.78 6.34
N ALA A 92 -7.54 -0.17 5.89
CA ALA A 92 -7.44 -1.60 6.26
C ALA A 92 -6.32 -2.30 5.47
N PHE A 93 -6.16 -1.94 4.17
CA PHE A 93 -5.13 -2.54 3.29
C PHE A 93 -3.72 -2.04 3.65
N CYS A 94 -3.63 -0.96 4.45
CA CYS A 94 -2.35 -0.42 4.97
C CYS A 94 -1.75 -1.41 5.98
N VAL A 95 -1.04 -2.41 5.44
CA VAL A 95 -0.43 -3.51 6.22
C VAL A 95 0.83 -3.02 6.99
N GLY A 96 1.35 -1.85 6.59
CA GLY A 96 2.46 -1.22 7.29
C GLY A 96 2.76 0.17 6.73
N GLN A 97 3.83 0.77 7.27
CA GLN A 97 4.37 2.07 6.80
C GLN A 97 5.80 1.84 6.32
N TYR A 98 6.14 2.39 5.17
CA TYR A 98 7.41 2.11 4.49
C TYR A 98 8.59 2.86 5.16
N LEU A 99 9.74 2.19 5.20
CA LEU A 99 11.01 2.73 5.71
C LEU A 99 12.15 2.23 4.80
N GLU A 100 12.98 3.18 4.34
CA GLU A 100 14.10 2.91 3.43
C GLU A 100 15.40 2.64 4.24
N PRO A 101 16.25 1.66 3.79
CA PRO A 101 17.59 1.41 4.40
C PRO A 101 18.56 2.61 4.22
N ASP A 102 18.33 3.43 3.16
CA ASP A 102 19.12 4.66 2.91
C ASP A 102 18.62 5.81 3.81
N GLN A 103 17.34 5.71 4.24
CA GLN A 103 16.68 6.72 5.09
C GLN A 103 17.20 6.64 6.55
N GLU A 104 18.02 5.62 6.85
CA GLU A 104 18.74 5.50 8.13
C GLU A 104 19.75 6.66 8.32
N GLY A 105 20.20 7.26 7.19
CA GLY A 105 21.11 8.40 7.21
C GLY A 105 21.19 9.08 5.85
N VAL A 106 20.07 9.71 5.44
CA VAL A 106 19.99 10.47 4.17
C VAL A 106 20.49 11.91 4.41
N THR A 107 21.23 12.46 3.43
CA THR A 107 21.80 13.81 3.50
C THR A 107 21.22 14.68 2.38
N ILE A 108 20.53 15.78 2.76
CA ILE A 108 19.89 16.71 1.81
C ILE A 108 20.48 18.14 2.02
N PRO A 109 21.46 18.58 1.16
CA PRO A 109 21.99 19.97 1.17
C PRO A 109 20.90 21.04 0.90
N ASP A 110 21.06 22.22 1.52
CA ASP A 110 20.19 23.39 1.29
C ASP A 110 20.49 24.00 -0.09
N LEU A 111 19.59 23.73 -1.05
CA LEU A 111 19.66 24.29 -2.40
C LEU A 111 18.44 25.20 -2.65
N GLY A 112 17.87 25.75 -1.55
CA GLY A 112 16.68 26.58 -1.59
C GLY A 112 16.82 27.86 -0.76
N GLU A 21 0.35 0.52 17.94
CA GLU A 21 1.06 1.71 18.46
C GLU A 21 2.35 1.91 17.67
N LYS A 22 3.29 0.95 17.82
CA LYS A 22 4.52 0.90 17.02
C LYS A 22 4.16 0.43 15.61
N VAL A 23 4.04 1.39 14.68
CA VAL A 23 3.72 1.10 13.28
C VAL A 23 4.91 0.36 12.63
N THR A 24 4.61 -0.75 11.94
CA THR A 24 5.62 -1.61 11.32
C THR A 24 6.39 -0.87 10.22
N LEU A 25 7.68 -0.61 10.46
CA LEU A 25 8.58 -0.01 9.46
C LEU A 25 8.99 -1.09 8.45
N VAL A 26 8.37 -1.05 7.28
CA VAL A 26 8.61 -1.99 6.20
C VAL A 26 9.59 -1.36 5.19
N ARG A 27 10.53 -2.17 4.70
CA ARG A 27 11.54 -1.76 3.70
C ARG A 27 11.26 -2.47 2.36
N ILE A 28 11.83 -1.95 1.25
CA ILE A 28 11.59 -2.49 -0.13
C ILE A 28 11.95 -3.99 -0.22
N ALA A 29 13.03 -4.38 0.46
CA ALA A 29 13.51 -5.78 0.52
C ALA A 29 12.43 -6.71 1.13
N ASP A 30 11.70 -6.19 2.13
CA ASP A 30 10.65 -6.94 2.85
C ASP A 30 9.41 -7.16 1.96
N LEU A 31 9.09 -6.16 1.09
CA LEU A 31 8.05 -6.31 0.04
C LEU A 31 8.39 -7.47 -0.91
N GLU A 32 9.65 -7.49 -1.36
CA GLU A 32 10.16 -8.43 -2.39
C GLU A 32 10.12 -9.90 -1.90
N ASN A 33 10.51 -10.13 -0.64
CA ASN A 33 10.47 -11.48 -0.01
C ASN A 33 9.01 -11.91 0.24
N HIS A 34 8.17 -10.95 0.71
CA HIS A 34 6.74 -11.21 0.99
C HIS A 34 5.95 -11.51 -0.32
N ASN A 35 6.44 -10.94 -1.42
CA ASN A 35 5.89 -11.15 -2.78
C ASN A 35 6.08 -12.63 -3.20
N ASN A 36 7.33 -13.13 -3.04
CA ASN A 36 7.70 -14.52 -3.39
C ASN A 36 7.17 -15.53 -2.34
N ASP A 37 6.75 -15.02 -1.18
CA ASP A 37 6.03 -15.80 -0.15
C ASP A 37 4.62 -16.17 -0.66
N GLY A 38 4.02 -15.26 -1.44
CA GLY A 38 2.69 -15.44 -2.04
C GLY A 38 1.71 -14.38 -1.59
N GLY A 39 2.22 -13.14 -1.45
CA GLY A 39 1.39 -11.99 -1.08
C GLY A 39 1.98 -10.73 -1.69
N PHE A 40 1.31 -10.17 -2.73
CA PHE A 40 1.83 -9.03 -3.48
C PHE A 40 1.66 -7.77 -2.61
N TRP A 41 2.77 -7.05 -2.39
CA TRP A 41 2.82 -5.81 -1.61
C TRP A 41 3.22 -4.64 -2.51
N THR A 42 2.75 -3.45 -2.12
CA THR A 42 3.03 -2.18 -2.82
C THR A 42 3.19 -1.05 -1.79
N VAL A 43 3.75 0.08 -2.23
CA VAL A 43 3.91 1.29 -1.40
C VAL A 43 3.09 2.41 -2.03
N ILE A 44 2.02 2.82 -1.35
CA ILE A 44 1.17 3.94 -1.76
C ILE A 44 1.42 5.11 -0.79
N ASP A 45 2.18 6.12 -1.26
CA ASP A 45 2.39 7.42 -0.57
C ASP A 45 3.04 7.23 0.83
N GLY A 46 4.04 6.33 0.90
CA GLY A 46 4.82 6.11 2.14
C GLY A 46 4.16 5.13 3.12
N LYS A 47 3.13 4.41 2.66
CA LYS A 47 2.49 3.32 3.42
C LYS A 47 2.52 2.05 2.58
N VAL A 48 2.70 0.89 3.22
CA VAL A 48 2.69 -0.41 2.53
C VAL A 48 1.33 -1.09 2.68
N TYR A 49 0.83 -1.67 1.57
CA TYR A 49 -0.50 -2.30 1.47
C TYR A 49 -0.38 -3.72 0.94
N ASP A 50 -1.38 -4.56 1.26
CA ASP A 50 -1.48 -5.94 0.76
C ASP A 50 -2.44 -5.96 -0.45
N ILE A 51 -1.85 -6.01 -1.66
CA ILE A 51 -2.60 -6.07 -2.95
C ILE A 51 -3.42 -7.35 -3.08
N LYS A 52 -2.93 -8.46 -2.51
CA LYS A 52 -3.61 -9.76 -2.59
C LYS A 52 -4.97 -9.70 -1.86
N ASP A 53 -4.96 -9.08 -0.66
CA ASP A 53 -6.17 -8.86 0.18
C ASP A 53 -7.13 -7.88 -0.52
N PHE A 54 -6.54 -6.83 -1.14
CA PHE A 54 -7.25 -5.79 -1.92
C PHE A 54 -8.09 -6.41 -3.06
N GLN A 55 -7.44 -7.21 -3.92
CA GLN A 55 -8.07 -7.83 -5.10
C GLN A 55 -9.08 -8.94 -4.67
N THR A 56 -8.85 -9.54 -3.47
CA THR A 56 -9.82 -10.47 -2.86
C THR A 56 -11.16 -9.75 -2.54
N GLN A 57 -11.07 -8.50 -2.01
CA GLN A 57 -12.25 -7.68 -1.68
C GLN A 57 -12.96 -7.21 -2.96
N SER A 58 -12.18 -7.10 -4.07
CA SER A 58 -12.67 -6.69 -5.39
C SER A 58 -13.41 -7.86 -6.12
N LEU A 59 -13.68 -8.97 -5.38
CA LEU A 59 -14.53 -10.08 -5.87
C LEU A 59 -16.00 -9.62 -6.04
N THR A 60 -16.48 -8.80 -5.08
CA THR A 60 -17.87 -8.33 -5.05
C THR A 60 -18.00 -6.90 -5.60
N GLU A 61 -19.16 -6.65 -6.24
CA GLU A 61 -19.53 -5.33 -6.76
C GLU A 61 -20.04 -4.42 -5.62
N ASN A 62 -20.44 -5.04 -4.50
CA ASN A 62 -20.86 -4.33 -3.28
C ASN A 62 -19.69 -3.52 -2.70
N SER A 63 -18.46 -4.00 -2.96
CA SER A 63 -17.22 -3.32 -2.57
C SER A 63 -17.06 -2.01 -3.37
N ILE A 64 -16.36 -1.04 -2.76
CA ILE A 64 -15.95 0.23 -3.39
C ILE A 64 -14.98 -0.01 -4.59
N LEU A 65 -14.39 -1.21 -4.61
CA LEU A 65 -13.41 -1.65 -5.63
C LEU A 65 -14.11 -2.20 -6.89
N ALA A 66 -15.43 -2.03 -6.96
CA ALA A 66 -16.26 -2.39 -8.13
C ALA A 66 -15.87 -1.56 -9.36
N GLN A 67 -15.61 -0.27 -9.12
CA GLN A 67 -15.15 0.70 -10.14
C GLN A 67 -13.67 0.45 -10.51
N PHE A 68 -12.97 -0.35 -9.68
CA PHE A 68 -11.53 -0.65 -9.81
C PHE A 68 -11.28 -2.11 -10.24
N ALA A 69 -12.37 -2.85 -10.53
CA ALA A 69 -12.32 -4.30 -10.81
C ALA A 69 -11.53 -4.64 -12.10
N GLY A 70 -11.66 -3.77 -13.13
CA GLY A 70 -10.97 -3.95 -14.42
C GLY A 70 -9.72 -3.08 -14.56
N GLU A 71 -9.35 -2.39 -13.48
CA GLU A 71 -8.13 -1.55 -13.40
C GLU A 71 -7.01 -2.34 -12.72
N ASP A 72 -5.74 -2.00 -13.06
CA ASP A 72 -4.55 -2.54 -12.38
C ASP A 72 -4.67 -2.31 -10.85
N PRO A 73 -4.57 -3.37 -9.99
CA PRO A 73 -4.87 -3.28 -8.52
C PRO A 73 -4.02 -2.21 -7.78
N VAL A 74 -2.78 -1.98 -8.24
CA VAL A 74 -1.86 -1.00 -7.62
C VAL A 74 -2.30 0.44 -7.98
N VAL A 75 -2.56 0.67 -9.28
CA VAL A 75 -3.00 1.99 -9.81
C VAL A 75 -4.37 2.37 -9.23
N ALA A 76 -5.22 1.35 -9.10
CA ALA A 76 -6.56 1.42 -8.53
C ALA A 76 -6.51 1.84 -7.05
N LEU A 77 -5.53 1.28 -6.35
CA LEU A 77 -5.30 1.54 -4.92
C LEU A 77 -4.73 2.96 -4.70
N GLU A 78 -3.87 3.42 -5.63
CA GLU A 78 -3.34 4.81 -5.61
C GLU A 78 -4.49 5.81 -5.74
N ALA A 79 -5.38 5.55 -6.72
CA ALA A 79 -6.60 6.35 -6.96
C ALA A 79 -7.57 6.27 -5.77
N ALA A 80 -7.57 5.10 -5.10
CA ALA A 80 -8.42 4.84 -3.92
C ALA A 80 -7.94 5.62 -2.69
N LEU A 81 -6.63 5.91 -2.62
CA LEU A 81 -6.06 6.77 -1.55
C LEU A 81 -6.39 8.26 -1.80
N GLN A 82 -6.54 8.62 -3.08
CA GLN A 82 -6.85 9.99 -3.49
C GLN A 82 -8.33 10.31 -3.27
N PHE A 83 -9.20 9.33 -3.60
CA PHE A 83 -10.66 9.47 -3.43
C PHE A 83 -11.02 9.22 -1.96
N GLU A 84 -11.68 10.21 -1.34
CA GLU A 84 -11.92 10.27 0.12
C GLU A 84 -12.72 9.07 0.65
N ASP A 85 -13.75 8.66 -0.10
CA ASP A 85 -14.67 7.58 0.33
C ASP A 85 -13.98 6.21 0.37
N THR A 86 -13.07 6.01 -0.60
CA THR A 86 -12.37 4.73 -0.78
C THR A 86 -11.17 4.58 0.18
N ARG A 87 -10.52 5.71 0.57
CA ARG A 87 -9.31 5.68 1.44
C ARG A 87 -9.66 5.38 2.90
N GLU A 88 -10.97 5.47 3.23
CA GLU A 88 -11.49 5.12 4.58
C GLU A 88 -11.34 3.61 4.83
N SER A 89 -11.53 2.82 3.77
CA SER A 89 -11.35 1.35 3.82
C SER A 89 -9.86 0.99 3.80
N MET A 90 -9.04 1.84 3.13
CA MET A 90 -7.58 1.61 2.95
C MET A 90 -6.80 1.79 4.26
N HIS A 91 -7.50 2.31 5.29
CA HIS A 91 -7.00 2.38 6.67
C HIS A 91 -6.72 0.96 7.23
N ALA A 92 -7.51 -0.02 6.76
CA ALA A 92 -7.34 -1.45 7.14
C ALA A 92 -6.26 -2.14 6.28
N PHE A 93 -6.17 -1.76 4.99
CA PHE A 93 -5.27 -2.42 4.02
C PHE A 93 -3.80 -2.03 4.23
N CYS A 94 -3.57 -0.86 4.87
CA CYS A 94 -2.21 -0.40 5.20
C CYS A 94 -1.64 -1.27 6.33
N VAL A 95 -0.80 -2.24 5.95
CA VAL A 95 -0.18 -3.21 6.88
C VAL A 95 0.86 -2.54 7.79
N GLY A 96 1.50 -1.47 7.28
CA GLY A 96 2.51 -0.72 8.03
C GLY A 96 2.96 0.53 7.27
N GLN A 97 3.89 1.28 7.89
CA GLN A 97 4.49 2.48 7.29
C GLN A 97 5.75 2.07 6.54
N TYR A 98 5.95 2.60 5.33
CA TYR A 98 7.17 2.39 4.57
C TYR A 98 8.27 3.35 5.04
N LEU A 99 9.50 2.86 5.06
CA LEU A 99 10.71 3.66 5.27
C LEU A 99 11.74 3.19 4.25
N GLU A 100 12.08 4.07 3.29
CA GLU A 100 13.00 3.77 2.19
C GLU A 100 14.46 3.69 2.72
N PRO A 101 15.32 2.74 2.21
CA PRO A 101 16.75 2.63 2.60
C PRO A 101 17.48 4.00 2.71
N ASP A 102 17.53 4.73 1.57
CA ASP A 102 18.31 5.98 1.43
C ASP A 102 17.56 7.22 2.00
N GLN A 103 16.27 7.02 2.38
CA GLN A 103 15.44 8.07 3.05
C GLN A 103 16.14 8.62 4.32
N GLU A 104 16.86 7.69 5.00
CA GLU A 104 17.57 7.97 6.25
C GLU A 104 18.74 8.97 6.05
N GLY A 105 19.30 9.00 4.83
CA GLY A 105 20.33 9.98 4.47
C GLY A 105 19.74 11.35 4.19
N VAL A 106 19.35 11.58 2.93
CA VAL A 106 18.61 12.79 2.52
C VAL A 106 17.69 12.45 1.33
N THR A 107 16.39 12.69 1.49
CA THR A 107 15.40 12.52 0.42
C THR A 107 15.37 13.79 -0.46
N ILE A 108 15.65 13.60 -1.76
CA ILE A 108 15.77 14.70 -2.73
C ILE A 108 14.41 14.90 -3.45
N PRO A 109 13.72 16.07 -3.24
CA PRO A 109 12.47 16.40 -3.95
C PRO A 109 12.72 17.00 -5.35
N ASP A 110 11.64 17.12 -6.13
CA ASP A 110 11.68 17.58 -7.53
C ASP A 110 11.07 18.99 -7.65
N LEU A 111 11.93 20.00 -7.86
CA LEU A 111 11.52 21.41 -7.99
C LEU A 111 11.23 21.74 -9.48
N GLY A 112 12.26 21.62 -10.33
CA GLY A 112 12.14 21.88 -11.77
C GLY A 112 13.47 21.78 -12.50
N GLU A 21 -0.83 3.17 18.10
CA GLU A 21 -0.40 4.58 17.91
C GLU A 21 1.07 4.65 17.47
N LYS A 22 1.84 3.58 17.73
CA LYS A 22 3.24 3.48 17.29
C LYS A 22 3.30 3.14 15.79
N VAL A 23 4.29 3.72 15.09
CA VAL A 23 4.47 3.50 13.65
C VAL A 23 5.27 2.20 13.40
N THR A 24 4.62 1.21 12.74
CA THR A 24 5.26 -0.05 12.35
C THR A 24 6.03 0.15 11.03
N LEU A 25 7.37 0.13 11.12
CA LEU A 25 8.27 0.32 9.97
C LEU A 25 8.52 -1.00 9.25
N VAL A 26 8.00 -1.11 8.02
CA VAL A 26 8.22 -2.26 7.14
C VAL A 26 9.39 -1.93 6.20
N ARG A 27 10.41 -2.80 6.18
CA ARG A 27 11.63 -2.61 5.36
C ARG A 27 11.48 -3.28 3.99
N ILE A 28 12.42 -2.96 3.05
CA ILE A 28 12.38 -3.48 1.67
C ILE A 28 12.64 -5.00 1.63
N ALA A 29 13.50 -5.47 2.57
CA ALA A 29 13.82 -6.91 2.72
C ALA A 29 12.56 -7.72 3.03
N ASP A 30 11.63 -7.11 3.77
CA ASP A 30 10.35 -7.74 4.13
C ASP A 30 9.43 -7.82 2.88
N LEU A 31 9.38 -6.71 2.12
CA LEU A 31 8.55 -6.58 0.89
C LEU A 31 8.88 -7.67 -0.15
N GLU A 32 10.19 -7.77 -0.48
CA GLU A 32 10.71 -8.64 -1.56
C GLU A 32 10.46 -10.13 -1.26
N ASN A 33 10.82 -10.54 -0.03
CA ASN A 33 10.65 -11.92 0.43
C ASN A 33 9.15 -12.31 0.50
N HIS A 34 8.29 -11.31 0.84
CA HIS A 34 6.82 -11.51 0.94
C HIS A 34 6.20 -11.62 -0.47
N ASN A 35 6.78 -10.87 -1.44
CA ASN A 35 6.39 -10.89 -2.86
C ASN A 35 6.60 -12.30 -3.44
N ASN A 36 7.72 -12.94 -3.03
CA ASN A 36 8.12 -14.28 -3.48
C ASN A 36 7.19 -15.37 -2.92
N ASP A 37 6.56 -15.09 -1.75
CA ASP A 37 5.54 -15.99 -1.15
C ASP A 37 4.23 -15.98 -1.96
N GLY A 38 4.04 -14.94 -2.79
CA GLY A 38 2.81 -14.74 -3.55
C GLY A 38 2.07 -13.50 -3.12
N GLY A 39 2.36 -13.04 -1.88
CA GLY A 39 1.75 -11.85 -1.31
C GLY A 39 2.32 -10.59 -1.94
N PHE A 40 1.65 -10.09 -2.99
CA PHE A 40 2.09 -8.88 -3.69
C PHE A 40 1.66 -7.65 -2.88
N TRP A 41 2.67 -6.95 -2.33
CA TRP A 41 2.51 -5.63 -1.69
C TRP A 41 3.08 -4.54 -2.61
N THR A 42 2.89 -3.29 -2.21
CA THR A 42 3.50 -2.12 -2.86
C THR A 42 3.69 -1.01 -1.81
N VAL A 43 4.53 -0.02 -2.14
CA VAL A 43 4.75 1.16 -1.29
C VAL A 43 4.36 2.41 -2.07
N ILE A 44 3.30 3.09 -1.61
CA ILE A 44 2.82 4.37 -2.18
C ILE A 44 2.49 5.32 -1.01
N ASP A 45 2.96 6.58 -1.10
CA ASP A 45 2.85 7.62 -0.04
C ASP A 45 3.63 7.19 1.23
N GLY A 46 4.71 6.42 0.99
CA GLY A 46 5.53 5.82 2.06
C GLY A 46 4.74 4.86 2.94
N LYS A 47 3.68 4.25 2.35
CA LYS A 47 2.80 3.30 3.05
C LYS A 47 2.82 1.98 2.30
N VAL A 48 2.97 0.88 3.05
CA VAL A 48 2.90 -0.47 2.51
C VAL A 48 1.44 -0.90 2.44
N TYR A 49 0.91 -1.04 1.22
CA TYR A 49 -0.47 -1.49 0.97
C TYR A 49 -0.48 -2.90 0.40
N ASP A 50 -1.56 -3.63 0.71
CA ASP A 50 -1.79 -4.98 0.17
C ASP A 50 -2.53 -4.87 -1.17
N ILE A 51 -2.13 -5.70 -2.14
CA ILE A 51 -2.63 -5.64 -3.53
C ILE A 51 -3.39 -6.93 -3.91
N LYS A 52 -2.86 -8.09 -3.47
CA LYS A 52 -3.48 -9.40 -3.78
C LYS A 52 -4.82 -9.57 -3.03
N ASP A 53 -4.92 -8.98 -1.83
CA ASP A 53 -6.19 -8.91 -1.06
C ASP A 53 -7.12 -7.83 -1.67
N PHE A 54 -6.52 -6.71 -2.11
CA PHE A 54 -7.24 -5.54 -2.67
C PHE A 54 -8.16 -5.96 -3.86
N GLN A 55 -7.57 -6.73 -4.78
CA GLN A 55 -8.28 -7.23 -5.98
C GLN A 55 -9.34 -8.31 -5.61
N THR A 56 -9.11 -9.02 -4.49
CA THR A 56 -10.11 -9.97 -3.93
C THR A 56 -11.35 -9.20 -3.42
N GLN A 57 -11.12 -8.01 -2.83
CA GLN A 57 -12.20 -7.12 -2.36
C GLN A 57 -12.85 -6.37 -3.54
N SER A 58 -12.16 -6.38 -4.70
CA SER A 58 -12.68 -5.81 -5.96
C SER A 58 -13.45 -6.87 -6.78
N LEU A 59 -13.36 -8.15 -6.35
CA LEU A 59 -14.01 -9.30 -7.02
C LEU A 59 -15.51 -9.44 -6.62
N THR A 60 -15.94 -8.63 -5.64
CA THR A 60 -17.29 -8.71 -5.04
C THR A 60 -18.07 -7.40 -5.26
N GLU A 61 -19.42 -7.55 -5.30
CA GLU A 61 -20.38 -6.46 -5.61
C GLU A 61 -20.50 -5.47 -4.43
N ASN A 62 -20.75 -6.00 -3.22
CA ASN A 62 -20.92 -5.18 -2.00
C ASN A 62 -19.52 -4.74 -1.48
N SER A 63 -18.92 -3.80 -2.22
CA SER A 63 -17.58 -3.27 -1.97
C SER A 63 -17.43 -1.96 -2.73
N ILE A 64 -16.65 -1.05 -2.15
CA ILE A 64 -16.27 0.24 -2.76
C ILE A 64 -15.35 0.05 -3.99
N LEU A 65 -14.72 -1.14 -4.08
CA LEU A 65 -13.78 -1.50 -5.15
C LEU A 65 -14.50 -2.22 -6.31
N ALA A 66 -15.85 -2.28 -6.28
CA ALA A 66 -16.66 -2.85 -7.39
C ALA A 66 -16.58 -1.95 -8.65
N GLN A 67 -16.26 -0.65 -8.44
CA GLN A 67 -15.99 0.31 -9.54
C GLN A 67 -14.58 0.09 -10.15
N PHE A 68 -13.75 -0.73 -9.48
CA PHE A 68 -12.39 -1.08 -9.94
C PHE A 68 -12.30 -2.57 -10.32
N ALA A 69 -13.47 -3.19 -10.61
CA ALA A 69 -13.58 -4.65 -10.89
C ALA A 69 -12.81 -5.08 -12.15
N GLY A 70 -12.61 -4.14 -13.10
CA GLY A 70 -11.84 -4.41 -14.34
C GLY A 70 -10.52 -3.64 -14.40
N GLU A 71 -10.18 -2.94 -13.30
CA GLU A 71 -8.97 -2.11 -13.19
C GLU A 71 -7.84 -2.91 -12.52
N ASP A 72 -6.59 -2.56 -12.86
CA ASP A 72 -5.37 -3.09 -12.20
C ASP A 72 -5.38 -2.63 -10.72
N PRO A 73 -5.25 -3.56 -9.72
CA PRO A 73 -5.37 -3.23 -8.26
C PRO A 73 -4.39 -2.12 -7.77
N VAL A 74 -3.17 -2.06 -8.33
CA VAL A 74 -2.15 -1.04 -7.92
C VAL A 74 -2.52 0.35 -8.49
N VAL A 75 -3.02 0.37 -9.75
CA VAL A 75 -3.48 1.61 -10.43
C VAL A 75 -4.76 2.14 -9.74
N ALA A 76 -5.64 1.21 -9.38
CA ALA A 76 -6.89 1.45 -8.65
C ALA A 76 -6.61 1.98 -7.25
N LEU A 77 -5.50 1.51 -6.66
CA LEU A 77 -5.06 1.88 -5.31
C LEU A 77 -4.85 3.41 -5.19
N GLU A 78 -4.04 3.99 -6.11
CA GLU A 78 -3.71 5.45 -6.11
C GLU A 78 -4.97 6.32 -6.30
N ALA A 79 -5.87 5.86 -7.20
CA ALA A 79 -7.16 6.52 -7.47
C ALA A 79 -8.05 6.53 -6.21
N ALA A 80 -8.06 5.38 -5.52
CA ALA A 80 -8.87 5.16 -4.31
C ALA A 80 -8.20 5.76 -3.04
N LEU A 81 -6.89 6.04 -3.13
CA LEU A 81 -6.13 6.78 -2.09
C LEU A 81 -6.58 8.25 -2.09
N GLN A 82 -6.67 8.79 -3.32
CA GLN A 82 -7.05 10.19 -3.56
C GLN A 82 -8.57 10.39 -3.37
N PHE A 83 -9.35 9.32 -3.59
CA PHE A 83 -10.81 9.34 -3.44
C PHE A 83 -11.18 9.17 -1.96
N GLU A 84 -11.78 10.23 -1.38
CA GLU A 84 -12.08 10.33 0.06
C GLU A 84 -13.11 9.29 0.52
N ASP A 85 -13.97 8.87 -0.41
CA ASP A 85 -15.00 7.83 -0.16
C ASP A 85 -14.34 6.48 0.14
N THR A 86 -13.29 6.15 -0.63
CA THR A 86 -12.64 4.83 -0.62
C THR A 86 -11.39 4.78 0.29
N ARG A 87 -10.82 5.96 0.64
CA ARG A 87 -9.57 6.05 1.46
C ARG A 87 -9.75 5.46 2.88
N GLU A 88 -11.01 5.37 3.34
CA GLU A 88 -11.38 4.79 4.65
C GLU A 88 -10.82 3.35 4.80
N SER A 89 -11.04 2.51 3.77
CA SER A 89 -10.72 1.06 3.81
C SER A 89 -9.21 0.81 3.72
N MET A 90 -8.44 1.85 3.31
CA MET A 90 -6.97 1.78 3.18
C MET A 90 -6.27 1.58 4.52
N HIS A 91 -7.01 1.84 5.63
CA HIS A 91 -6.52 1.58 7.01
C HIS A 91 -6.24 0.07 7.21
N ALA A 92 -6.99 -0.77 6.48
CA ALA A 92 -6.88 -2.23 6.54
C ALA A 92 -5.81 -2.76 5.57
N PHE A 93 -5.63 -2.07 4.42
CA PHE A 93 -4.63 -2.46 3.41
C PHE A 93 -3.22 -2.01 3.81
N CYS A 94 -3.14 -0.92 4.63
CA CYS A 94 -1.86 -0.37 5.07
C CYS A 94 -1.31 -1.21 6.23
N VAL A 95 -0.31 -2.04 5.91
CA VAL A 95 0.40 -2.90 6.87
C VAL A 95 1.24 -2.05 7.84
N GLY A 96 1.79 -0.95 7.31
CA GLY A 96 2.57 0.01 8.10
C GLY A 96 3.19 1.07 7.20
N GLN A 97 4.08 1.89 7.79
CA GLN A 97 4.86 2.89 7.05
C GLN A 97 6.17 2.23 6.59
N TYR A 98 6.55 2.46 5.34
CA TYR A 98 7.80 1.95 4.78
C TYR A 98 9.00 2.80 5.24
N LEU A 99 10.03 2.12 5.76
CA LEU A 99 11.35 2.71 5.99
C LEU A 99 12.30 2.17 4.92
N GLU A 100 12.82 3.08 4.08
CA GLU A 100 13.87 2.76 3.10
C GLU A 100 15.22 2.55 3.84
N PRO A 101 15.99 1.45 3.54
CA PRO A 101 17.24 1.09 4.28
C PRO A 101 18.29 2.24 4.30
N ASP A 102 18.49 2.92 3.16
CA ASP A 102 19.52 3.98 3.02
C ASP A 102 18.96 5.35 3.44
N GLN A 103 17.64 5.42 3.70
CA GLN A 103 16.96 6.63 4.23
C GLN A 103 17.24 6.79 5.74
N GLU A 104 17.64 5.67 6.39
CA GLU A 104 17.84 5.57 7.86
C GLU A 104 18.75 6.71 8.38
N GLY A 105 19.93 6.84 7.78
CA GLY A 105 20.93 7.84 8.17
C GLY A 105 20.49 9.27 7.87
N VAL A 106 20.78 9.75 6.65
CA VAL A 106 20.43 11.10 6.20
C VAL A 106 20.47 11.19 4.65
N THR A 107 19.42 11.76 4.06
CA THR A 107 19.35 12.04 2.61
C THR A 107 19.59 13.55 2.38
N ILE A 108 20.83 13.92 2.04
CA ILE A 108 21.19 15.30 1.70
C ILE A 108 20.58 15.67 0.32
N PRO A 109 19.76 16.78 0.23
CA PRO A 109 19.12 17.19 -1.05
C PRO A 109 20.12 17.83 -2.02
N ASP A 110 19.68 18.02 -3.28
CA ASP A 110 20.48 18.71 -4.33
C ASP A 110 20.46 20.23 -4.08
N LEU A 111 21.17 20.64 -3.02
CA LEU A 111 21.15 22.02 -2.49
C LEU A 111 21.81 23.02 -3.46
N GLY A 112 22.82 22.55 -4.22
CA GLY A 112 23.57 23.40 -5.16
C GLY A 112 24.17 22.57 -6.30
#